data_1MNT
#
_entry.id   1MNT
#
_cell.length_a   1.000
_cell.length_b   1.000
_cell.length_c   1.000
_cell.angle_alpha   90.00
_cell.angle_beta   90.00
_cell.angle_gamma   90.00
#
_symmetry.space_group_name_H-M   'P 1'
#
_entity_poly.entity_id   1
_entity_poly.type   'polypeptide(L)'
_entity_poly.pdbx_seq_one_letter_code
;ARDDPHFNFRMPMEVREKLKFRAEANGRSMNSELLQIVQDALSKPSPVTGYRNDAERLADEQSELVKKMVFDTLKD
;
_entity_poly.pdbx_strand_id   A,B
#
# COMPACT_ATOMS: atom_id res chain seq x y z
N ALA A 1 -1.54 13.43 22.26
CA ALA A 1 -2.26 12.13 22.15
C ALA A 1 -2.03 11.41 20.79
N ARG A 2 -1.85 10.07 20.84
CA ARG A 2 -1.55 9.26 19.62
C ARG A 2 -2.81 8.84 18.80
N ASP A 3 -3.36 9.79 18.03
CA ASP A 3 -4.16 9.47 16.81
C ASP A 3 -3.42 9.75 15.45
N ASP A 4 -2.07 9.77 15.42
CA ASP A 4 -1.28 9.49 14.20
C ASP A 4 0.13 8.90 14.53
N PRO A 5 0.34 7.56 14.70
CA PRO A 5 1.61 7.01 15.21
C PRO A 5 2.67 6.71 14.12
N HIS A 6 3.92 6.87 14.54
CA HIS A 6 5.11 6.52 13.74
C HIS A 6 5.35 4.98 13.62
N PHE A 7 5.78 4.52 12.44
CA PHE A 7 7.12 3.89 12.35
C PHE A 7 7.99 4.57 11.24
N ASN A 8 9.30 4.33 11.29
CA ASN A 8 10.17 4.53 10.11
C ASN A 8 9.93 3.37 9.07
N PHE A 9 8.99 3.54 8.11
CA PHE A 9 9.09 2.82 6.82
C PHE A 9 10.32 3.31 6.01
N ARG A 10 10.62 2.56 4.99
CA ARG A 10 11.94 1.89 4.86
C ARG A 10 11.76 0.78 3.80
N MET A 11 12.37 1.02 2.64
CA MET A 11 11.95 0.40 1.38
C MET A 11 13.22 0.12 0.51
N PRO A 12 13.55 -1.12 0.05
CA PRO A 12 14.47 -1.33 -1.11
C PRO A 12 14.24 -0.40 -2.34
N MET A 13 15.31 -0.06 -3.07
CA MET A 13 15.29 1.03 -4.08
C MET A 13 14.11 1.02 -5.12
N GLU A 14 13.74 -0.16 -5.63
CA GLU A 14 12.49 -0.37 -6.38
C GLU A 14 11.15 0.01 -5.69
N VAL A 15 10.83 -0.39 -4.45
CA VAL A 15 9.60 0.07 -3.71
C VAL A 15 9.59 1.60 -3.46
N ARG A 16 10.68 2.21 -2.99
CA ARG A 16 10.70 3.69 -2.81
C ARG A 16 10.90 4.53 -4.09
N GLU A 17 11.50 4.03 -5.19
CA GLU A 17 11.20 4.57 -6.54
C GLU A 17 9.76 4.27 -7.04
N LYS A 18 9.11 3.11 -6.84
CA LYS A 18 7.70 2.88 -7.30
C LYS A 18 6.56 3.45 -6.41
N LEU A 19 6.69 3.45 -5.07
CA LEU A 19 5.91 4.31 -4.15
C LEU A 19 6.16 5.85 -4.32
N LYS A 20 7.40 6.32 -4.55
CA LYS A 20 7.68 7.75 -4.81
C LYS A 20 7.60 8.24 -6.30
N PHE A 21 7.70 7.37 -7.34
CA PHE A 21 7.33 7.61 -8.80
C PHE A 21 6.02 7.03 -9.37
N ARG A 22 5.28 6.48 -8.45
CA ARG A 22 4.05 7.16 -8.00
C ARG A 22 4.37 8.40 -7.12
N ALA A 23 3.73 8.81 -6.04
CA ALA A 23 3.83 10.18 -5.43
C ALA A 23 3.92 11.46 -6.37
N GLU A 24 4.77 11.45 -7.35
CA GLU A 24 4.40 11.63 -8.79
C GLU A 24 5.03 10.69 -9.88
N ALA A 25 6.34 10.68 -10.15
CA ALA A 25 7.38 11.10 -9.17
C ALA A 25 7.76 12.46 -8.48
N ASN A 26 7.53 12.34 -7.18
CA ASN A 26 7.33 13.45 -6.23
C ASN A 26 6.79 14.91 -6.47
N GLY A 27 5.45 14.99 -6.61
CA GLY A 27 4.63 16.16 -6.20
C GLY A 27 3.71 15.98 -4.95
N ARG A 28 3.10 14.80 -4.74
CA ARG A 28 2.10 14.55 -3.68
C ARG A 28 2.69 13.48 -2.77
N SER A 29 3.09 13.85 -1.55
CA SER A 29 4.50 13.75 -1.09
C SER A 29 4.57 12.50 -0.20
N MET A 30 5.24 11.38 -0.52
CA MET A 30 4.77 10.02 -0.12
C MET A 30 4.08 9.80 1.27
N ASN A 31 4.49 10.35 2.41
CA ASN A 31 3.55 10.47 3.58
C ASN A 31 2.06 10.93 3.23
N SER A 32 1.88 12.04 2.49
CA SER A 32 0.79 12.20 1.49
C SER A 32 0.47 11.05 0.46
N GLU A 33 1.34 10.65 -0.51
CA GLU A 33 0.93 9.59 -1.49
C GLU A 33 0.79 8.14 -1.01
N LEU A 34 1.86 7.58 -0.39
CA LEU A 34 1.79 6.36 0.43
C LEU A 34 0.46 6.38 1.23
N LEU A 35 0.07 7.44 2.01
CA LEU A 35 -1.24 7.42 2.70
C LEU A 35 -2.46 7.35 1.78
N GLN A 36 -2.52 8.25 0.81
CA GLN A 36 -3.65 8.29 -0.13
C GLN A 36 -3.77 7.06 -1.10
N ILE A 37 -2.71 6.40 -1.64
CA ILE A 37 -2.84 4.96 -2.04
C ILE A 37 -3.16 3.97 -0.89
N VAL A 38 -2.56 3.99 0.29
CA VAL A 38 -2.71 2.98 1.39
C VAL A 38 -4.16 2.95 2.00
N GLN A 39 -4.71 4.14 2.32
CA GLN A 39 -6.16 4.45 2.41
C GLN A 39 -6.99 3.96 1.17
N ASP A 40 -6.55 4.24 -0.08
CA ASP A 40 -6.99 3.42 -1.26
C ASP A 40 -6.82 1.85 -1.19
N ALA A 41 -5.75 1.36 -0.54
CA ALA A 41 -5.25 -0.01 -0.71
C ALA A 41 -5.96 -1.05 0.18
N LEU A 42 -5.91 -0.81 1.50
CA LEU A 42 -6.82 -1.48 2.47
C LEU A 42 -8.23 -0.85 2.71
N SER A 43 -8.64 0.29 2.10
CA SER A 43 -10.04 0.80 2.23
C SER A 43 -10.68 1.40 0.94
N LYS A 44 -10.51 0.79 -0.24
CA LYS A 44 -11.64 0.68 -1.23
C LYS A 44 -12.07 -0.82 -1.47
N PRO A 45 -13.35 -1.15 -1.82
CA PRO A 45 -13.99 -0.68 -3.09
C PRO A 45 -14.85 0.62 -3.13
N SER A 46 -15.10 1.10 -4.36
CA SER A 46 -16.41 1.71 -4.74
C SER A 46 -17.17 0.73 -5.70
N PRO A 47 -18.40 0.19 -5.43
CA PRO A 47 -19.11 -0.75 -6.37
C PRO A 47 -19.25 -0.32 -7.88
N VAL A 48 -18.39 -0.91 -8.74
CA VAL A 48 -18.21 -0.55 -10.20
C VAL A 48 -19.43 0.11 -10.98
N THR A 49 -19.47 1.33 -11.51
CA THR A 49 -18.50 2.45 -11.29
C THR A 49 -17.04 2.24 -11.84
N GLY A 50 -16.08 2.90 -11.21
CA GLY A 50 -14.80 2.24 -10.85
C GLY A 50 -14.46 2.33 -9.33
N TYR A 51 -14.07 1.30 -8.56
CA TYR A 51 -14.02 -0.12 -9.00
C TYR A 51 -14.16 -1.12 -7.79
N ARG A 52 -14.28 -2.43 -8.10
CA ARG A 52 -14.05 -3.55 -7.11
C ARG A 52 -12.57 -4.12 -7.15
N ASN A 53 -12.26 -5.31 -6.61
CA ASN A 53 -10.85 -5.86 -6.60
C ASN A 53 -10.01 -5.24 -5.44
N ASP A 54 -8.74 -4.86 -5.68
CA ASP A 54 -7.58 -5.70 -5.24
C ASP A 54 -7.91 -7.15 -4.78
N ALA A 55 -8.36 -8.02 -5.71
CA ALA A 55 -9.22 -9.15 -5.36
C ALA A 55 -8.48 -10.42 -4.87
N GLU A 56 -8.14 -11.31 -5.78
CA GLU A 56 -6.92 -11.18 -6.62
C GLU A 56 -5.61 -10.51 -6.12
N ARG A 57 -5.65 -9.23 -5.81
CA ARG A 57 -4.48 -8.46 -5.34
C ARG A 57 -4.27 -8.44 -3.82
N LEU A 58 -5.29 -8.25 -2.99
CA LEU A 58 -5.19 -8.65 -1.56
C LEU A 58 -5.51 -10.20 -1.28
N ALA A 59 -5.87 -11.00 -2.33
CA ALA A 59 -5.40 -12.40 -2.44
C ALA A 59 -3.88 -12.63 -2.64
N ASP A 60 -3.13 -11.73 -3.29
CA ASP A 60 -1.66 -11.65 -3.01
C ASP A 60 -1.24 -11.21 -1.56
N GLU A 61 -2.14 -10.57 -0.80
CA GLU A 61 -2.05 -10.70 0.68
C GLU A 61 -2.08 -12.19 1.15
N GLN A 62 -3.05 -13.05 0.73
CA GLN A 62 -2.95 -14.49 0.99
C GLN A 62 -1.59 -15.11 0.54
N SER A 63 -1.24 -15.11 -0.75
CA SER A 63 0.16 -15.34 -1.25
C SER A 63 1.42 -15.10 -0.33
N GLU A 64 1.49 -13.91 0.23
CA GLU A 64 2.58 -13.47 1.13
C GLU A 64 2.42 -13.97 2.62
N LEU A 65 1.25 -14.53 3.00
CA LEU A 65 1.06 -15.54 4.07
C LEU A 65 0.85 -17.05 3.54
N VAL A 66 1.34 -17.40 2.33
CA VAL A 66 0.97 -18.66 1.56
C VAL A 66 2.21 -19.35 0.89
N ALA B 1 19.06 7.92 1.79
CA ALA B 1 20.15 6.94 1.56
C ALA B 1 20.37 6.41 0.11
N ARG B 2 19.33 6.37 -0.74
CA ARG B 2 19.44 6.02 -2.21
C ARG B 2 19.93 4.58 -2.59
N ASP B 3 19.48 3.60 -1.80
CA ASP B 3 19.53 2.15 -2.14
C ASP B 3 18.52 1.31 -1.29
N ASP B 4 18.41 1.61 0.00
CA ASP B 4 17.21 1.30 0.82
C ASP B 4 16.87 2.48 1.79
N PRO B 5 16.23 3.60 1.32
CA PRO B 5 15.87 4.75 2.18
C PRO B 5 14.74 4.54 3.22
N HIS B 6 15.01 5.07 4.42
CA HIS B 6 14.00 5.29 5.47
C HIS B 6 13.11 6.57 5.17
N PHE B 7 11.79 6.52 5.35
CA PHE B 7 11.00 7.72 5.73
C PHE B 7 9.96 7.41 6.85
N ASN B 8 9.52 8.46 7.58
CA ASN B 8 8.44 8.33 8.60
C ASN B 8 7.03 8.06 7.96
N PHE B 9 6.56 6.82 8.05
CA PHE B 9 5.14 6.46 7.91
C PHE B 9 4.68 5.76 9.20
N ARG B 10 3.93 6.32 10.14
CA ARG B 10 3.51 7.74 10.30
C ARG B 10 2.14 8.01 9.59
N MET B 11 1.06 7.76 10.33
CA MET B 11 -0.25 7.42 9.69
C MET B 11 -1.43 7.77 10.67
N PRO B 12 -2.51 8.56 10.33
CA PRO B 12 -3.73 8.71 11.17
C PRO B 12 -4.33 7.42 11.81
N MET B 13 -4.94 7.54 13.01
CA MET B 13 -5.21 6.36 13.89
C MET B 13 -5.79 5.06 13.24
N GLU B 14 -6.90 5.21 12.50
CA GLU B 14 -7.47 4.10 11.69
C GLU B 14 -6.58 3.52 10.55
N VAL B 15 -5.79 4.28 9.76
CA VAL B 15 -4.79 3.68 8.82
C VAL B 15 -3.74 2.84 9.56
N ARG B 16 -3.07 3.35 10.60
CA ARG B 16 -2.07 2.54 11.33
C ARG B 16 -2.62 1.42 12.24
N GLU B 17 -3.83 1.51 12.83
CA GLU B 17 -4.57 0.27 13.23
C GLU B 17 -4.94 -0.65 12.03
N LYS B 18 -5.53 -0.18 10.92
CA LYS B 18 -5.77 -1.03 9.72
C LYS B 18 -4.50 -1.67 9.08
N LEU B 19 -3.43 -0.93 8.81
CA LEU B 19 -2.13 -1.43 8.32
C LEU B 19 -1.35 -2.34 9.33
N LYS B 20 -1.42 -2.06 10.64
CA LYS B 20 -0.77 -2.84 11.70
C LYS B 20 -1.63 -4.04 12.24
N PHE B 21 -2.98 -3.98 12.26
CA PHE B 21 -3.85 -5.18 12.23
C PHE B 21 -3.60 -6.01 10.98
N ARG B 22 -3.97 -5.66 9.74
CA ARG B 22 -3.45 -6.35 8.51
C ARG B 22 -2.06 -7.09 8.63
N ALA B 23 -1.01 -6.43 9.15
CA ALA B 23 0.14 -7.12 9.80
C ALA B 23 -0.14 -8.14 10.97
N GLU B 24 -0.44 -7.67 12.19
CA GLU B 24 -0.70 -8.52 13.41
C GLU B 24 -2.02 -9.38 13.49
N ALA B 25 -3.16 -8.85 13.04
CA ALA B 25 -4.33 -9.64 12.54
C ALA B 25 -4.03 -10.91 11.67
N ASN B 26 -3.18 -10.77 10.62
CA ASN B 26 -3.19 -11.68 9.43
C ASN B 26 -1.87 -12.50 9.21
N GLY B 27 -0.67 -11.93 9.46
CA GLY B 27 0.62 -12.68 9.43
C GLY B 27 1.81 -12.07 8.65
N ARG B 28 1.94 -10.73 8.60
CA ARG B 28 3.16 -10.01 8.11
C ARG B 28 3.43 -8.94 9.24
N SER B 29 4.59 -8.30 9.34
CA SER B 29 4.96 -7.48 10.57
C SER B 29 5.38 -6.08 10.09
N MET B 30 4.60 -4.99 10.27
CA MET B 30 4.35 -4.01 9.16
C MET B 30 5.53 -3.56 8.25
N ASN B 31 6.75 -3.26 8.67
CA ASN B 31 7.88 -3.16 7.70
C ASN B 31 8.01 -4.40 6.70
N SER B 32 7.87 -5.66 7.17
CA SER B 32 7.18 -6.75 6.41
C SER B 32 5.75 -6.44 5.84
N GLU B 33 4.65 -6.35 6.60
CA GLU B 33 3.29 -6.24 5.95
C GLU B 33 2.93 -5.00 5.11
N LEU B 34 3.18 -3.78 5.63
CA LEU B 34 3.32 -2.56 4.82
C LEU B 34 4.17 -2.90 3.56
N LEU B 35 5.42 -3.43 3.59
CA LEU B 35 6.13 -3.73 2.31
C LEU B 35 5.45 -4.76 1.38
N GLN B 36 5.04 -5.90 1.92
CA GLN B 36 4.35 -6.95 1.14
C GLN B 36 2.93 -6.55 0.68
N ILE B 37 2.13 -5.77 1.42
CA ILE B 37 0.94 -5.08 0.85
C ILE B 37 1.25 -3.89 -0.12
N VAL B 38 2.38 -3.17 -0.02
CA VAL B 38 2.76 -1.95 -0.80
C VAL B 38 3.44 -2.34 -2.16
N GLN B 39 4.50 -3.19 -2.09
CA GLN B 39 4.94 -4.04 -3.22
C GLN B 39 3.78 -4.91 -3.81
N ASP B 40 2.84 -5.45 -3.01
CA ASP B 40 1.49 -5.78 -3.53
C ASP B 40 0.68 -4.64 -4.20
N ALA B 41 0.50 -3.54 -3.49
CA ALA B 41 -0.45 -2.48 -3.86
C ALA B 41 -0.14 -1.73 -5.19
N LEU B 42 1.12 -1.43 -5.44
CA LEU B 42 1.61 -0.88 -6.73
C LEU B 42 2.64 -1.72 -7.55
N SER B 43 3.12 -2.89 -7.08
CA SER B 43 3.81 -3.88 -7.98
C SER B 43 3.22 -5.32 -8.03
N LYS B 44 2.07 -5.64 -7.40
CA LYS B 44 1.14 -6.69 -7.90
C LYS B 44 1.61 -8.20 -7.77
N PRO B 45 2.09 -9.01 -8.77
CA PRO B 45 2.17 -10.50 -8.64
C PRO B 45 3.36 -11.11 -7.83
N SER B 46 3.00 -11.78 -6.72
CA SER B 46 3.59 -13.10 -6.38
C SER B 46 2.98 -14.23 -7.29
N PRO B 47 3.75 -15.08 -8.05
CA PRO B 47 3.20 -15.83 -9.20
C PRO B 47 2.27 -17.06 -8.88
N VAL B 48 0.94 -16.81 -8.89
CA VAL B 48 -0.09 -17.91 -8.81
C VAL B 48 -0.45 -18.54 -10.19
N THR B 49 -0.94 -17.93 -11.28
CA THR B 49 -1.33 -16.50 -11.40
C THR B 49 -2.76 -16.38 -12.06
N GLY B 50 -3.84 -16.48 -11.27
CA GLY B 50 -5.17 -15.93 -11.71
C GLY B 50 -5.46 -14.51 -11.20
N TYR B 51 -4.61 -13.58 -11.63
CA TYR B 51 -4.54 -12.22 -11.03
C TYR B 51 -4.47 -11.14 -12.17
N ARG B 52 -5.62 -10.70 -12.70
CA ARG B 52 -5.72 -9.41 -13.46
C ARG B 52 -7.06 -8.64 -13.15
N ASN B 53 -6.96 -7.36 -12.76
CA ASN B 53 -7.93 -6.73 -11.79
C ASN B 53 -7.74 -5.21 -11.45
N ASP B 54 -8.69 -4.72 -10.64
CA ASP B 54 -8.75 -3.39 -10.00
C ASP B 54 -8.11 -3.26 -8.57
N ALA B 55 -6.96 -3.88 -8.49
CA ALA B 55 -5.75 -3.10 -8.20
C ALA B 55 -5.23 -2.08 -9.31
N GLU B 56 -5.58 -2.27 -10.58
CA GLU B 56 -6.02 -1.16 -11.50
C GLU B 56 -7.15 -0.13 -11.03
N ARG B 57 -7.60 -0.22 -9.78
CA ARG B 57 -8.38 0.84 -9.07
C ARG B 57 -7.58 1.64 -8.04
N LEU B 58 -6.84 1.01 -7.09
CA LEU B 58 -5.90 1.88 -6.28
C LEU B 58 -4.86 2.70 -7.15
N ALA B 59 -4.50 2.22 -8.35
CA ALA B 59 -4.50 3.09 -9.57
C ALA B 59 -5.59 4.19 -9.79
N ASP B 60 -6.68 3.95 -10.54
CA ASP B 60 -7.50 5.07 -11.05
C ASP B 60 -8.47 5.74 -10.06
N GLU B 61 -8.61 5.25 -8.84
CA GLU B 61 -9.17 6.02 -7.73
C GLU B 61 -8.12 6.64 -6.76
N GLN B 62 -6.80 6.32 -6.65
CA GLN B 62 -5.89 7.29 -5.97
C GLN B 62 -5.41 8.47 -6.91
N SER B 63 -5.54 8.28 -8.24
CA SER B 63 -4.85 8.98 -9.37
C SER B 63 -5.71 9.33 -10.64
N GLU B 64 -6.95 8.84 -10.75
CA GLU B 64 -8.11 9.75 -10.86
C GLU B 64 -9.07 9.66 -9.61
N LEU B 65 -8.57 9.77 -8.37
CA LEU B 65 -9.17 10.78 -7.41
C LEU B 65 -8.19 11.93 -7.06
N VAL B 66 -7.04 11.62 -6.44
CA VAL B 66 -5.85 12.56 -6.41
C VAL B 66 -5.95 13.99 -5.75
N ALA A 1 -4.68 16.32 17.78
CA ALA A 1 -5.56 15.13 17.95
C ALA A 1 -4.93 13.85 18.59
N ARG A 2 -3.63 13.57 18.37
CA ARG A 2 -2.87 12.49 19.08
C ARG A 2 -3.41 11.02 18.98
N ASP A 3 -3.78 10.65 17.75
CA ASP A 3 -4.19 9.28 17.36
C ASP A 3 -3.58 8.98 15.96
N ASP A 4 -2.23 8.92 15.88
CA ASP A 4 -1.50 9.05 14.60
C ASP A 4 0.00 8.62 14.73
N PRO A 5 0.40 7.33 14.61
CA PRO A 5 1.73 6.86 15.10
C PRO A 5 2.80 6.80 13.98
N HIS A 6 4.00 7.27 14.36
CA HIS A 6 5.21 7.21 13.50
C HIS A 6 5.88 5.79 13.61
N PHE A 7 6.07 5.05 12.50
CA PHE A 7 7.06 3.94 12.45
C PHE A 7 8.07 4.11 11.26
N ASN A 8 9.23 3.46 11.38
CA ASN A 8 10.26 3.44 10.30
C ASN A 8 9.80 2.60 9.06
N PHE A 9 9.39 3.29 7.98
CA PHE A 9 9.29 2.72 6.64
C PHE A 9 10.13 3.60 5.70
N ARG A 10 11.32 3.28 5.22
CA ARG A 10 12.24 2.16 5.60
C ARG A 10 12.00 0.91 4.71
N MET A 11 12.67 0.90 3.54
CA MET A 11 12.17 0.13 2.37
C MET A 11 13.33 -0.21 1.37
N PRO A 12 13.49 -1.46 0.83
CA PRO A 12 14.40 -1.73 -0.33
C PRO A 12 14.30 -0.81 -1.59
N MET A 13 15.40 -0.76 -2.35
CA MET A 13 15.62 0.34 -3.32
C MET A 13 14.61 0.45 -4.49
N GLU A 14 14.18 -0.66 -5.11
CA GLU A 14 12.99 -0.64 -6.01
C GLU A 14 11.64 -0.23 -5.34
N VAL A 15 11.30 -0.61 -4.10
CA VAL A 15 10.04 -0.15 -3.41
C VAL A 15 9.91 1.36 -3.25
N ARG A 16 10.95 2.10 -2.86
CA ARG A 16 10.86 3.58 -2.87
C ARG A 16 11.81 4.38 -3.79
N GLU A 17 12.38 3.80 -4.84
CA GLU A 17 12.14 4.36 -6.19
C GLU A 17 10.66 4.22 -6.67
N LYS A 18 9.96 3.08 -6.53
CA LYS A 18 8.54 2.95 -6.94
C LYS A 18 7.52 3.83 -6.15
N LEU A 19 7.50 3.79 -4.82
CA LEU A 19 6.70 4.68 -3.95
C LEU A 19 7.16 6.17 -3.97
N LYS A 20 8.48 6.49 -4.07
CA LYS A 20 8.95 7.89 -4.13
C LYS A 20 8.98 8.51 -5.57
N PHE A 21 9.07 7.72 -6.67
CA PHE A 21 8.59 8.12 -8.01
C PHE A 21 7.07 8.27 -8.02
N ARG A 22 6.20 7.28 -7.90
CA ARG A 22 4.74 7.51 -7.60
C ARG A 22 4.39 8.86 -6.83
N ALA A 23 5.11 9.17 -5.73
CA ALA A 23 5.24 10.57 -5.22
C ALA A 23 5.82 11.66 -6.21
N GLU A 24 7.14 11.71 -6.45
CA GLU A 24 7.81 12.68 -7.40
C GLU A 24 7.38 12.66 -8.92
N ALA A 25 7.38 11.47 -9.54
CA ALA A 25 6.68 11.16 -10.82
C ALA A 25 5.23 11.78 -11.01
N ASN A 26 4.29 11.61 -10.03
CA ASN A 26 2.91 12.22 -10.10
C ASN A 26 2.80 13.71 -9.62
N GLY A 27 3.39 14.06 -8.47
CA GLY A 27 2.98 15.24 -7.64
C GLY A 27 2.42 14.98 -6.20
N ARG A 28 2.87 13.91 -5.52
CA ARG A 28 2.62 13.67 -4.07
C ARG A 28 4.02 13.60 -3.38
N SER A 29 4.10 13.73 -2.05
CA SER A 29 5.41 13.75 -1.33
C SER A 29 5.34 12.61 -0.31
N MET A 30 6.10 11.50 -0.38
CA MET A 30 5.55 10.16 0.00
C MET A 30 4.71 10.01 1.29
N ASN A 31 4.98 10.61 2.46
CA ASN A 31 3.94 10.66 3.52
C ASN A 31 2.50 11.14 3.03
N SER A 32 2.41 12.16 2.17
CA SER A 32 1.36 12.28 1.09
C SER A 32 1.16 11.13 0.04
N GLU A 33 2.09 10.70 -0.84
CA GLU A 33 1.79 9.56 -1.80
C GLU A 33 1.50 8.19 -1.15
N LEU A 34 2.48 7.67 -0.39
CA LEU A 34 2.35 6.49 0.48
C LEU A 34 0.99 6.58 1.21
N LEU A 35 0.60 7.66 1.96
CA LEU A 35 -0.75 7.69 2.56
C LEU A 35 -1.89 7.66 1.54
N GLN A 36 -1.88 8.52 0.53
CA GLN A 36 -2.89 8.48 -0.54
C GLN A 36 -3.05 7.11 -1.28
N ILE A 37 -2.00 6.36 -1.64
CA ILE A 37 -2.14 4.93 -2.07
C ILE A 37 -2.47 3.89 -0.95
N VAL A 38 -2.06 4.09 0.30
CA VAL A 38 -2.25 3.19 1.46
C VAL A 38 -3.71 3.35 2.04
N GLN A 39 -4.14 4.61 2.31
CA GLN A 39 -5.58 5.03 2.32
C GLN A 39 -6.38 4.57 1.07
N ASP A 40 -5.84 4.61 -0.16
CA ASP A 40 -6.31 3.70 -1.25
C ASP A 40 -6.35 2.21 -0.85
N ALA A 41 -5.18 1.65 -0.52
CA ALA A 41 -4.98 0.20 -0.28
C ALA A 41 -5.89 -0.54 0.74
N LEU A 42 -6.29 0.21 1.75
CA LEU A 42 -7.24 -0.19 2.81
C LEU A 42 -8.73 0.26 2.56
N SER A 43 -8.95 1.47 1.99
CA SER A 43 -10.31 2.03 1.75
C SER A 43 -11.02 1.78 0.37
N LYS A 44 -10.49 0.99 -0.58
CA LYS A 44 -11.36 0.17 -1.50
C LYS A 44 -12.05 0.86 -2.77
N PRO A 45 -13.38 1.17 -2.93
CA PRO A 45 -13.99 1.42 -4.28
C PRO A 45 -13.60 2.71 -5.05
N SER A 46 -13.35 2.51 -6.35
CA SER A 46 -13.69 3.52 -7.38
C SER A 46 -15.24 3.65 -7.62
N PRO A 47 -15.86 4.80 -8.01
CA PRO A 47 -17.27 4.82 -8.49
C PRO A 47 -17.43 4.25 -9.95
N VAL A 48 -17.48 2.90 -10.06
CA VAL A 48 -17.54 2.20 -11.39
C VAL A 48 -18.75 1.19 -11.42
N THR A 49 -18.81 -0.13 -11.18
CA THR A 49 -17.74 -1.06 -10.73
C THR A 49 -17.83 -2.45 -11.43
N GLY A 50 -17.22 -2.58 -12.63
CA GLY A 50 -16.54 -3.86 -13.02
C GLY A 50 -15.12 -4.13 -12.44
N TYR A 51 -14.37 -3.09 -12.03
CA TYR A 51 -13.41 -3.22 -10.91
C TYR A 51 -14.13 -3.69 -9.58
N ARG A 52 -13.81 -4.87 -9.02
CA ARG A 52 -14.31 -5.25 -7.65
C ARG A 52 -13.18 -5.82 -6.71
N ASN A 53 -12.53 -4.99 -5.84
CA ASN A 53 -11.25 -5.30 -5.15
C ASN A 53 -11.16 -6.68 -4.46
N ASP A 54 -10.25 -7.57 -4.82
CA ASP A 54 -9.05 -7.33 -5.68
C ASP A 54 -7.83 -6.46 -5.21
N ALA A 55 -7.90 -6.00 -3.96
CA ALA A 55 -6.81 -6.29 -2.99
C ALA A 55 -7.11 -7.14 -1.72
N GLU A 56 -8.25 -7.79 -1.69
CA GLU A 56 -8.43 -9.25 -2.01
C GLU A 56 -7.58 -10.02 -3.12
N ARG A 57 -6.84 -9.35 -4.00
CA ARG A 57 -5.84 -9.93 -4.96
C ARG A 57 -4.37 -9.48 -4.69
N LEU A 58 -4.07 -8.23 -4.27
CA LEU A 58 -2.86 -8.01 -3.38
C LEU A 58 -2.80 -8.94 -2.10
N ALA A 59 -3.96 -9.28 -1.49
CA ALA A 59 -4.15 -10.58 -0.80
C ALA A 59 -3.64 -11.79 -1.61
N ASP A 60 -4.34 -12.37 -2.60
CA ASP A 60 -3.86 -13.68 -3.15
C ASP A 60 -2.49 -13.71 -3.86
N GLU A 61 -1.87 -12.57 -4.17
CA GLU A 61 -0.43 -12.54 -4.49
C GLU A 61 0.46 -12.79 -3.24
N GLN A 62 0.39 -12.05 -2.12
CA GLN A 62 1.14 -12.50 -0.90
C GLN A 62 0.40 -13.58 -0.11
N SER A 63 -0.82 -13.29 0.31
CA SER A 63 -1.74 -14.31 0.86
C SER A 63 -2.06 -15.65 0.09
N GLU A 64 -1.71 -15.88 -1.21
CA GLU A 64 -1.44 -17.26 -1.71
C GLU A 64 0.07 -17.68 -1.71
N LEU A 65 1.05 -16.80 -2.02
CA LEU A 65 2.49 -17.20 -2.12
C LEU A 65 3.35 -17.08 -0.79
N VAL A 66 2.67 -16.89 0.35
CA VAL A 66 3.27 -16.80 1.73
C VAL A 66 3.77 -18.21 2.25
N ALA B 1 21.46 -4.88 -1.06
CA ALA B 1 22.22 -4.15 -0.03
C ALA B 1 23.37 -3.25 -0.59
N ARG B 2 23.83 -2.15 0.01
CA ARG B 2 23.21 -1.47 1.20
C ARG B 2 22.32 -0.26 0.77
N ASP B 3 21.21 -0.53 0.07
CA ASP B 3 20.25 0.52 -0.41
C ASP B 3 18.83 0.15 0.09
N ASP B 4 18.53 0.44 1.37
CA ASP B 4 17.17 0.31 1.93
C ASP B 4 16.83 1.47 2.92
N PRO B 5 16.48 2.70 2.47
CA PRO B 5 16.56 3.90 3.34
C PRO B 5 15.22 4.28 4.02
N HIS B 6 15.36 5.07 5.08
CA HIS B 6 14.24 5.53 5.92
C HIS B 6 13.42 6.68 5.27
N PHE B 7 12.10 6.65 5.44
CA PHE B 7 11.43 7.76 6.17
C PHE B 7 10.67 7.20 7.41
N ASN B 8 10.24 8.08 8.32
CA ASN B 8 9.21 7.69 9.33
C ASN B 8 7.80 7.86 8.68
N PHE B 9 7.23 6.79 8.10
CA PHE B 9 5.77 6.75 7.89
C PHE B 9 5.02 6.64 9.24
N ARG B 10 3.75 6.96 9.16
CA ARG B 10 3.11 7.97 10.04
C ARG B 10 1.64 8.10 9.57
N MET B 11 0.77 7.40 10.30
CA MET B 11 -0.59 7.06 9.80
C MET B 11 -1.69 7.60 10.76
N PRO B 12 -2.66 8.49 10.39
CA PRO B 12 -3.93 8.66 11.15
C PRO B 12 -4.65 7.35 11.60
N MET B 13 -5.38 7.37 12.73
CA MET B 13 -5.68 6.12 13.50
C MET B 13 -6.35 4.95 12.73
N GLU B 14 -7.34 5.21 11.85
CA GLU B 14 -7.85 4.18 10.91
C GLU B 14 -6.84 3.64 9.85
N VAL B 15 -5.94 4.43 9.22
CA VAL B 15 -4.86 3.88 8.33
C VAL B 15 -3.89 2.93 9.06
N ARG B 16 -3.38 3.30 10.25
CA ARG B 16 -2.55 2.36 11.02
C ARG B 16 -3.32 1.21 11.71
N GLU B 17 -4.50 1.38 12.30
CA GLU B 17 -5.34 0.19 12.60
C GLU B 17 -5.73 -0.68 11.36
N LYS B 18 -6.03 -0.12 10.18
CA LYS B 18 -6.19 -0.90 8.93
C LYS B 18 -4.88 -1.56 8.38
N LEU B 19 -3.76 -0.84 8.22
CA LEU B 19 -2.44 -1.41 7.82
C LEU B 19 -1.78 -2.34 8.90
N LYS B 20 -1.90 -2.03 10.20
CA LYS B 20 -1.34 -2.81 11.32
C LYS B 20 -2.29 -3.94 11.84
N PHE B 21 -3.64 -3.85 11.74
CA PHE B 21 -4.51 -5.07 11.73
C PHE B 21 -4.19 -5.94 10.51
N ARG B 22 -4.47 -5.63 9.24
CA ARG B 22 -3.85 -6.35 8.07
C ARG B 22 -2.49 -7.14 8.35
N ALA B 23 -1.48 -6.46 8.93
CA ALA B 23 -0.37 -7.10 9.68
C ALA B 23 -0.72 -8.09 10.88
N GLU B 24 -1.13 -7.57 12.05
CA GLU B 24 -1.49 -8.36 13.27
C GLU B 24 -2.79 -9.25 13.26
N ALA B 25 -3.88 -8.76 12.65
CA ALA B 25 -4.99 -9.58 12.09
C ALA B 25 -4.59 -10.92 11.37
N ASN B 26 -3.60 -10.87 10.43
CA ASN B 26 -3.36 -11.94 9.43
C ASN B 26 -2.02 -12.75 9.61
N GLY B 27 -0.86 -12.09 9.80
CA GLY B 27 0.43 -12.78 10.06
C GLY B 27 1.74 -12.10 9.55
N ARG B 28 1.91 -10.79 9.76
CA ARG B 28 3.02 -9.96 9.22
C ARG B 28 3.13 -8.72 10.16
N SER B 29 4.31 -8.10 10.28
CA SER B 29 4.54 -7.07 11.36
C SER B 29 4.89 -5.78 10.61
N MET B 30 4.06 -4.73 10.60
CA MET B 30 3.90 -3.86 9.39
C MET B 30 5.14 -3.47 8.53
N ASN B 31 6.32 -3.07 9.04
CA ASN B 31 7.54 -3.06 8.18
C ASN B 31 7.72 -4.35 7.26
N SER B 32 7.55 -5.57 7.81
CA SER B 32 6.95 -6.73 7.07
C SER B 32 5.59 -6.55 6.31
N GLU B 33 4.41 -6.35 6.94
CA GLU B 33 3.12 -6.25 6.16
C GLU B 33 2.97 -5.11 5.12
N LEU B 34 3.10 -3.85 5.60
CA LEU B 34 3.29 -2.64 4.76
C LEU B 34 4.26 -3.03 3.60
N LEU B 35 5.49 -3.58 3.81
CA LEU B 35 6.41 -3.81 2.66
C LEU B 35 5.92 -4.79 1.60
N GLN B 36 5.70 -6.05 1.98
CA GLN B 36 5.19 -7.05 1.02
C GLN B 36 3.77 -6.73 0.42
N ILE B 37 2.88 -5.94 1.06
CA ILE B 37 1.70 -5.34 0.36
C ILE B 37 1.99 -4.09 -0.53
N VAL B 38 2.95 -3.23 -0.19
CA VAL B 38 3.39 -2.01 -0.92
C VAL B 38 4.23 -2.39 -2.20
N GLN B 39 5.25 -3.26 -2.05
CA GLN B 39 5.72 -4.21 -3.11
C GLN B 39 4.56 -4.88 -3.94
N ASP B 40 3.53 -5.45 -3.29
CA ASP B 40 2.23 -5.73 -3.96
C ASP B 40 1.46 -4.53 -4.63
N ALA B 41 1.48 -3.37 -3.98
CA ALA B 41 0.76 -2.15 -4.40
C ALA B 41 1.33 -1.38 -5.64
N LEU B 42 2.66 -1.41 -5.75
CA LEU B 42 3.45 -0.83 -6.87
C LEU B 42 3.70 -1.83 -8.03
N SER B 43 4.11 -3.07 -7.73
CA SER B 43 4.28 -4.14 -8.75
C SER B 43 2.96 -4.71 -9.37
N LYS B 44 1.87 -4.86 -8.59
CA LYS B 44 0.56 -5.33 -9.10
C LYS B 44 0.60 -6.82 -9.66
N PRO B 45 0.16 -7.30 -10.87
CA PRO B 45 0.07 -8.76 -11.16
C PRO B 45 1.36 -9.49 -11.71
N SER B 46 1.92 -10.37 -10.87
CA SER B 46 2.29 -11.74 -11.31
C SER B 46 1.00 -12.65 -11.45
N PRO B 47 0.65 -13.32 -12.58
CA PRO B 47 -0.60 -14.13 -12.71
C PRO B 47 -0.88 -15.28 -11.68
N VAL B 48 -1.67 -14.96 -10.63
CA VAL B 48 -1.96 -15.94 -9.50
C VAL B 48 -3.41 -16.57 -9.43
N THR B 49 -4.35 -16.10 -10.23
CA THR B 49 -5.53 -15.37 -9.66
C THR B 49 -6.94 -15.95 -10.01
N GLY B 50 -7.86 -15.89 -9.03
CA GLY B 50 -9.34 -15.97 -9.33
C GLY B 50 -10.19 -14.68 -9.22
N TYR B 51 -9.60 -13.52 -9.50
CA TYR B 51 -10.23 -12.17 -9.29
C TYR B 51 -9.56 -10.96 -10.02
N ARG B 52 -8.22 -11.01 -10.14
CA ARG B 52 -7.36 -9.99 -10.85
C ARG B 52 -7.36 -8.56 -10.19
N ASN B 53 -6.23 -8.02 -9.65
CA ASN B 53 -6.18 -6.61 -9.17
C ASN B 53 -6.42 -5.63 -10.35
N ASP B 54 -7.46 -4.83 -10.44
CA ASP B 54 -8.44 -4.45 -9.37
C ASP B 54 -8.03 -3.98 -7.90
N ALA B 55 -6.74 -3.67 -7.78
CA ALA B 55 -6.24 -2.56 -6.93
C ALA B 55 -5.32 -1.48 -7.59
N GLU B 56 -5.00 -1.59 -8.86
CA GLU B 56 -5.82 -1.00 -9.97
C GLU B 56 -7.35 -0.49 -9.83
N ARG B 57 -8.20 -1.06 -8.97
CA ARG B 57 -9.43 -0.39 -8.45
C ARG B 57 -9.14 0.63 -7.36
N LEU B 58 -8.48 0.28 -6.23
CA LEU B 58 -8.15 1.37 -5.25
C LEU B 58 -7.15 2.48 -5.77
N ALA B 59 -6.24 2.15 -6.71
CA ALA B 59 -5.82 3.10 -7.79
C ALA B 59 -6.89 4.02 -8.39
N ASP B 60 -7.96 3.46 -9.00
CA ASP B 60 -9.09 4.29 -9.45
C ASP B 60 -10.09 4.75 -8.35
N GLU B 61 -9.89 4.43 -7.07
CA GLU B 61 -10.43 5.27 -5.97
C GLU B 61 -9.76 6.65 -6.01
N GLN B 62 -8.49 6.86 -5.59
CA GLN B 62 -8.00 8.26 -5.63
C GLN B 62 -7.79 8.79 -7.05
N SER B 63 -7.00 8.12 -7.86
CA SER B 63 -6.88 8.44 -9.31
C SER B 63 -7.92 7.80 -10.29
N GLU B 64 -9.22 7.72 -9.94
CA GLU B 64 -10.29 8.36 -10.77
C GLU B 64 -10.69 9.77 -10.21
N LEU B 65 -10.90 9.95 -8.88
CA LEU B 65 -11.31 11.26 -8.29
C LEU B 65 -10.30 12.46 -8.42
N VAL B 66 -8.99 12.20 -8.57
CA VAL B 66 -7.93 13.23 -8.82
C VAL B 66 -7.96 13.96 -10.23
N ALA A 1 -9.05 9.62 21.39
CA ALA A 1 -8.71 9.64 19.94
C ALA A 1 -7.56 8.69 19.49
N ARG A 2 -6.36 8.75 20.13
CA ARG A 2 -5.16 7.93 19.78
C ARG A 2 -4.72 7.78 18.28
N ASP A 3 -4.77 8.87 17.51
CA ASP A 3 -4.18 8.95 16.16
C ASP A 3 -3.09 10.05 16.28
N ASP A 4 -1.87 9.92 15.81
CA ASP A 4 -1.52 9.28 14.51
C ASP A 4 -0.06 8.68 14.54
N PRO A 5 0.19 7.38 14.86
CA PRO A 5 1.54 6.94 15.32
C PRO A 5 2.59 6.62 14.21
N HIS A 6 3.85 6.75 14.60
CA HIS A 6 5.01 6.61 13.69
C HIS A 6 5.50 5.13 13.53
N PHE A 7 5.81 4.72 12.29
CA PHE A 7 7.02 3.89 12.06
C PHE A 7 7.71 4.38 10.75
N ASN A 8 9.04 4.42 10.73
CA ASN A 8 9.78 4.92 9.54
C ASN A 8 9.75 3.86 8.38
N PHE A 9 8.88 4.03 7.35
CA PHE A 9 8.96 3.21 6.12
C PHE A 9 10.09 3.73 5.16
N ARG A 10 11.27 3.36 5.61
CA ARG A 10 12.29 2.70 4.77
C ARG A 10 11.84 1.52 3.87
N MET A 11 12.40 1.56 2.67
CA MET A 11 12.05 0.57 1.63
C MET A 11 13.29 0.28 0.70
N PRO A 12 13.63 -0.98 0.27
CA PRO A 12 14.64 -1.23 -0.80
C PRO A 12 14.60 -0.29 -2.03
N MET A 13 15.76 0.07 -2.60
CA MET A 13 15.85 1.18 -3.59
C MET A 13 14.77 1.27 -4.74
N GLU A 14 14.33 0.14 -5.31
CA GLU A 14 13.15 0.10 -6.20
C GLU A 14 11.78 0.51 -5.59
N VAL A 15 11.33 0.06 -4.41
CA VAL A 15 10.09 0.55 -3.73
C VAL A 15 10.21 2.02 -3.26
N ARG A 16 11.32 2.50 -2.66
CA ARG A 16 11.42 3.95 -2.32
C ARG A 16 11.77 4.92 -3.47
N GLU A 17 12.52 4.56 -4.53
CA GLU A 17 12.39 5.33 -5.80
C GLU A 17 11.00 5.15 -6.49
N LYS A 18 10.42 3.95 -6.61
CA LYS A 18 9.10 3.76 -7.25
C LYS A 18 7.86 4.22 -6.43
N LEU A 19 7.81 4.16 -5.09
CA LEU A 19 6.85 4.92 -4.25
C LEU A 19 7.09 6.47 -4.24
N LYS A 20 8.34 6.96 -4.13
CA LYS A 20 8.65 8.40 -4.06
C LYS A 20 8.60 9.14 -5.44
N PHE A 21 9.07 8.57 -6.57
CA PHE A 21 8.57 8.95 -7.92
C PHE A 21 7.05 8.80 -8.00
N ARG A 22 6.37 7.66 -8.15
CA ARG A 22 4.88 7.58 -8.14
C ARG A 22 4.10 8.68 -7.30
N ALA A 23 4.46 8.95 -6.03
CA ALA A 23 4.25 10.27 -5.37
C ALA A 23 4.65 11.62 -6.12
N GLU A 24 5.95 11.96 -6.15
CA GLU A 24 6.50 13.18 -6.83
C GLU A 24 6.38 13.29 -8.39
N ALA A 25 6.58 12.19 -9.12
CA ALA A 25 6.02 11.94 -10.48
C ALA A 25 4.55 12.42 -10.76
N ASN A 26 3.59 12.11 -9.86
CA ASN A 26 2.13 12.26 -10.14
C ASN A 26 1.42 13.46 -9.43
N GLY A 27 1.69 13.73 -8.15
CA GLY A 27 0.94 14.75 -7.34
C GLY A 27 0.41 14.37 -5.93
N ARG A 28 0.87 13.27 -5.29
CA ARG A 28 0.62 13.02 -3.83
C ARG A 28 2.08 12.93 -3.24
N SER A 29 2.41 13.39 -2.04
CA SER A 29 3.85 13.60 -1.63
C SER A 29 4.17 12.66 -0.46
N MET A 30 5.03 11.62 -0.58
CA MET A 30 4.73 10.25 -0.04
C MET A 30 4.06 10.11 1.37
N ASN A 31 4.44 10.77 2.47
CA ASN A 31 3.53 10.79 3.66
C ASN A 31 2.00 11.13 3.34
N SER A 32 1.72 12.13 2.48
CA SER A 32 0.57 12.08 1.50
C SER A 32 0.48 10.83 0.57
N GLU A 33 1.30 10.60 -0.47
CA GLU A 33 1.02 9.46 -1.42
C GLU A 33 1.16 8.02 -0.93
N LEU A 34 2.23 7.65 -0.21
CA LEU A 34 2.21 6.49 0.69
C LEU A 34 0.86 6.48 1.46
N LEU A 35 0.37 7.50 2.22
CA LEU A 35 -0.98 7.36 2.85
C LEU A 35 -2.18 7.19 1.90
N GLN A 36 -2.26 8.00 0.85
CA GLN A 36 -3.36 7.92 -0.15
C GLN A 36 -3.28 6.68 -1.05
N ILE A 37 -2.11 6.23 -1.55
CA ILE A 37 -1.95 4.85 -2.04
C ILE A 37 -2.18 3.72 -0.99
N VAL A 38 -1.90 3.87 0.32
CA VAL A 38 -1.97 2.80 1.36
C VAL A 38 -3.43 2.64 1.91
N GLN A 39 -4.06 3.77 2.35
CA GLN A 39 -5.54 3.94 2.39
C GLN A 39 -6.26 3.53 1.06
N ASP A 40 -5.71 3.88 -0.13
CA ASP A 40 -5.97 3.10 -1.37
C ASP A 40 -5.77 1.57 -1.29
N ALA A 41 -4.55 1.17 -0.92
CA ALA A 41 -4.02 -0.16 -1.24
C ALA A 41 -4.57 -1.35 -0.41
N LEU A 42 -4.90 -1.09 0.85
CA LEU A 42 -5.83 -1.93 1.65
C LEU A 42 -7.32 -1.50 1.75
N SER A 43 -7.73 -0.24 1.49
CA SER A 43 -9.15 0.19 1.72
C SER A 43 -9.78 1.10 0.62
N LYS A 44 -9.52 0.88 -0.68
CA LYS A 44 -10.44 1.41 -1.74
C LYS A 44 -11.06 0.28 -2.63
N PRO A 45 -12.40 0.21 -2.83
CA PRO A 45 -13.22 1.40 -3.23
C PRO A 45 -13.97 2.17 -2.10
N SER A 46 -14.58 3.30 -2.49
CA SER A 46 -15.75 3.86 -1.76
C SER A 46 -17.01 3.75 -2.71
N PRO A 47 -17.83 4.77 -3.10
CA PRO A 47 -18.78 4.64 -4.27
C PRO A 47 -18.15 4.52 -5.71
N VAL A 48 -17.48 3.39 -5.97
CA VAL A 48 -16.96 3.02 -7.33
C VAL A 48 -16.84 1.46 -7.45
N THR A 49 -17.76 0.84 -8.22
CA THR A 49 -17.68 -0.62 -8.53
C THR A 49 -17.64 -0.94 -10.08
N GLY A 50 -16.69 -0.29 -10.76
CA GLY A 50 -16.16 -0.74 -12.06
C GLY A 50 -14.88 0.05 -12.47
N TYR A 51 -13.66 -0.10 -11.94
CA TYR A 51 -13.27 -1.10 -10.90
C TYR A 51 -13.44 -2.62 -11.32
N ARG A 52 -13.46 -3.55 -10.36
CA ARG A 52 -13.46 -5.03 -10.57
C ARG A 52 -12.07 -5.65 -10.99
N ASN A 53 -11.70 -6.80 -10.39
CA ASN A 53 -10.30 -7.25 -10.05
C ASN A 53 -10.26 -7.47 -8.50
N ASP A 54 -9.57 -8.49 -8.04
CA ASP A 54 -8.19 -8.31 -7.51
C ASP A 54 -7.84 -7.34 -6.37
N ALA A 55 -8.85 -6.95 -5.60
CA ALA A 55 -8.82 -7.46 -4.20
C ALA A 55 -9.52 -8.81 -3.79
N GLU A 56 -9.77 -9.65 -4.82
CA GLU A 56 -9.06 -10.97 -5.01
C GLU A 56 -7.47 -11.08 -4.90
N ARG A 57 -6.67 -10.02 -5.01
CA ARG A 57 -5.22 -10.02 -4.70
C ARG A 57 -4.87 -9.45 -3.31
N LEU A 58 -5.69 -8.61 -2.69
CA LEU A 58 -5.80 -8.73 -1.20
C LEU A 58 -6.62 -10.03 -0.68
N ALA A 59 -7.20 -10.94 -1.53
CA ALA A 59 -7.08 -12.43 -1.29
C ALA A 59 -5.66 -13.02 -1.15
N ASP A 60 -4.68 -12.52 -1.89
CA ASP A 60 -3.28 -12.73 -1.46
C ASP A 60 -2.79 -12.04 -0.12
N GLU A 61 -3.55 -11.07 0.43
CA GLU A 61 -3.60 -10.97 1.94
C GLU A 61 -3.99 -12.34 2.62
N GLN A 62 -5.09 -12.98 2.21
CA GLN A 62 -5.34 -14.41 2.50
C GLN A 62 -4.23 -15.44 2.07
N SER A 63 -3.48 -15.39 0.93
CA SER A 63 -2.14 -16.10 0.72
C SER A 63 -1.20 -16.16 1.96
N GLU A 64 -1.02 -14.98 2.54
CA GLU A 64 -0.16 -14.82 3.74
C GLU A 64 -0.90 -14.94 5.12
N LEU A 65 -2.15 -15.44 5.11
CA LEU A 65 -2.74 -16.35 6.12
C LEU A 65 -2.59 -17.89 5.75
N VAL A 66 -3.01 -18.28 4.52
CA VAL A 66 -3.57 -19.64 4.14
C VAL A 66 -3.04 -20.95 4.82
N ALA B 1 25.72 4.41 2.12
CA ALA B 1 25.01 4.20 0.84
C ALA B 1 23.46 4.08 1.01
N ARG B 2 22.71 4.85 0.20
CA ARG B 2 21.24 4.74 0.16
C ARG B 2 20.73 3.66 -0.85
N ASP B 3 20.53 2.42 -0.38
CA ASP B 3 19.76 1.37 -1.11
C ASP B 3 18.66 0.63 -0.27
N ASP B 4 18.47 0.91 1.02
CA ASP B 4 17.12 1.00 1.63
C ASP B 4 16.99 2.25 2.58
N PRO B 5 16.94 3.51 2.06
CA PRO B 5 16.69 4.73 2.88
C PRO B 5 15.27 4.84 3.51
N HIS B 6 15.24 5.56 4.64
CA HIS B 6 14.01 5.91 5.38
C HIS B 6 13.16 7.04 4.72
N PHE B 7 11.85 7.04 5.00
CA PHE B 7 11.25 8.24 5.66
C PHE B 7 10.37 7.86 6.87
N ASN B 8 10.09 8.84 7.74
CA ASN B 8 9.02 8.74 8.76
C ASN B 8 7.57 8.55 8.19
N PHE B 9 7.08 7.31 8.01
CA PHE B 9 5.64 7.06 8.03
C PHE B 9 5.13 7.01 9.50
N ARG B 10 3.83 7.11 9.57
CA ARG B 10 3.12 8.15 10.36
C ARG B 10 1.67 8.17 9.79
N MET B 11 0.75 7.57 10.53
CA MET B 11 -0.54 7.08 9.95
C MET B 11 -1.73 7.38 10.92
N PRO B 12 -2.88 8.01 10.53
CA PRO B 12 -4.09 8.07 11.42
C PRO B 12 -4.66 6.66 11.79
N MET B 13 -5.33 6.59 12.96
CA MET B 13 -5.46 5.30 13.71
C MET B 13 -6.10 4.10 12.95
N GLU B 14 -7.11 4.34 12.11
CA GLU B 14 -7.58 3.34 11.13
C GLU B 14 -6.54 2.83 10.07
N VAL B 15 -5.70 3.64 9.41
CA VAL B 15 -4.61 3.13 8.51
C VAL B 15 -3.56 2.31 9.27
N ARG B 16 -3.05 2.75 10.44
CA ARG B 16 -2.08 1.93 11.19
C ARG B 16 -2.67 0.73 11.99
N GLU B 17 -3.93 0.73 12.46
CA GLU B 17 -4.61 -0.56 12.76
C GLU B 17 -4.92 -1.41 11.48
N LYS B 18 -5.44 -0.86 10.36
CA LYS B 18 -5.55 -1.61 9.08
C LYS B 18 -4.22 -2.17 8.51
N LEU B 19 -3.18 -1.34 8.30
CA LEU B 19 -1.84 -1.76 7.83
C LEU B 19 -1.06 -2.70 8.80
N LYS B 20 -1.19 -2.52 10.13
CA LYS B 20 -0.58 -3.37 11.15
C LYS B 20 -1.45 -4.62 11.56
N PHE B 21 -2.80 -4.65 11.38
CA PHE B 21 -3.58 -5.89 11.22
C PHE B 21 -3.19 -6.62 9.94
N ARG B 22 -3.50 -6.21 8.71
CA ARG B 22 -2.77 -6.65 7.47
C ARG B 22 -1.33 -7.28 7.71
N ALA B 23 -0.41 -6.61 8.45
CA ALA B 23 0.70 -7.29 9.20
C ALA B 23 0.37 -8.42 10.25
N GLU B 24 -0.07 -8.10 11.47
CA GLU B 24 -0.40 -9.07 12.57
C GLU B 24 -1.64 -10.02 12.42
N ALA B 25 -2.75 -9.55 11.82
CA ALA B 25 -3.76 -10.40 11.12
C ALA B 25 -3.20 -11.54 10.20
N ASN B 26 -2.24 -11.24 9.27
CA ASN B 26 -1.66 -12.28 8.37
C ASN B 26 -0.51 -13.13 9.02
N GLY B 27 0.52 -12.46 9.55
CA GLY B 27 1.91 -13.02 9.67
C GLY B 27 3.05 -12.32 8.88
N ARG B 28 2.90 -11.04 8.54
CA ARG B 28 3.98 -10.19 7.95
C ARG B 28 4.15 -9.02 9.00
N SER B 29 5.30 -8.34 9.10
CA SER B 29 5.60 -7.45 10.28
C SER B 29 5.89 -6.05 9.73
N MET B 30 5.03 -5.02 9.88
CA MET B 30 4.72 -4.05 8.78
C MET B 30 5.87 -3.55 7.88
N ASN B 31 7.06 -3.13 8.30
CA ASN B 31 8.18 -2.95 7.32
C ASN B 31 8.40 -4.19 6.33
N SER B 32 8.37 -5.44 6.83
CA SER B 32 7.83 -6.63 6.07
C SER B 32 6.39 -6.59 5.46
N GLU B 33 5.27 -6.46 6.20
CA GLU B 33 3.93 -6.45 5.53
C GLU B 33 3.52 -5.23 4.68
N LEU B 34 3.57 -4.00 5.23
CA LEU B 34 3.61 -2.75 4.46
C LEU B 34 4.47 -2.97 3.18
N LEU B 35 5.73 -3.49 3.20
CA LEU B 35 6.42 -3.79 1.92
C LEU B 35 5.77 -4.86 1.02
N GLN B 36 5.39 -6.01 1.58
CA GLN B 36 4.74 -7.09 0.79
C GLN B 36 3.30 -6.81 0.28
N ILE B 37 2.47 -6.01 0.97
CA ILE B 37 1.30 -5.35 0.34
C ILE B 37 1.66 -4.16 -0.58
N VAL B 38 2.69 -3.32 -0.36
CA VAL B 38 3.06 -2.11 -1.17
C VAL B 38 3.76 -2.48 -2.52
N GLN B 39 4.79 -3.36 -2.44
CA GLN B 39 5.24 -4.20 -3.56
C GLN B 39 4.10 -5.08 -4.17
N ASP B 40 3.14 -5.66 -3.39
CA ASP B 40 1.79 -5.99 -3.95
C ASP B 40 1.04 -4.84 -4.67
N ALA B 41 1.01 -3.66 -4.07
CA ALA B 41 0.05 -2.61 -4.39
C ALA B 41 0.40 -1.71 -5.60
N LEU B 42 1.59 -1.09 -5.61
CA LEU B 42 2.18 -0.57 -6.87
C LEU B 42 2.94 -1.58 -7.79
N SER B 43 3.50 -2.72 -7.31
CA SER B 43 4.24 -3.65 -8.22
C SER B 43 3.57 -5.03 -8.50
N LYS B 44 2.28 -5.28 -8.17
CA LYS B 44 1.53 -6.48 -8.65
C LYS B 44 2.04 -7.80 -7.98
N PRO B 45 2.92 -8.71 -8.52
CA PRO B 45 3.59 -9.74 -7.70
C PRO B 45 4.87 -9.27 -6.93
N SER B 46 4.75 -9.15 -5.60
CA SER B 46 5.87 -9.47 -4.68
C SER B 46 6.00 -11.04 -4.44
N PRO B 47 6.62 -11.61 -3.36
CA PRO B 47 6.34 -13.02 -2.92
C PRO B 47 4.88 -13.24 -2.41
N VAL B 48 3.96 -13.47 -3.36
CA VAL B 48 2.48 -13.49 -3.09
C VAL B 48 1.66 -14.71 -3.62
N THR B 49 1.78 -15.37 -4.76
CA THR B 49 2.78 -15.17 -5.85
C THR B 49 2.11 -15.08 -7.28
N GLY B 50 2.47 -14.06 -8.10
CA GLY B 50 2.15 -14.04 -9.57
C GLY B 50 0.70 -13.80 -10.00
N TYR B 51 0.22 -12.57 -9.79
CA TYR B 51 -1.22 -12.40 -9.39
C TYR B 51 -1.98 -11.14 -9.94
N ARG B 52 -1.45 -9.95 -9.67
CA ARG B 52 -1.99 -8.57 -10.05
C ARG B 52 -2.58 -7.64 -8.89
N ASN B 53 -3.51 -6.65 -9.12
CA ASN B 53 -3.86 -5.51 -8.18
C ASN B 53 -2.65 -4.55 -7.84
N ASP B 54 -2.71 -3.31 -7.36
CA ASP B 54 -3.86 -2.39 -7.30
C ASP B 54 -4.15 -1.84 -8.71
N ALA B 55 -5.08 -2.49 -9.40
CA ALA B 55 -5.14 -2.40 -10.86
C ALA B 55 -6.12 -1.30 -11.38
N GLU B 56 -7.37 -1.71 -11.59
CA GLU B 56 -8.52 -1.27 -10.74
C GLU B 56 -8.33 -0.24 -9.57
N ARG B 57 -7.48 -0.62 -8.65
CA ARG B 57 -7.32 0.07 -7.37
C ARG B 57 -6.33 1.29 -7.47
N LEU B 58 -5.36 1.27 -8.39
CA LEU B 58 -4.73 2.52 -8.89
C LEU B 58 -5.51 3.24 -10.08
N ALA B 59 -6.67 2.71 -10.55
CA ALA B 59 -7.86 3.57 -10.84
C ALA B 59 -8.40 4.45 -9.67
N ASP B 60 -8.47 3.94 -8.41
CA ASP B 60 -8.47 4.90 -7.26
C ASP B 60 -7.16 5.75 -6.97
N GLU B 61 -6.05 5.49 -7.68
CA GLU B 61 -5.06 6.59 -7.93
C GLU B 61 -5.69 7.80 -8.66
N GLN B 62 -6.37 7.61 -9.81
CA GLN B 62 -7.18 8.68 -10.41
C GLN B 62 -8.22 9.35 -9.44
N SER B 63 -9.05 8.63 -8.66
CA SER B 63 -9.76 9.18 -7.45
C SER B 63 -9.04 10.25 -6.56
N GLU B 64 -7.87 9.86 -6.06
CA GLU B 64 -7.07 10.70 -5.15
C GLU B 64 -6.28 11.86 -5.88
N LEU B 65 -6.42 11.99 -7.21
CA LEU B 65 -6.17 13.20 -8.03
C LEU B 65 -7.46 14.00 -8.46
N VAL B 66 -8.54 13.28 -8.84
CA VAL B 66 -9.77 13.84 -9.54
C VAL B 66 -10.32 15.23 -9.04
N ALA A 1 -5.03 14.97 22.33
CA ALA A 1 -4.52 13.61 22.03
C ALA A 1 -3.99 13.45 20.58
N ARG A 2 -2.77 12.89 20.45
CA ARG A 2 -2.31 12.29 19.16
C ARG A 2 -2.68 10.78 19.07
N ASP A 3 -3.74 10.47 18.31
CA ASP A 3 -3.97 9.09 17.80
C ASP A 3 -3.45 9.03 16.32
N ASP A 4 -2.11 9.12 16.16
CA ASP A 4 -1.44 9.06 14.83
C ASP A 4 0.07 8.65 14.94
N PRO A 5 0.45 7.36 15.17
CA PRO A 5 1.76 7.02 15.74
C PRO A 5 2.82 6.60 14.68
N HIS A 6 4.08 6.82 15.06
CA HIS A 6 5.26 6.45 14.26
C HIS A 6 5.53 4.91 14.22
N PHE A 7 5.89 4.40 13.04
CA PHE A 7 7.26 3.84 12.89
C PHE A 7 8.07 4.66 11.83
N ASN A 8 9.38 4.40 11.71
CA ASN A 8 10.12 4.82 10.51
C ASN A 8 10.02 3.67 9.46
N PHE A 9 9.04 3.74 8.53
CA PHE A 9 9.12 2.96 7.28
C PHE A 9 10.29 3.45 6.37
N ARG A 10 10.62 2.59 5.45
CA ARG A 10 11.99 2.00 5.40
C ARG A 10 11.94 0.88 4.33
N MET A 11 12.50 1.19 3.16
CA MET A 11 12.06 0.51 1.91
C MET A 11 13.28 0.18 1.00
N PRO A 12 13.58 -1.09 0.57
CA PRO A 12 14.50 -1.37 -0.56
C PRO A 12 14.34 -0.46 -1.81
N MET A 13 15.45 -0.11 -2.47
CA MET A 13 15.47 1.02 -3.45
C MET A 13 14.47 1.03 -4.65
N GLU A 14 14.02 -0.13 -5.15
CA GLU A 14 12.78 -0.21 -5.98
C GLU A 14 11.45 0.21 -5.28
N VAL A 15 11.08 -0.25 -4.06
CA VAL A 15 9.86 0.24 -3.33
C VAL A 15 9.90 1.76 -3.01
N ARG A 16 11.02 2.32 -2.55
CA ARG A 16 11.12 3.78 -2.33
C ARG A 16 11.42 4.65 -3.58
N GLU A 17 11.99 4.16 -4.70
CA GLU A 17 11.70 4.79 -6.02
C GLU A 17 10.24 4.62 -6.51
N LYS A 18 9.62 3.42 -6.47
CA LYS A 18 8.18 3.25 -6.79
C LYS A 18 7.20 4.10 -5.93
N LEU A 19 7.23 3.98 -4.59
CA LEU A 19 6.42 4.79 -3.66
C LEU A 19 6.77 6.32 -3.68
N LYS A 20 8.05 6.72 -3.79
CA LYS A 20 8.43 8.13 -3.90
C LYS A 20 8.29 8.74 -5.33
N PHE A 21 8.35 7.98 -6.44
CA PHE A 21 7.85 8.41 -7.78
C PHE A 21 6.33 8.49 -7.79
N ARG A 22 5.49 7.45 -7.77
CA ARG A 22 4.04 7.55 -7.34
C ARG A 22 3.63 8.88 -6.57
N ALA A 23 4.32 9.19 -5.46
CA ALA A 23 4.41 10.57 -4.91
C ALA A 23 4.95 11.73 -5.85
N GLU A 24 6.26 11.86 -6.05
CA GLU A 24 6.93 12.95 -6.83
C GLU A 24 6.85 12.93 -8.40
N ALA A 25 6.76 11.75 -9.04
CA ALA A 25 6.11 11.56 -10.36
C ALA A 25 4.74 12.31 -10.58
N ASN A 26 3.78 12.16 -9.63
CA ASN A 26 2.34 12.40 -9.92
C ASN A 26 1.71 13.64 -9.16
N GLY A 27 1.94 13.81 -7.85
CA GLY A 27 1.40 14.97 -7.07
C GLY A 27 1.17 14.82 -5.54
N ARG A 28 1.84 13.87 -4.87
CA ARG A 28 1.68 13.57 -3.42
C ARG A 28 3.15 13.48 -2.87
N SER A 29 3.40 13.55 -1.56
CA SER A 29 4.80 13.64 -1.03
C SER A 29 4.89 12.71 0.18
N MET A 30 5.70 11.63 0.15
CA MET A 30 5.16 10.28 0.45
C MET A 30 4.40 10.09 1.79
N ASN A 31 4.74 10.61 2.97
CA ASN A 31 3.76 10.64 4.10
C ASN A 31 2.29 11.12 3.71
N SER A 32 2.14 12.19 2.90
CA SER A 32 0.98 12.36 1.95
C SER A 32 0.69 11.27 0.86
N GLU A 33 1.59 10.89 -0.08
CA GLU A 33 1.28 9.79 -1.05
C GLU A 33 1.07 8.37 -0.48
N LEU A 34 2.11 7.81 0.16
CA LEU A 34 2.07 6.59 0.96
C LEU A 34 0.75 6.56 1.75
N LEU A 35 0.33 7.59 2.55
CA LEU A 35 -0.97 7.52 3.25
C LEU A 35 -2.19 7.46 2.34
N GLN A 36 -2.34 8.45 1.46
CA GLN A 36 -3.45 8.46 0.50
C GLN A 36 -3.50 7.21 -0.45
N ILE A 37 -2.38 6.56 -0.85
CA ILE A 37 -2.41 5.20 -1.47
C ILE A 37 -2.57 3.99 -0.48
N VAL A 38 -2.09 4.02 0.76
CA VAL A 38 -2.21 2.93 1.78
C VAL A 38 -3.63 2.92 2.42
N GLN A 39 -4.14 4.10 2.85
CA GLN A 39 -5.60 4.35 2.98
C GLN A 39 -6.39 4.00 1.69
N ASP A 40 -5.96 4.40 0.46
CA ASP A 40 -6.42 3.71 -0.79
C ASP A 40 -6.40 2.16 -0.69
N ALA A 41 -5.21 1.64 -0.34
CA ALA A 41 -4.88 0.24 -0.57
C ALA A 41 -5.47 -0.84 0.36
N LEU A 42 -5.96 -0.42 1.54
CA LEU A 42 -6.95 -1.20 2.31
C LEU A 42 -8.21 -0.44 2.83
N SER A 43 -8.64 0.65 2.18
CA SER A 43 -10.02 1.20 2.35
C SER A 43 -10.61 1.98 1.14
N LYS A 44 -9.94 3.00 0.57
CA LYS A 44 -10.41 4.42 0.85
C LYS A 44 -11.87 4.89 0.42
N PRO A 45 -12.96 4.93 1.26
CA PRO A 45 -14.28 5.52 0.86
C PRO A 45 -14.45 7.04 1.15
N SER A 46 -13.64 7.88 0.48
CA SER A 46 -13.47 9.30 0.89
C SER A 46 -13.09 10.32 -0.25
N PRO A 47 -14.02 10.83 -1.11
CA PRO A 47 -15.33 10.20 -1.43
C PRO A 47 -15.26 9.41 -2.79
N VAL A 48 -14.84 8.13 -2.75
CA VAL A 48 -14.24 7.44 -3.95
C VAL A 48 -14.42 5.89 -3.92
N THR A 49 -14.03 5.26 -2.80
CA THR A 49 -13.93 3.79 -2.62
C THR A 49 -12.52 3.29 -3.06
N GLY A 50 -11.83 2.56 -2.18
CA GLY A 50 -10.61 1.79 -2.54
C GLY A 50 -10.71 0.27 -2.31
N TYR A 51 -11.47 -0.58 -3.03
CA TYR A 51 -12.50 -0.18 -4.05
C TYR A 51 -13.91 -0.88 -3.90
N ARG A 52 -14.24 -1.34 -2.69
CA ARG A 52 -14.73 -2.76 -2.49
C ARG A 52 -13.73 -3.91 -2.96
N ASN A 53 -13.03 -3.74 -4.10
CA ASN A 53 -11.78 -4.44 -4.42
C ASN A 53 -10.54 -4.00 -3.52
N ASP A 54 -9.29 -4.11 -4.01
CA ASP A 54 -8.41 -5.25 -3.68
C ASP A 54 -8.81 -6.34 -4.68
N ALA A 55 -9.68 -7.30 -4.51
CA ALA A 55 -10.60 -7.44 -3.40
C ALA A 55 -10.05 -8.31 -2.23
N GLU A 56 -10.57 -9.46 -2.17
CA GLU A 56 -9.88 -10.65 -2.70
C GLU A 56 -8.54 -10.63 -3.57
N ARG A 57 -7.87 -9.50 -3.88
CA ARG A 57 -6.85 -9.36 -4.96
C ARG A 57 -5.69 -8.36 -4.78
N LEU A 58 -5.83 -7.33 -3.94
CA LEU A 58 -4.77 -7.15 -2.90
C LEU A 58 -4.69 -8.30 -1.81
N ALA A 59 -5.82 -8.98 -1.42
CA ALA A 59 -5.73 -10.32 -0.76
C ALA A 59 -4.81 -11.35 -1.45
N ASP A 60 -5.17 -11.71 -2.68
CA ASP A 60 -4.57 -12.87 -3.35
C ASP A 60 -3.44 -12.51 -4.34
N GLU A 61 -3.18 -11.23 -4.63
CA GLU A 61 -1.80 -10.85 -4.98
C GLU A 61 -0.84 -11.00 -3.77
N GLN A 62 -1.04 -10.44 -2.53
CA GLN A 62 -0.03 -10.70 -1.50
C GLN A 62 -0.11 -12.14 -0.98
N SER A 63 -1.20 -12.59 -0.35
CA SER A 63 -1.40 -14.02 -0.02
C SER A 63 -2.32 -14.85 -0.96
N GLU A 64 -1.98 -14.89 -2.27
CA GLU A 64 -1.31 -16.08 -2.82
C GLU A 64 0.25 -16.00 -2.68
N LEU A 65 0.95 -14.90 -3.07
CA LEU A 65 2.43 -14.93 -3.30
C LEU A 65 3.36 -14.60 -2.08
N VAL A 66 2.82 -14.88 -0.88
CA VAL A 66 3.56 -15.03 0.42
C VAL A 66 4.22 -16.46 0.58
N ALA B 1 23.43 5.76 -5.64
CA ALA B 1 22.89 5.54 -4.28
C ALA B 1 22.69 6.85 -3.45
N ARG B 2 21.68 7.05 -2.59
CA ARG B 2 20.47 6.18 -2.42
C ARG B 2 20.76 4.80 -1.73
N ASP B 3 20.02 3.74 -2.08
CA ASP B 3 20.06 2.41 -1.40
C ASP B 3 19.29 2.39 -0.04
N ASP B 4 18.08 1.80 -0.06
CA ASP B 4 17.29 1.45 1.14
C ASP B 4 17.03 2.52 2.28
N PRO B 5 16.10 3.52 2.14
CA PRO B 5 16.07 4.70 3.04
C PRO B 5 14.87 4.71 4.02
N HIS B 6 15.11 5.32 5.19
CA HIS B 6 14.07 5.54 6.24
C HIS B 6 13.25 6.86 5.99
N PHE B 7 11.91 6.85 6.12
CA PHE B 7 11.12 8.05 6.52
C PHE B 7 10.03 7.71 7.59
N ASN B 8 9.52 8.74 8.29
CA ASN B 8 8.36 8.61 9.21
C ASN B 8 7.00 8.18 8.54
N PHE B 9 6.61 6.92 8.69
CA PHE B 9 5.23 6.47 8.53
C PHE B 9 4.82 5.70 9.80
N ARG B 10 4.01 6.17 10.73
CA ARG B 10 3.50 7.56 10.91
C ARG B 10 2.13 7.71 10.20
N MET B 11 1.07 7.35 10.93
CA MET B 11 -0.24 7.02 10.32
C MET B 11 -1.41 7.41 11.29
N PRO B 12 -2.46 8.21 10.91
CA PRO B 12 -3.75 8.28 11.68
C PRO B 12 -4.32 6.93 12.17
N MET B 13 -4.88 6.90 13.39
CA MET B 13 -5.13 5.61 14.11
C MET B 13 -5.98 4.50 13.40
N GLU B 14 -6.93 4.83 12.50
CA GLU B 14 -7.50 3.84 11.55
C GLU B 14 -6.52 3.17 10.53
N VAL B 15 -5.65 3.91 9.81
CA VAL B 15 -4.57 3.34 8.95
C VAL B 15 -3.58 2.46 9.72
N ARG B 16 -3.02 2.93 10.85
CA ARG B 16 -2.14 2.07 11.65
C ARG B 16 -2.83 0.96 12.48
N GLU B 17 -4.10 1.03 12.92
CA GLU B 17 -4.82 -0.23 13.24
C GLU B 17 -5.04 -1.15 12.00
N LYS B 18 -5.51 -0.66 10.83
CA LYS B 18 -5.69 -1.53 9.64
C LYS B 18 -4.41 -2.11 8.96
N LEU B 19 -3.33 -1.32 8.84
CA LEU B 19 -1.98 -1.82 8.45
C LEU B 19 -1.26 -2.69 9.52
N LYS B 20 -1.41 -2.39 10.84
CA LYS B 20 -0.80 -3.16 11.93
C LYS B 20 -1.64 -4.40 12.41
N PHE B 21 -2.99 -4.41 12.35
CA PHE B 21 -3.80 -5.66 12.28
C PHE B 21 -3.44 -6.48 11.04
N ARG B 22 -3.70 -6.13 9.78
CA ARG B 22 -3.03 -6.78 8.61
C ARG B 22 -1.58 -7.42 8.87
N ALA B 23 -0.65 -6.68 9.53
CA ALA B 23 0.53 -7.29 10.19
C ALA B 23 0.34 -8.33 11.36
N GLU B 24 -0.27 -7.97 12.50
CA GLU B 24 -0.61 -8.89 13.63
C GLU B 24 -1.71 -9.98 13.37
N ALA B 25 -2.88 -9.57 12.84
CA ALA B 25 -3.90 -10.41 12.19
C ALA B 25 -3.39 -11.56 11.20
N ASN B 26 -2.44 -11.27 10.28
CA ASN B 26 -1.76 -12.33 9.46
C ASN B 26 -0.50 -13.04 10.08
N GLY B 27 0.40 -12.28 10.73
CA GLY B 27 1.80 -12.69 10.99
C GLY B 27 2.87 -12.13 10.03
N ARG B 28 2.98 -10.79 9.90
CA ARG B 28 4.01 -10.11 9.05
C ARG B 28 4.18 -8.70 9.63
N SER B 29 5.21 -8.42 10.42
CA SER B 29 5.17 -7.29 11.41
C SER B 29 5.45 -5.97 10.64
N MET B 30 4.72 -4.86 10.81
CA MET B 30 4.42 -3.95 9.64
C MET B 30 5.57 -3.52 8.70
N ASN B 31 6.79 -3.19 9.08
CA ASN B 31 7.89 -3.10 8.07
C ASN B 31 8.01 -4.33 7.08
N SER B 32 7.83 -5.58 7.57
CA SER B 32 7.19 -6.69 6.80
C SER B 32 5.75 -6.46 6.20
N GLU B 33 4.60 -6.39 6.91
CA GLU B 33 3.26 -6.21 6.22
C GLU B 33 3.11 -4.96 5.32
N LEU B 34 3.32 -3.75 5.87
CA LEU B 34 3.45 -2.49 5.13
C LEU B 34 4.28 -2.75 3.85
N LEU B 35 5.53 -3.29 3.89
CA LEU B 35 6.23 -3.61 2.63
C LEU B 35 5.53 -4.62 1.69
N GLN B 36 5.05 -5.71 2.26
CA GLN B 36 4.27 -6.72 1.52
C GLN B 36 3.01 -6.13 0.83
N ILE B 37 2.09 -5.47 1.54
CA ILE B 37 1.00 -4.70 0.89
C ILE B 37 1.42 -3.47 0.02
N VAL B 38 2.57 -2.82 0.23
CA VAL B 38 3.06 -1.59 -0.50
C VAL B 38 3.76 -1.96 -1.85
N GLN B 39 4.71 -2.94 -1.80
CA GLN B 39 5.07 -3.78 -2.97
C GLN B 39 3.82 -4.41 -3.66
N ASP B 40 2.85 -4.97 -2.91
CA ASP B 40 1.45 -5.15 -3.39
C ASP B 40 0.69 -3.90 -3.96
N ALA B 41 0.82 -2.74 -3.31
CA ALA B 41 -0.06 -1.57 -3.52
C ALA B 41 0.09 -0.89 -4.91
N LEU B 42 1.35 -0.67 -5.27
CA LEU B 42 1.76 -0.20 -6.62
C LEU B 42 2.32 -1.25 -7.63
N SER B 43 2.67 -2.51 -7.24
CA SER B 43 2.75 -3.63 -8.25
C SER B 43 1.37 -4.19 -8.72
N LYS B 44 0.34 -4.29 -7.85
CA LYS B 44 -1.05 -4.67 -8.25
C LYS B 44 -1.27 -6.14 -8.84
N PRO B 45 -2.51 -6.73 -8.95
CA PRO B 45 -2.68 -8.16 -9.36
C PRO B 45 -2.32 -8.55 -10.84
N SER B 46 -1.17 -9.24 -11.01
CA SER B 46 -0.83 -9.96 -12.27
C SER B 46 -0.98 -11.52 -12.11
N PRO B 47 -0.16 -12.35 -11.37
CA PRO B 47 -0.47 -13.80 -11.11
C PRO B 47 -1.55 -14.11 -10.02
N VAL B 48 -2.73 -13.53 -10.23
CA VAL B 48 -3.92 -13.63 -9.33
C VAL B 48 -4.99 -14.70 -9.78
N THR B 49 -5.21 -14.89 -11.10
CA THR B 49 -5.66 -16.19 -11.70
C THR B 49 -7.14 -16.63 -11.38
N GLY B 50 -8.10 -15.90 -11.98
CA GLY B 50 -9.57 -16.13 -11.79
C GLY B 50 -10.26 -14.93 -11.11
N TYR B 51 -9.84 -14.69 -9.88
CA TYR B 51 -9.77 -13.36 -9.22
C TYR B 51 -9.46 -12.04 -10.07
N ARG B 52 -10.37 -11.51 -10.91
CA ARG B 52 -10.02 -10.41 -11.88
C ARG B 52 -11.21 -9.42 -12.25
N ASN B 53 -11.30 -8.10 -11.96
CA ASN B 53 -10.51 -7.33 -10.98
C ASN B 53 -9.08 -6.86 -11.41
N ASP B 54 -8.52 -5.70 -11.01
CA ASP B 54 -9.17 -4.58 -10.22
C ASP B 54 -8.83 -4.27 -8.69
N ALA B 55 -7.62 -4.66 -8.30
CA ALA B 55 -6.64 -3.63 -7.87
C ALA B 55 -5.72 -2.96 -8.95
N GLU B 56 -5.98 -3.30 -10.23
CA GLU B 56 -6.29 -2.29 -11.30
C GLU B 56 -7.44 -1.23 -11.07
N ARG B 57 -8.24 -1.36 -10.00
CA ARG B 57 -9.09 -0.28 -9.48
C ARG B 57 -8.44 0.53 -8.34
N LEU B 58 -7.79 -0.05 -7.31
CA LEU B 58 -6.91 0.79 -6.39
C LEU B 58 -5.95 1.85 -7.05
N ALA B 59 -5.16 1.36 -7.99
CA ALA B 59 -5.00 2.04 -9.30
C ALA B 59 -5.95 3.17 -9.79
N ASP B 60 -7.11 2.96 -10.44
CA ASP B 60 -7.91 4.09 -10.96
C ASP B 60 -8.61 5.06 -9.96
N GLU B 61 -8.50 4.85 -8.62
CA GLU B 61 -8.28 6.02 -7.71
C GLU B 61 -6.96 6.69 -8.14
N GLN B 62 -5.75 6.40 -7.64
CA GLN B 62 -4.60 7.18 -8.18
C GLN B 62 -3.99 6.53 -9.43
N SER B 63 -4.52 6.88 -10.58
CA SER B 63 -4.34 8.27 -11.15
C SER B 63 -5.60 9.19 -11.54
N GLU B 64 -6.89 8.89 -11.25
CA GLU B 64 -7.83 8.63 -12.37
C GLU B 64 -7.75 7.11 -12.81
N LEU B 65 -6.53 6.54 -12.74
CA LEU B 65 -5.76 6.12 -13.98
C LEU B 65 -4.44 5.30 -13.87
N VAL B 66 -3.44 5.93 -13.24
CA VAL B 66 -1.98 5.64 -13.28
C VAL B 66 -1.24 5.40 -14.62
N ALA A 1 0.52 12.23 16.60
CA ALA A 1 -0.77 11.83 17.22
C ALA A 1 -1.15 12.64 18.50
N ARG A 2 -2.41 12.98 18.85
CA ARG A 2 -3.63 12.82 18.00
C ARG A 2 -4.11 11.33 17.83
N ASP A 3 -4.82 11.08 16.74
CA ASP A 3 -5.16 9.72 16.24
C ASP A 3 -4.43 9.52 14.86
N ASP A 4 -3.09 9.57 14.84
CA ASP A 4 -2.28 9.42 13.61
C ASP A 4 -0.78 9.06 13.89
N PRO A 5 -0.40 7.81 14.26
CA PRO A 5 0.89 7.55 14.95
C PRO A 5 2.02 7.04 14.03
N HIS A 6 3.24 7.28 14.47
CA HIS A 6 4.48 6.93 13.76
C HIS A 6 4.83 5.41 13.84
N PHE A 7 5.27 4.82 12.73
CA PHE A 7 6.65 4.27 12.70
C PHE A 7 7.52 5.03 11.65
N ASN A 8 8.84 4.86 11.75
CA ASN A 8 9.75 5.18 10.62
C ASN A 8 9.77 3.99 9.61
N PHE A 9 8.86 3.97 8.60
CA PHE A 9 9.08 3.17 7.38
C PHE A 9 10.29 3.73 6.58
N ARG A 10 10.72 2.94 5.63
CA ARG A 10 12.08 2.34 5.65
C ARG A 10 12.03 1.13 4.71
N MET A 11 12.71 1.25 3.57
CA MET A 11 12.51 0.24 2.48
C MET A 11 13.83 -0.54 2.12
N PRO A 12 13.87 -1.31 1.00
CA PRO A 12 15.04 -1.21 0.07
C PRO A 12 14.77 -0.29 -1.17
N MET A 13 15.89 0.13 -1.80
CA MET A 13 15.88 1.29 -2.74
C MET A 13 14.95 1.21 -4.00
N GLU A 14 14.72 0.03 -4.59
CA GLU A 14 13.61 -0.15 -5.58
C GLU A 14 12.16 0.09 -5.04
N VAL A 15 11.75 -0.38 -3.84
CA VAL A 15 10.41 -0.04 -3.25
C VAL A 15 10.22 1.47 -3.01
N ARG A 16 11.17 2.17 -2.39
CA ARG A 16 11.05 3.64 -2.27
C ARG A 16 11.27 4.43 -3.58
N GLU A 17 12.13 4.05 -4.55
CA GLU A 17 11.98 4.59 -5.93
C GLU A 17 10.61 4.25 -6.62
N LYS A 18 10.07 3.04 -6.50
CA LYS A 18 8.71 2.71 -6.99
C LYS A 18 7.55 3.46 -6.24
N LEU A 19 7.51 3.48 -4.90
CA LEU A 19 6.55 4.26 -4.08
C LEU A 19 6.74 5.83 -4.16
N LYS A 20 7.99 6.33 -4.22
CA LYS A 20 8.31 7.76 -4.29
C LYS A 20 8.38 8.31 -5.74
N PHE A 21 8.66 7.52 -6.81
CA PHE A 21 8.20 7.86 -8.19
C PHE A 21 6.67 7.81 -8.23
N ARG A 22 5.90 6.71 -8.24
CA ARG A 22 4.41 6.72 -7.97
C ARG A 22 3.84 8.07 -7.35
N ALA A 23 4.32 8.46 -6.16
CA ALA A 23 4.30 9.88 -5.64
C ALA A 23 4.85 11.05 -6.55
N GLU A 24 6.17 11.25 -6.64
CA GLU A 24 6.84 12.34 -7.44
C GLU A 24 6.76 12.29 -9.01
N ALA A 25 6.77 11.09 -9.61
CA ALA A 25 6.15 10.80 -10.92
C ALA A 25 4.76 11.51 -11.20
N ASN A 26 3.81 11.44 -10.24
CA ASN A 26 2.43 11.98 -10.40
C ASN A 26 2.17 13.44 -9.84
N GLY A 27 2.53 13.70 -8.57
CA GLY A 27 1.81 14.71 -7.73
C GLY A 27 1.38 14.36 -6.27
N ARG A 28 1.40 13.09 -5.80
CA ARG A 28 1.16 12.73 -4.37
C ARG A 28 2.57 12.74 -3.70
N SER A 29 2.70 13.03 -2.40
CA SER A 29 4.04 13.29 -1.77
C SER A 29 4.21 12.26 -0.65
N MET A 30 5.04 11.21 -0.78
CA MET A 30 4.68 9.85 -0.27
C MET A 30 3.93 9.68 1.08
N ASN A 31 4.23 10.34 2.19
CA ASN A 31 3.27 10.36 3.34
C ASN A 31 1.77 10.67 2.92
N SER A 32 1.51 11.69 2.08
CA SER A 32 0.44 11.66 1.03
C SER A 32 0.36 10.40 0.11
N GLU A 33 1.26 10.15 -0.87
CA GLU A 33 1.03 9.00 -1.81
C GLU A 33 1.03 7.56 -1.27
N LEU A 34 2.10 7.13 -0.57
CA LEU A 34 2.12 5.94 0.30
C LEU A 34 0.73 5.85 1.00
N LEU A 35 0.19 6.90 1.70
CA LEU A 35 -1.16 6.77 2.30
C LEU A 35 -2.32 6.56 1.30
N GLN A 36 -2.43 7.41 0.29
CA GLN A 36 -3.55 7.30 -0.69
C GLN A 36 -3.55 6.00 -1.52
N ILE A 37 -2.39 5.43 -1.91
CA ILE A 37 -2.36 4.01 -2.30
C ILE A 37 -2.49 3.01 -1.12
N VAL A 38 -1.88 3.10 0.06
CA VAL A 38 -1.96 2.10 1.20
C VAL A 38 -3.38 1.99 1.82
N GLN A 39 -4.00 3.16 2.18
CA GLN A 39 -5.46 3.28 2.34
C GLN A 39 -6.15 2.62 1.14
N ASP A 40 -5.90 3.03 -0.14
CA ASP A 40 -6.25 2.13 -1.29
C ASP A 40 -6.07 0.60 -1.12
N ALA A 41 -4.85 0.24 -0.78
CA ALA A 41 -4.24 -1.03 -1.18
C ALA A 41 -4.52 -2.26 -0.30
N LEU A 42 -4.93 -2.03 0.94
CA LEU A 42 -5.87 -2.97 1.63
C LEU A 42 -7.37 -2.62 1.61
N SER A 43 -7.79 -1.37 1.82
CA SER A 43 -9.23 -1.03 1.93
C SER A 43 -9.35 0.49 1.93
N LYS A 44 -9.34 1.14 0.74
CA LYS A 44 -9.63 2.65 0.74
C LYS A 44 -10.73 3.31 1.70
N PRO A 45 -11.98 2.81 1.96
CA PRO A 45 -13.07 3.66 2.52
C PRO A 45 -12.93 4.30 3.94
N SER A 46 -13.39 5.54 4.14
CA SER A 46 -14.64 6.07 3.47
C SER A 46 -14.51 6.75 2.06
N PRO A 47 -13.53 7.62 1.66
CA PRO A 47 -13.62 8.38 0.39
C PRO A 47 -13.55 7.55 -0.92
N VAL A 48 -14.65 7.17 -1.58
CA VAL A 48 -15.97 7.90 -1.64
C VAL A 48 -17.06 6.86 -2.07
N THR A 49 -16.94 6.37 -3.31
CA THR A 49 -17.59 5.13 -3.84
C THR A 49 -17.10 3.74 -3.31
N GLY A 50 -16.81 3.66 -2.03
CA GLY A 50 -15.74 2.77 -1.51
C GLY A 50 -14.43 3.57 -1.29
N TYR A 51 -13.27 3.40 -1.93
CA TYR A 51 -12.95 2.36 -2.94
C TYR A 51 -12.42 1.04 -2.26
N ARG A 52 -13.17 -0.08 -2.17
CA ARG A 52 -12.68 -1.31 -1.45
C ARG A 52 -11.72 -2.21 -2.32
N ASN A 53 -11.91 -3.53 -2.44
CA ASN A 53 -11.93 -4.28 -3.75
C ASN A 53 -10.60 -4.52 -4.52
N ASP A 54 -10.11 -5.79 -4.59
CA ASP A 54 -8.78 -6.16 -5.19
C ASP A 54 -7.44 -5.40 -4.87
N ALA A 55 -7.58 -4.48 -3.96
CA ALA A 55 -7.30 -4.75 -2.54
C ALA A 55 -7.04 -6.21 -1.95
N GLU A 56 -8.11 -7.00 -1.89
CA GLU A 56 -8.10 -8.49 -1.89
C GLU A 56 -7.31 -9.26 -3.04
N ARG A 57 -6.68 -8.55 -3.99
CA ARG A 57 -5.63 -9.08 -4.91
C ARG A 57 -4.20 -8.95 -4.35
N LEU A 58 -3.85 -7.82 -3.71
CA LEU A 58 -2.56 -7.67 -2.98
C LEU A 58 -2.43 -8.70 -1.80
N ALA A 59 -3.53 -8.84 -1.02
CA ALA A 59 -3.91 -10.14 -0.40
C ALA A 59 -3.67 -11.45 -1.19
N ASP A 60 -4.35 -11.72 -2.32
CA ASP A 60 -4.12 -13.01 -3.02
C ASP A 60 -2.85 -13.12 -3.90
N GLU A 61 -2.00 -12.09 -3.94
CA GLU A 61 -0.59 -12.21 -4.34
C GLU A 61 0.22 -12.88 -3.21
N GLN A 62 0.39 -12.30 -1.99
CA GLN A 62 1.11 -13.06 -0.95
C GLN A 62 0.26 -14.26 -0.44
N SER A 63 -0.92 -14.00 0.12
CA SER A 63 -1.89 -15.03 0.50
C SER A 63 -2.88 -15.51 -0.62
N GLU A 64 -2.39 -15.79 -1.85
CA GLU A 64 -2.35 -17.19 -2.36
C GLU A 64 -0.97 -17.90 -2.12
N LEU A 65 0.16 -17.30 -2.52
CA LEU A 65 1.47 -18.03 -2.64
C LEU A 65 2.14 -18.52 -1.30
N VAL A 66 1.76 -17.93 -0.15
CA VAL A 66 1.93 -18.52 1.23
C VAL A 66 1.81 -20.09 1.39
N ALA B 1 24.95 -0.27 5.24
CA ALA B 1 24.39 0.96 4.61
C ALA B 1 22.85 0.89 4.38
N ARG B 2 22.14 1.98 4.71
CA ARG B 2 20.70 2.13 4.39
C ARG B 2 20.46 2.59 2.91
N ASP B 3 20.37 1.64 1.97
CA ASP B 3 19.75 1.89 0.64
C ASP B 3 18.50 0.94 0.53
N ASP B 4 17.36 1.19 1.19
CA ASP B 4 16.76 2.53 1.30
C ASP B 4 16.99 3.14 2.72
N PRO B 5 17.03 4.47 2.84
CA PRO B 5 16.78 5.17 4.11
C PRO B 5 15.33 5.03 4.70
N HIS B 6 15.11 5.81 5.77
CA HIS B 6 13.82 5.91 6.48
C HIS B 6 12.97 7.13 5.98
N PHE B 7 11.62 7.05 5.93
CA PHE B 7 10.75 8.23 6.24
C PHE B 7 9.63 7.90 7.29
N ASN B 8 9.05 8.95 7.89
CA ASN B 8 7.85 8.82 8.77
C ASN B 8 6.55 8.30 8.07
N PHE B 9 6.22 7.02 8.28
CA PHE B 9 4.87 6.49 8.04
C PHE B 9 4.40 5.80 9.33
N ARG B 10 3.49 6.31 10.16
CA ARG B 10 2.92 7.68 10.22
C ARG B 10 1.60 7.73 9.41
N MET B 11 0.50 7.40 10.11
CA MET B 11 -0.75 6.97 9.44
C MET B 11 -2.00 7.39 10.29
N PRO B 12 -3.02 8.15 9.79
CA PRO B 12 -4.36 8.26 10.44
C PRO B 12 -4.96 6.96 11.03
N MET B 13 -5.66 7.06 12.18
CA MET B 13 -5.91 5.87 13.04
C MET B 13 -6.62 4.63 12.42
N GLU B 14 -7.54 4.81 11.44
CA GLU B 14 -7.96 3.69 10.56
C GLU B 14 -6.82 3.04 9.70
N VAL B 15 -5.99 3.76 8.93
CA VAL B 15 -4.86 3.16 8.13
C VAL B 15 -3.85 2.37 8.98
N ARG B 16 -3.41 2.90 10.12
CA ARG B 16 -2.54 2.12 11.02
C ARG B 16 -3.25 1.02 11.84
N GLU B 17 -4.49 1.11 12.32
CA GLU B 17 -5.22 -0.13 12.74
C GLU B 17 -5.49 -1.13 11.56
N LYS B 18 -5.83 -0.68 10.35
CA LYS B 18 -5.91 -1.54 9.16
C LYS B 18 -4.53 -2.18 8.76
N LEU B 19 -3.48 -1.41 8.44
CA LEU B 19 -2.11 -1.91 8.14
C LEU B 19 -1.42 -2.68 9.30
N LYS B 20 -1.60 -2.27 10.58
CA LYS B 20 -1.01 -2.91 11.76
C LYS B 20 -1.84 -4.10 12.32
N PHE B 21 -3.20 -4.16 12.21
CA PHE B 21 -3.94 -5.44 12.29
C PHE B 21 -3.58 -6.32 11.10
N ARG B 22 -4.02 -6.16 9.85
CA ARG B 22 -3.49 -6.92 8.67
C ARG B 22 -2.05 -7.56 8.84
N ALA B 23 -1.02 -6.78 9.24
CA ALA B 23 0.20 -7.28 9.94
C ALA B 23 0.03 -8.18 11.23
N GLU B 24 -0.22 -7.59 12.41
CA GLU B 24 -0.40 -8.31 13.72
C GLU B 24 -1.63 -9.27 13.90
N ALA B 25 -2.79 -8.94 13.33
CA ALA B 25 -3.85 -9.90 12.91
C ALA B 25 -3.33 -11.26 12.27
N ASN B 26 -2.42 -11.19 11.26
CA ASN B 26 -1.95 -12.38 10.48
C ASN B 26 -0.61 -13.05 10.96
N GLY B 27 0.44 -12.25 11.22
CA GLY B 27 1.85 -12.74 11.28
C GLY B 27 2.94 -12.02 10.45
N ARG B 28 2.70 -10.80 9.92
CA ARG B 28 3.73 -9.93 9.31
C ARG B 28 3.83 -8.70 10.28
N SER B 29 4.99 -8.05 10.42
CA SER B 29 5.21 -7.06 11.52
C SER B 29 5.48 -5.72 10.83
N MET B 30 4.60 -4.70 10.84
CA MET B 30 4.36 -3.85 9.65
C MET B 30 5.59 -3.39 8.79
N ASN B 31 6.75 -2.95 9.27
CA ASN B 31 7.95 -2.85 8.37
C ASN B 31 8.23 -4.14 7.46
N SER B 32 8.11 -5.36 8.00
CA SER B 32 7.60 -6.55 7.26
C SER B 32 6.21 -6.47 6.53
N GLU B 33 5.02 -6.36 7.17
CA GLU B 33 3.73 -6.30 6.38
C GLU B 33 3.54 -5.11 5.40
N LEU B 34 3.57 -3.86 5.91
CA LEU B 34 3.72 -2.63 5.10
C LEU B 34 4.68 -2.91 3.91
N LEU B 35 5.96 -3.38 4.08
CA LEU B 35 6.78 -3.68 2.87
C LEU B 35 6.24 -4.76 1.95
N GLN B 36 5.88 -5.90 2.51
CA GLN B 36 5.23 -6.98 1.77
C GLN B 36 3.92 -6.55 1.00
N ILE B 37 2.91 -5.89 1.60
CA ILE B 37 1.79 -5.27 0.83
C ILE B 37 2.20 -4.09 -0.11
N VAL B 38 3.22 -3.28 0.20
CA VAL B 38 3.70 -2.12 -0.61
C VAL B 38 4.47 -2.61 -1.89
N GLN B 39 5.39 -3.57 -1.73
CA GLN B 39 5.84 -4.50 -2.80
C GLN B 39 4.66 -5.24 -3.53
N ASP B 40 3.63 -5.75 -2.82
CA ASP B 40 2.28 -5.99 -3.42
C ASP B 40 1.60 -4.77 -4.14
N ALA B 41 1.69 -3.58 -3.55
CA ALA B 41 0.97 -2.36 -4.00
C ALA B 41 1.47 -1.75 -5.35
N LEU B 42 2.78 -1.78 -5.53
CA LEU B 42 3.50 -1.39 -6.78
C LEU B 42 3.60 -2.52 -7.85
N SER B 43 3.78 -3.80 -7.44
CA SER B 43 3.56 -4.97 -8.35
C SER B 43 2.10 -5.09 -8.91
N LYS B 44 1.10 -5.29 -8.02
CA LYS B 44 -0.35 -5.43 -8.33
C LYS B 44 -0.90 -6.91 -8.44
N PRO B 45 -0.64 -7.79 -9.46
CA PRO B 45 -1.46 -9.01 -9.68
C PRO B 45 -1.00 -10.30 -8.92
N SER B 46 -1.98 -11.05 -8.41
CA SER B 46 -2.21 -12.42 -8.96
C SER B 46 -3.15 -12.36 -10.22
N PRO B 47 -3.07 -13.23 -11.28
CA PRO B 47 -3.96 -13.14 -12.47
C PRO B 47 -5.45 -13.61 -12.24
N VAL B 48 -6.20 -12.81 -11.49
CA VAL B 48 -7.54 -13.16 -10.96
C VAL B 48 -8.22 -11.85 -10.44
N THR B 49 -9.39 -11.49 -11.02
CA THR B 49 -10.13 -10.24 -10.63
C THR B 49 -11.64 -10.51 -10.30
N GLY B 50 -11.91 -11.41 -9.35
CA GLY B 50 -13.29 -11.65 -8.82
C GLY B 50 -13.69 -10.98 -7.49
N TYR B 51 -13.23 -9.74 -7.23
CA TYR B 51 -13.41 -9.05 -5.93
C TYR B 51 -13.85 -7.53 -6.01
N ARG B 52 -14.29 -7.03 -7.18
CA ARG B 52 -14.95 -5.69 -7.43
C ARG B 52 -14.29 -4.35 -8.07
N ASN B 53 -13.07 -3.79 -8.23
CA ASN B 53 -11.73 -4.13 -7.63
C ASN B 53 -10.45 -3.25 -7.92
N ASP B 54 -9.15 -3.64 -7.75
CA ASP B 54 -7.98 -2.79 -8.15
C ASP B 54 -7.78 -2.48 -9.67
N ALA B 55 -8.62 -3.08 -10.50
CA ALA B 55 -9.67 -2.36 -11.20
C ALA B 55 -9.95 -0.83 -11.07
N GLU B 56 -11.21 -0.57 -10.86
CA GLU B 56 -11.76 0.64 -10.20
C GLU B 56 -11.00 1.26 -8.96
N ARG B 57 -10.25 0.46 -8.23
CA ARG B 57 -9.53 0.85 -6.99
C ARG B 57 -8.06 1.25 -7.34
N LEU B 58 -7.35 0.70 -8.36
CA LEU B 58 -6.19 1.46 -8.94
C LEU B 58 -6.53 2.46 -10.13
N ALA B 59 -7.82 2.54 -10.52
CA ALA B 59 -8.51 3.84 -10.72
C ALA B 59 -8.53 4.86 -9.55
N ASP B 60 -8.69 4.49 -8.25
CA ASP B 60 -8.22 5.41 -7.15
C ASP B 60 -6.71 5.83 -7.17
N GLU B 61 -5.84 4.98 -7.73
CA GLU B 61 -4.57 5.51 -8.28
C GLU B 61 -4.83 6.67 -9.31
N GLN B 62 -5.45 6.48 -10.49
CA GLN B 62 -5.58 7.57 -11.46
C GLN B 62 -6.36 8.81 -10.91
N SER B 63 -7.59 8.65 -10.41
CA SER B 63 -8.21 9.49 -9.33
C SER B 63 -7.44 10.55 -8.46
N GLU B 64 -6.49 10.07 -7.68
CA GLU B 64 -5.66 10.92 -6.81
C GLU B 64 -4.30 11.34 -7.51
N LEU B 65 -4.14 11.04 -8.82
CA LEU B 65 -3.43 11.86 -9.85
C LEU B 65 -4.44 12.59 -10.86
N VAL B 66 -5.72 12.82 -10.46
CA VAL B 66 -6.88 13.31 -11.28
C VAL B 66 -7.56 14.49 -10.49
N ALA A 1 -6.56 15.55 15.70
CA ALA A 1 -6.44 14.69 16.90
C ALA A 1 -5.14 13.82 16.93
N ARG A 2 -4.58 13.61 18.14
CA ARG A 2 -3.22 13.02 18.31
C ARG A 2 -3.19 11.45 18.28
N ASP A 3 -3.44 10.87 17.10
CA ASP A 3 -3.49 9.39 16.89
C ASP A 3 -3.02 9.06 15.43
N ASP A 4 -1.75 9.37 15.11
CA ASP A 4 -1.15 9.03 13.79
C ASP A 4 0.37 8.67 13.93
N PRO A 5 0.78 7.43 14.34
CA PRO A 5 2.14 7.19 14.88
C PRO A 5 3.10 6.58 13.84
N HIS A 6 4.38 6.98 13.96
CA HIS A 6 5.48 6.52 13.07
C HIS A 6 5.85 5.02 13.22
N PHE A 7 6.25 4.38 12.11
CA PHE A 7 7.46 3.49 12.17
C PHE A 7 8.38 3.64 10.94
N ASN A 8 9.66 3.23 11.05
CA ASN A 8 10.62 3.21 9.91
C ASN A 8 10.14 2.40 8.65
N PHE A 9 9.65 3.11 7.62
CA PHE A 9 9.43 2.57 6.28
C PHE A 9 10.07 3.55 5.31
N ARG A 10 11.22 3.35 4.71
CA ARG A 10 12.25 2.29 4.95
C ARG A 10 11.99 1.00 4.13
N MET A 11 12.17 1.14 2.81
CA MET A 11 11.66 0.16 1.81
C MET A 11 12.69 0.03 0.64
N PRO A 12 13.39 -1.10 0.31
CA PRO A 12 14.49 -1.17 -0.73
C PRO A 12 14.40 -0.27 -2.00
N MET A 13 15.55 0.26 -2.50
CA MET A 13 15.58 1.44 -3.42
C MET A 13 14.52 1.44 -4.60
N GLU A 14 14.28 0.28 -5.26
CA GLU A 14 13.13 0.11 -6.20
C GLU A 14 11.68 0.21 -5.60
N VAL A 15 11.33 -0.38 -4.43
CA VAL A 15 10.02 -0.11 -3.72
C VAL A 15 9.78 1.39 -3.43
N ARG A 16 10.80 2.09 -2.94
CA ARG A 16 10.69 3.54 -2.74
C ARG A 16 10.77 4.38 -4.02
N GLU A 17 11.65 4.16 -5.00
CA GLU A 17 11.42 4.76 -6.35
C GLU A 17 10.07 4.37 -7.04
N LYS A 18 9.52 3.18 -6.85
CA LYS A 18 8.11 2.85 -7.22
C LYS A 18 7.03 3.61 -6.39
N LEU A 19 7.04 3.54 -5.05
CA LEU A 19 6.10 4.29 -4.16
C LEU A 19 6.28 5.86 -4.17
N LYS A 20 7.52 6.35 -4.31
CA LYS A 20 7.92 7.75 -4.32
C LYS A 20 7.95 8.41 -5.72
N PHE A 21 8.20 7.69 -6.85
CA PHE A 21 7.68 8.11 -8.18
C PHE A 21 6.17 8.10 -8.16
N ARG A 22 5.39 7.02 -8.14
CA ARG A 22 3.90 7.06 -7.94
C ARG A 22 3.35 8.34 -7.16
N ALA A 23 3.88 8.63 -5.95
CA ALA A 23 3.88 10.01 -5.37
C ALA A 23 4.41 11.24 -6.22
N GLU A 24 5.74 11.43 -6.35
CA GLU A 24 6.38 12.57 -7.08
C GLU A 24 6.29 12.61 -8.65
N ALA A 25 6.29 11.46 -9.32
CA ALA A 25 5.65 11.26 -10.65
C ALA A 25 4.24 11.95 -10.87
N ASN A 26 3.29 11.78 -9.91
CA ASN A 26 1.87 12.23 -10.06
C ASN A 26 1.48 13.59 -9.40
N GLY A 27 1.96 13.90 -8.18
CA GLY A 27 1.47 15.05 -7.35
C GLY A 27 1.25 14.86 -5.81
N ARG A 28 1.62 13.74 -5.19
CA ARG A 28 1.57 13.54 -3.72
C ARG A 28 3.03 13.31 -3.20
N SER A 29 3.25 13.40 -1.89
CA SER A 29 4.63 13.25 -1.33
C SER A 29 4.52 12.10 -0.31
N MET A 30 5.20 10.96 -0.49
CA MET A 30 4.64 9.63 -0.10
C MET A 30 3.91 9.49 1.26
N ASN A 31 4.31 10.02 2.42
CA ASN A 31 3.36 10.07 3.58
C ASN A 31 1.91 10.62 3.24
N SER A 32 1.80 11.70 2.44
CA SER A 32 0.67 11.90 1.46
C SER A 32 0.31 10.78 0.42
N GLU A 33 1.15 10.38 -0.56
CA GLU A 33 0.70 9.33 -1.56
C GLU A 33 0.58 7.87 -1.07
N LEU A 34 1.65 7.33 -0.46
CA LEU A 34 1.59 6.13 0.37
C LEU A 34 0.27 6.16 1.22
N LEU A 35 -0.08 7.21 2.02
CA LEU A 35 -1.39 7.18 2.73
C LEU A 35 -2.61 7.17 1.81
N GLN A 36 -2.73 8.15 0.91
CA GLN A 36 -3.84 8.17 -0.06
C GLN A 36 -4.01 6.85 -0.90
N ILE A 37 -2.96 6.20 -1.43
CA ILE A 37 -3.08 4.85 -2.03
C ILE A 37 -3.38 3.71 -1.00
N VAL A 38 -2.77 3.66 0.19
CA VAL A 38 -2.94 2.61 1.23
C VAL A 38 -4.36 2.71 1.92
N GLN A 39 -4.78 3.94 2.31
CA GLN A 39 -6.21 4.32 2.50
C GLN A 39 -7.12 3.99 1.28
N ASP A 40 -6.69 4.25 0.02
CA ASP A 40 -7.22 3.50 -1.15
C ASP A 40 -7.30 1.96 -0.95
N ALA A 41 -6.16 1.37 -0.64
CA ALA A 41 -5.86 -0.04 -0.91
C ALA A 41 -6.36 -1.10 0.08
N LEU A 42 -6.28 -0.81 1.37
CA LEU A 42 -7.10 -1.50 2.40
C LEU A 42 -8.35 -0.75 2.96
N SER A 43 -8.73 0.49 2.56
CA SER A 43 -9.95 1.14 3.12
C SER A 43 -11.03 1.67 2.13
N LYS A 44 -10.87 1.72 0.79
CA LYS A 44 -11.84 2.50 -0.05
C LYS A 44 -13.08 1.74 -0.69
N PRO A 45 -12.99 0.60 -1.44
CA PRO A 45 -14.07 0.20 -2.40
C PRO A 45 -15.25 -0.69 -1.88
N SER A 46 -16.47 -0.56 -2.41
CA SER A 46 -16.73 -0.52 -3.88
C SER A 46 -16.34 0.80 -4.60
N PRO A 47 -15.56 0.84 -5.72
CA PRO A 47 -14.98 2.10 -6.23
C PRO A 47 -15.99 3.03 -6.98
N VAL A 48 -16.26 2.51 -8.15
CA VAL A 48 -17.39 2.94 -9.06
C VAL A 48 -17.64 1.79 -10.09
N THR A 49 -16.67 1.60 -10.97
CA THR A 49 -16.66 0.58 -12.07
C THR A 49 -16.28 -0.90 -11.73
N GLY A 50 -16.50 -1.33 -10.49
CA GLY A 50 -15.95 -2.63 -9.96
C GLY A 50 -14.40 -2.76 -9.77
N TYR A 51 -13.63 -2.40 -10.79
CA TYR A 51 -12.14 -2.49 -10.85
C TYR A 51 -11.43 -3.85 -11.12
N ARG A 52 -11.99 -4.94 -10.61
CA ARG A 52 -11.40 -6.33 -10.54
C ARG A 52 -11.06 -6.87 -9.09
N ASN A 53 -10.24 -6.35 -8.15
CA ASN A 53 -9.83 -4.94 -8.08
C ASN A 53 -8.57 -4.49 -8.88
N ASP A 54 -7.30 -4.88 -8.85
CA ASP A 54 -6.69 -5.98 -8.09
C ASP A 54 -6.13 -5.58 -6.70
N ALA A 55 -6.97 -5.08 -5.84
CA ALA A 55 -7.10 -5.69 -4.48
C ALA A 55 -7.87 -7.08 -4.31
N GLU A 56 -8.42 -7.64 -5.39
CA GLU A 56 -8.18 -9.07 -5.78
C GLU A 56 -6.67 -9.54 -5.90
N ARG A 57 -5.75 -8.64 -6.19
CA ARG A 57 -4.30 -8.84 -5.87
C ARG A 57 -3.91 -8.56 -4.38
N LEU A 58 -4.75 -7.92 -3.58
CA LEU A 58 -4.88 -8.26 -2.12
C LEU A 58 -5.67 -9.62 -1.78
N ALA A 59 -6.11 -10.43 -2.76
CA ALA A 59 -5.96 -11.93 -2.74
C ALA A 59 -4.54 -12.56 -2.95
N ASP A 60 -3.54 -11.83 -3.40
CA ASP A 60 -2.16 -12.01 -2.77
C ASP A 60 -1.98 -11.60 -1.28
N GLU A 61 -2.79 -10.67 -0.79
CA GLU A 61 -3.10 -10.75 0.67
C GLU A 61 -3.77 -12.10 1.10
N GLN A 62 -4.43 -12.91 0.25
CA GLN A 62 -4.52 -14.39 0.44
C GLN A 62 -3.17 -15.15 0.26
N SER A 63 -2.20 -14.88 -0.61
CA SER A 63 -0.83 -15.55 -0.51
C SER A 63 -0.18 -15.69 0.92
N GLU A 64 -0.12 -14.54 1.56
CA GLU A 64 -0.50 -14.31 2.96
C GLU A 64 -1.69 -15.20 3.53
N LEU A 65 -2.95 -14.74 3.71
CA LEU A 65 -4.05 -15.53 4.38
C LEU A 65 -4.75 -16.70 3.57
N VAL A 66 -3.96 -17.59 2.95
CA VAL A 66 -4.42 -18.84 2.25
C VAL A 66 -4.41 -20.00 3.31
N ALA B 1 19.01 10.59 -4.13
CA ALA B 1 19.89 9.40 -4.01
C ALA B 1 19.20 8.07 -4.43
N ARG B 2 19.88 7.27 -5.27
CA ARG B 2 19.44 5.88 -5.58
C ARG B 2 20.17 4.86 -4.65
N ASP B 3 19.66 4.69 -3.41
CA ASP B 3 20.19 3.73 -2.41
C ASP B 3 19.28 3.51 -1.15
N ASP B 4 18.65 4.57 -0.63
CA ASP B 4 17.75 4.48 0.54
C ASP B 4 16.21 4.70 0.23
N PRO B 5 15.35 3.67 0.40
CA PRO B 5 14.69 3.45 1.71
C PRO B 5 13.89 4.50 2.51
N HIS B 6 14.61 5.30 3.28
CA HIS B 6 14.07 5.86 4.54
C HIS B 6 13.04 7.03 4.37
N PHE B 7 11.78 6.78 4.72
CA PHE B 7 11.06 7.70 5.65
C PHE B 7 10.58 6.89 6.89
N ASN B 8 9.69 7.48 7.69
CA ASN B 8 8.95 6.71 8.71
C ASN B 8 7.44 6.76 8.33
N PHE B 9 6.81 5.68 7.80
CA PHE B 9 5.35 5.71 7.52
C PHE B 9 4.46 5.67 8.83
N ARG B 10 4.20 6.92 9.17
CA ARG B 10 3.22 7.37 10.18
C ARG B 10 1.79 7.42 9.59
N MET B 11 0.87 6.81 10.32
CA MET B 11 -0.45 6.46 9.73
C MET B 11 -1.63 6.79 10.70
N PRO B 12 -2.65 7.65 10.36
CA PRO B 12 -3.90 7.81 11.16
C PRO B 12 -4.54 6.51 11.68
N MET B 13 -5.14 6.56 12.87
CA MET B 13 -5.21 5.34 13.74
C MET B 13 -5.97 4.10 13.17
N GLU B 14 -7.02 4.33 12.39
CA GLU B 14 -7.57 3.32 11.47
C GLU B 14 -6.63 2.74 10.36
N VAL B 15 -5.90 3.51 9.54
CA VAL B 15 -4.89 2.98 8.54
C VAL B 15 -3.78 2.14 9.19
N ARG B 16 -3.15 2.61 10.28
CA ARG B 16 -2.20 1.79 11.02
C ARG B 16 -2.82 0.63 11.83
N GLU B 17 -3.98 0.72 12.49
CA GLU B 17 -4.68 -0.54 12.90
C GLU B 17 -5.08 -1.47 11.70
N LYS B 18 -5.48 -0.96 10.52
CA LYS B 18 -5.64 -1.78 9.30
C LYS B 18 -4.33 -2.37 8.69
N LEU B 19 -3.25 -1.60 8.49
CA LEU B 19 -1.91 -2.08 8.06
C LEU B 19 -1.12 -2.91 9.13
N LYS B 20 -1.23 -2.55 10.42
CA LYS B 20 -0.59 -3.22 11.56
C LYS B 20 -1.43 -4.38 12.15
N PHE B 21 -2.79 -4.41 12.10
CA PHE B 21 -3.55 -5.68 12.18
C PHE B 21 -3.22 -6.56 10.97
N ARG B 22 -3.60 -6.38 9.70
CA ARG B 22 -2.96 -7.08 8.53
C ARG B 22 -1.58 -7.81 8.82
N ALA B 23 -0.56 -7.04 9.25
CA ALA B 23 0.65 -7.56 9.95
C ALA B 23 0.47 -8.42 11.28
N GLU B 24 0.15 -7.81 12.43
CA GLU B 24 -0.05 -8.48 13.76
C GLU B 24 -1.29 -9.42 13.95
N ALA B 25 -2.44 -9.12 13.33
CA ALA B 25 -3.46 -10.11 12.92
C ALA B 25 -2.90 -11.48 12.37
N ASN B 26 -1.92 -11.43 11.44
CA ASN B 26 -1.40 -12.63 10.74
C ASN B 26 -0.07 -13.28 11.29
N GLY B 27 0.99 -12.47 11.48
CA GLY B 27 2.41 -12.96 11.38
C GLY B 27 3.35 -12.36 10.28
N ARG B 28 3.09 -11.14 9.77
CA ARG B 28 4.09 -10.27 9.09
C ARG B 28 4.25 -9.06 10.08
N SER B 29 5.43 -8.43 10.19
CA SER B 29 5.66 -7.37 11.24
C SER B 29 5.85 -6.06 10.46
N MET B 30 4.95 -5.04 10.51
CA MET B 30 4.67 -4.19 9.31
C MET B 30 5.86 -3.74 8.40
N ASN B 31 7.03 -3.27 8.83
CA ASN B 31 8.19 -3.21 7.89
C ASN B 31 8.43 -4.49 6.98
N SER B 32 8.34 -5.71 7.55
CA SER B 32 7.87 -6.93 6.83
C SER B 32 6.44 -6.97 6.16
N GLU B 33 5.29 -6.80 6.84
CA GLU B 33 3.96 -6.79 6.11
C GLU B 33 3.72 -5.59 5.16
N LEU B 34 3.70 -4.32 5.66
CA LEU B 34 3.82 -3.08 4.87
C LEU B 34 4.74 -3.35 3.65
N LEU B 35 6.00 -3.87 3.76
CA LEU B 35 6.78 -4.17 2.53
C LEU B 35 6.17 -5.22 1.62
N GLN B 36 5.86 -6.41 2.12
CA GLN B 36 5.17 -7.43 1.30
C GLN B 36 3.77 -7.01 0.73
N ILE B 37 2.86 -6.31 1.44
CA ILE B 37 1.73 -5.61 0.77
C ILE B 37 2.13 -4.39 -0.13
N VAL B 38 3.22 -3.65 0.03
CA VAL B 38 3.61 -2.46 -0.80
C VAL B 38 4.43 -2.87 -2.08
N GLN B 39 5.45 -3.74 -1.91
CA GLN B 39 5.90 -4.67 -2.97
C GLN B 39 4.73 -5.41 -3.67
N ASP B 40 3.77 -6.03 -2.95
CA ASP B 40 2.39 -6.26 -3.50
C ASP B 40 1.78 -5.05 -4.24
N ALA B 41 1.63 -3.95 -3.49
CA ALA B 41 0.75 -2.82 -3.85
C ALA B 41 1.24 -1.73 -4.84
N LEU B 42 2.26 -2.09 -5.56
CA LEU B 42 2.46 -1.70 -6.98
C LEU B 42 3.17 -2.73 -7.90
N SER B 43 3.74 -3.83 -7.36
CA SER B 43 4.74 -4.62 -8.11
C SER B 43 4.82 -6.15 -7.82
N LYS B 44 3.90 -6.83 -7.07
CA LYS B 44 4.29 -8.16 -6.43
C LYS B 44 5.30 -9.21 -7.07
N PRO B 45 5.13 -9.84 -8.26
CA PRO B 45 5.40 -11.29 -8.44
C PRO B 45 6.86 -11.85 -8.33
N SER B 46 7.16 -12.44 -7.17
CA SER B 46 7.59 -13.87 -7.13
C SER B 46 6.41 -14.85 -7.52
N PRO B 47 6.59 -15.96 -8.29
CA PRO B 47 5.45 -16.73 -8.88
C PRO B 47 4.63 -17.63 -7.89
N VAL B 48 3.57 -17.05 -7.30
CA VAL B 48 2.70 -17.75 -6.30
C VAL B 48 1.12 -17.61 -6.45
N THR B 49 0.38 -17.24 -7.48
CA THR B 49 0.79 -17.07 -8.91
C THR B 49 -0.02 -15.89 -9.56
N GLY B 50 0.60 -14.70 -9.59
CA GLY B 50 -0.02 -13.51 -10.23
C GLY B 50 0.97 -12.33 -10.35
N TYR B 51 1.11 -11.35 -9.46
CA TYR B 51 0.16 -11.06 -8.33
C TYR B 51 0.24 -9.56 -7.82
N ARG B 52 0.41 -8.56 -8.70
CA ARG B 52 0.55 -7.11 -8.29
C ARG B 52 -0.81 -6.36 -8.09
N ASN B 53 -0.99 -5.45 -7.10
CA ASN B 53 -2.23 -4.62 -7.04
C ASN B 53 -2.51 -3.78 -8.32
N ASP B 54 -3.75 -3.92 -8.86
CA ASP B 54 -4.53 -2.77 -9.32
C ASP B 54 -5.63 -2.36 -8.25
N ALA B 55 -5.21 -2.27 -7.00
CA ALA B 55 -5.64 -1.14 -6.15
C ALA B 55 -4.80 0.17 -6.21
N GLU B 56 -3.65 0.14 -6.87
CA GLU B 56 -3.35 0.89 -8.14
C GLU B 56 -4.38 1.14 -9.30
N ARG B 57 -5.50 0.41 -9.33
CA ARG B 57 -6.76 0.83 -9.99
C ARG B 57 -7.75 1.64 -9.08
N LEU B 58 -8.02 1.26 -7.81
CA LEU B 58 -8.70 2.17 -6.79
C LEU B 58 -8.20 3.68 -6.78
N ALA B 59 -6.92 3.85 -6.46
CA ALA B 59 -5.99 4.70 -7.23
C ALA B 59 -6.35 5.39 -8.56
N ASP B 60 -6.42 4.78 -9.76
CA ASP B 60 -6.96 5.51 -10.95
C ASP B 60 -8.45 6.01 -10.85
N GLU B 61 -9.28 5.66 -9.83
CA GLU B 61 -10.44 6.54 -9.47
C GLU B 61 -10.02 7.86 -8.78
N GLN B 62 -9.12 7.91 -7.80
CA GLN B 62 -8.59 9.22 -7.30
C GLN B 62 -7.60 9.86 -8.29
N SER B 63 -6.45 9.24 -8.48
CA SER B 63 -5.52 9.61 -9.57
C SER B 63 -5.97 9.67 -11.08
N GLU B 64 -7.19 9.32 -11.53
CA GLU B 64 -7.85 10.05 -12.65
C GLU B 64 -8.84 11.17 -12.19
N LEU B 65 -9.68 11.01 -11.13
CA LEU B 65 -10.72 12.03 -10.75
C LEU B 65 -10.36 12.86 -9.47
N VAL B 66 -9.10 13.32 -9.46
CA VAL B 66 -8.52 14.26 -8.43
C VAL B 66 -8.69 15.76 -8.86
N ALA A 1 2.80 8.17 20.19
CA ALA A 1 1.46 8.36 20.77
C ALA A 1 0.32 7.66 19.97
N ARG A 2 -0.63 7.02 20.67
CA ARG A 2 -1.76 6.28 20.02
C ARG A 2 -2.94 7.21 19.54
N ASP A 3 -2.71 7.93 18.43
CA ASP A 3 -3.73 8.78 17.76
C ASP A 3 -3.39 9.09 16.27
N ASP A 4 -2.13 9.39 15.95
CA ASP A 4 -1.63 9.32 14.56
C ASP A 4 -0.13 8.84 14.60
N PRO A 5 0.22 7.52 14.69
CA PRO A 5 1.51 7.10 15.28
C PRO A 5 2.59 6.77 14.23
N HIS A 6 3.84 7.06 14.61
CA HIS A 6 5.05 6.71 13.83
C HIS A 6 5.32 5.17 13.78
N PHE A 7 5.69 4.63 12.62
CA PHE A 7 7.04 4.03 12.51
C PHE A 7 7.87 4.75 11.39
N ASN A 8 9.18 4.50 11.33
CA ASN A 8 9.98 4.90 10.14
C ASN A 8 9.95 3.72 9.13
N PHE A 9 8.97 3.69 8.20
CA PHE A 9 9.00 2.76 7.06
C PHE A 9 10.22 3.02 6.11
N ARG A 10 10.61 1.93 5.52
CA ARG A 10 12.04 1.58 5.30
C ARG A 10 12.11 0.64 4.07
N MET A 11 12.37 1.23 2.91
CA MET A 11 12.01 0.58 1.61
C MET A 11 13.29 0.24 0.78
N PRO A 12 13.67 -1.04 0.47
CA PRO A 12 14.61 -1.36 -0.63
C PRO A 12 14.40 -0.56 -1.97
N MET A 13 15.49 -0.15 -2.63
CA MET A 13 15.44 0.99 -3.59
C MET A 13 14.40 0.92 -4.77
N GLU A 14 14.08 -0.27 -5.31
CA GLU A 14 12.85 -0.45 -6.14
C GLU A 14 11.48 -0.17 -5.43
N VAL A 15 11.18 -0.64 -4.20
CA VAL A 15 9.93 -0.25 -3.46
C VAL A 15 9.83 1.28 -3.24
N ARG A 16 10.88 1.96 -2.75
CA ARG A 16 10.83 3.43 -2.63
C ARG A 16 10.91 4.20 -3.96
N GLU A 17 11.64 3.80 -5.01
CA GLU A 17 11.36 4.34 -6.36
C GLU A 17 9.92 4.02 -6.91
N LYS A 18 9.35 2.83 -6.72
CA LYS A 18 7.94 2.54 -7.09
C LYS A 18 6.86 3.28 -6.24
N LEU A 19 6.95 3.27 -4.89
CA LEU A 19 6.09 4.05 -3.99
C LEU A 19 6.36 5.60 -4.09
N LYS A 20 7.61 6.08 -4.27
CA LYS A 20 7.93 7.52 -4.39
C LYS A 20 7.91 8.09 -5.84
N PHE A 21 8.07 7.31 -6.93
CA PHE A 21 7.47 7.66 -8.26
C PHE A 21 5.96 7.70 -8.16
N ARG A 22 5.16 6.65 -7.95
CA ARG A 22 3.72 6.79 -7.60
C ARG A 22 3.32 8.12 -6.78
N ALA A 23 4.10 8.51 -5.74
CA ALA A 23 4.21 9.93 -5.28
C ALA A 23 4.60 11.03 -6.34
N GLU A 24 5.88 11.19 -6.68
CA GLU A 24 6.39 12.23 -7.64
C GLU A 24 5.98 12.11 -9.16
N ALA A 25 5.89 10.90 -9.70
CA ALA A 25 5.07 10.53 -10.89
C ALA A 25 3.61 11.16 -10.96
N ASN A 26 2.77 11.03 -9.89
CA ASN A 26 1.43 11.70 -9.83
C ASN A 26 1.44 13.23 -9.44
N GLY A 27 2.18 13.61 -8.39
CA GLY A 27 1.90 14.83 -7.57
C GLY A 27 1.45 14.62 -6.09
N ARG A 28 2.00 13.60 -5.41
CA ARG A 28 1.74 13.27 -3.98
C ARG A 28 3.18 13.07 -3.36
N SER A 29 3.38 13.24 -2.05
CA SER A 29 4.77 13.24 -1.47
C SER A 29 4.82 12.19 -0.34
N MET A 30 5.49 11.04 -0.46
CA MET A 30 4.91 9.75 0.02
C MET A 30 4.22 9.68 1.42
N ASN A 31 4.63 10.31 2.52
CA ASN A 31 3.71 10.45 3.68
C ASN A 31 2.25 10.97 3.31
N SER A 32 2.13 12.03 2.46
CA SER A 32 1.03 12.14 1.45
C SER A 32 0.76 10.91 0.53
N GLU A 33 1.54 10.57 -0.52
CA GLU A 33 1.12 9.48 -1.45
C GLU A 33 0.91 8.06 -0.89
N LEU A 34 1.92 7.49 -0.20
CA LEU A 34 1.79 6.28 0.62
C LEU A 34 0.43 6.43 1.40
N LEU A 35 0.10 7.50 2.19
CA LEU A 35 -1.23 7.57 2.85
C LEU A 35 -2.45 7.63 1.90
N GLN A 36 -2.38 8.45 0.85
CA GLN A 36 -3.47 8.55 -0.15
C GLN A 36 -3.74 7.24 -0.91
N ILE A 37 -2.74 6.48 -1.38
CA ILE A 37 -2.96 5.07 -1.83
C ILE A 37 -3.28 4.06 -0.69
N VAL A 38 -2.73 4.16 0.53
CA VAL A 38 -2.86 3.16 1.64
C VAL A 38 -4.26 3.26 2.34
N GLN A 39 -4.74 4.48 2.68
CA GLN A 39 -6.16 4.76 2.94
C GLN A 39 -7.08 4.50 1.70
N ASP A 40 -6.64 4.80 0.46
CA ASP A 40 -7.10 4.01 -0.74
C ASP A 40 -7.20 2.47 -0.55
N ALA A 41 -6.09 1.88 -0.10
CA ALA A 41 -5.86 0.42 -0.16
C ALA A 41 -6.57 -0.47 0.90
N LEU A 42 -6.74 0.07 2.09
CA LEU A 42 -7.54 -0.55 3.19
C LEU A 42 -8.64 0.35 3.80
N SER A 43 -9.13 1.37 3.06
CA SER A 43 -10.55 1.82 3.20
C SER A 43 -11.40 1.90 1.88
N LYS A 44 -10.93 2.56 0.82
CA LYS A 44 -11.72 3.75 0.32
C LYS A 44 -13.13 3.55 -0.35
N PRO A 45 -13.39 2.70 -1.37
CA PRO A 45 -14.54 2.91 -2.30
C PRO A 45 -15.96 2.46 -1.85
N SER A 46 -16.81 3.45 -1.56
CA SER A 46 -18.30 3.30 -1.68
C SER A 46 -18.88 4.42 -2.62
N PRO A 47 -19.15 5.72 -2.27
CA PRO A 47 -19.48 6.77 -3.29
C PRO A 47 -18.23 7.36 -4.05
N VAL A 48 -17.55 6.48 -4.78
CA VAL A 48 -16.12 6.67 -5.19
C VAL A 48 -15.82 6.17 -6.65
N THR A 49 -16.09 4.98 -7.18
CA THR A 49 -17.09 4.00 -6.65
C THR A 49 -16.74 2.51 -6.95
N GLY A 50 -17.16 1.61 -6.03
CA GLY A 50 -17.42 0.18 -6.39
C GLY A 50 -16.32 -0.87 -6.15
N TYR A 51 -15.09 -0.62 -6.62
CA TYR A 51 -13.95 -1.57 -6.51
C TYR A 51 -13.36 -1.79 -5.06
N ARG A 52 -14.11 -2.50 -4.18
CA ARG A 52 -13.79 -2.62 -2.73
C ARG A 52 -13.40 -4.09 -2.27
N ASN A 53 -12.24 -4.70 -2.50
CA ASN A 53 -11.27 -4.28 -3.53
C ASN A 53 -10.42 -5.36 -4.21
N ASP A 54 -9.90 -5.18 -5.46
CA ASP A 54 -8.89 -6.14 -6.02
C ASP A 54 -7.49 -5.97 -5.33
N ALA A 55 -7.39 -5.52 -4.08
CA ALA A 55 -6.37 -6.01 -3.15
C ALA A 55 -6.79 -7.00 -2.03
N GLU A 56 -8.03 -7.50 -2.09
CA GLU A 56 -8.31 -8.94 -2.35
C GLU A 56 -7.57 -9.66 -3.56
N ARG A 57 -7.15 -8.98 -4.66
CA ARG A 57 -6.28 -9.59 -5.71
C ARG A 57 -4.78 -9.58 -5.38
N LEU A 58 -4.13 -8.42 -5.17
CA LEU A 58 -2.72 -8.40 -4.64
C LEU A 58 -2.52 -9.13 -3.24
N ALA A 59 -3.55 -9.23 -2.37
CA ALA A 59 -3.73 -10.41 -1.50
C ALA A 59 -3.54 -11.80 -2.14
N ASP A 60 -4.34 -12.28 -3.11
CA ASP A 60 -4.04 -13.62 -3.71
C ASP A 60 -2.74 -13.77 -4.56
N GLU A 61 -2.08 -12.66 -4.91
CA GLU A 61 -0.74 -12.74 -5.54
C GLU A 61 0.35 -13.10 -4.50
N GLN A 62 0.52 -12.33 -3.39
CA GLN A 62 1.40 -12.83 -2.31
C GLN A 62 0.76 -13.99 -1.51
N SER A 63 -0.35 -13.75 -0.83
CA SER A 63 -1.15 -14.79 -0.16
C SER A 63 -2.13 -15.68 -1.03
N GLU A 64 -1.75 -16.10 -2.25
CA GLU A 64 -1.47 -17.54 -2.52
C GLU A 64 0.06 -17.90 -2.48
N LEU A 65 0.93 -17.27 -3.29
CA LEU A 65 2.28 -17.81 -3.63
C LEU A 65 3.31 -17.98 -2.46
N VAL A 66 3.35 -17.01 -1.53
CA VAL A 66 4.00 -17.10 -0.16
C VAL A 66 4.86 -18.36 0.22
N ALA B 1 20.31 7.85 2.97
CA ALA B 1 20.82 6.46 2.80
C ALA B 1 20.91 5.94 1.32
N ARG B 2 19.92 6.23 0.45
CA ARG B 2 19.87 5.77 -0.97
C ARG B 2 20.24 4.29 -1.35
N ASP B 3 19.69 3.32 -0.62
CA ASP B 3 19.78 1.88 -0.95
C ASP B 3 18.60 1.06 -0.34
N ASP B 4 18.34 1.22 0.96
CA ASP B 4 17.02 0.93 1.57
C ASP B 4 16.60 2.03 2.61
N PRO B 5 15.94 3.17 2.24
CA PRO B 5 15.90 4.37 3.12
C PRO B 5 14.66 4.49 4.05
N HIS B 6 14.91 5.04 5.23
CA HIS B 6 13.87 5.36 6.24
C HIS B 6 13.10 6.69 5.91
N PHE B 7 11.77 6.66 5.84
CA PHE B 7 10.93 7.87 6.09
C PHE B 7 9.81 7.58 7.13
N ASN B 8 9.35 8.62 7.82
CA ASN B 8 8.15 8.55 8.70
C ASN B 8 6.81 8.10 8.00
N PHE B 9 6.41 6.84 8.22
CA PHE B 9 5.03 6.37 8.06
C PHE B 9 4.60 5.67 9.37
N ARG B 10 3.78 6.20 10.27
CA ARG B 10 3.39 7.62 10.49
C ARG B 10 2.03 7.94 9.82
N MET B 11 0.94 7.62 10.52
CA MET B 11 -0.37 7.36 9.86
C MET B 11 -1.55 7.72 10.83
N PRO B 12 -2.62 8.51 10.49
CA PRO B 12 -3.84 8.63 11.33
C PRO B 12 -4.45 7.33 11.93
N MET B 13 -5.07 7.42 13.13
CA MET B 13 -5.43 6.22 13.92
C MET B 13 -6.13 5.02 13.19
N GLU B 14 -7.07 5.29 12.27
CA GLU B 14 -7.67 4.27 11.38
C GLU B 14 -6.70 3.57 10.37
N VAL B 15 -5.89 4.28 9.57
CA VAL B 15 -4.90 3.68 8.64
C VAL B 15 -3.84 2.82 9.34
N ARG B 16 -3.17 3.32 10.38
CA ARG B 16 -2.30 2.44 11.18
C ARG B 16 -3.02 1.34 12.00
N GLU B 17 -4.25 1.47 12.51
CA GLU B 17 -5.03 0.25 12.90
C GLU B 17 -5.31 -0.71 11.71
N LYS B 18 -5.77 -0.29 10.52
CA LYS B 18 -5.98 -1.21 9.38
C LYS B 18 -4.72 -1.77 8.63
N LEU B 19 -3.63 -1.01 8.49
CA LEU B 19 -2.28 -1.52 8.11
C LEU B 19 -1.60 -2.40 9.23
N LYS B 20 -1.71 -2.05 10.53
CA LYS B 20 -1.08 -2.75 11.67
C LYS B 20 -1.92 -3.90 12.29
N PHE B 21 -3.28 -3.88 12.29
CA PHE B 21 -4.09 -5.13 12.33
C PHE B 21 -3.77 -6.02 11.12
N ARG B 22 -4.06 -5.78 9.83
CA ARG B 22 -3.48 -6.57 8.70
C ARG B 22 -2.12 -7.35 9.00
N ALA B 23 -1.07 -6.62 9.43
CA ALA B 23 0.08 -7.19 10.20
C ALA B 23 -0.15 -8.06 11.49
N GLU B 24 -0.56 -7.47 12.62
CA GLU B 24 -0.78 -8.17 13.93
C GLU B 24 -2.03 -9.10 14.07
N ALA B 25 -3.14 -8.78 13.38
CA ALA B 25 -4.16 -9.76 12.91
C ALA B 25 -3.61 -11.10 12.28
N ASN B 26 -2.63 -11.03 11.35
CA ASN B 26 -2.04 -12.24 10.69
C ASN B 26 -0.75 -12.86 11.34
N GLY B 27 0.21 -12.01 11.77
CA GLY B 27 1.60 -12.42 12.15
C GLY B 27 2.74 -11.88 11.25
N ARG B 28 2.78 -10.56 10.97
CA ARG B 28 3.62 -10.00 9.86
C ARG B 28 3.88 -8.53 10.23
N SER B 29 4.91 -8.20 11.00
CA SER B 29 4.83 -6.98 11.86
C SER B 29 5.19 -5.76 10.98
N MET B 30 4.40 -4.66 10.94
CA MET B 30 4.20 -3.90 9.68
C MET B 30 5.43 -3.54 8.79
N ASN B 31 6.63 -3.15 9.24
CA ASN B 31 7.79 -3.14 8.29
C ASN B 31 7.98 -4.47 7.44
N SER B 32 7.76 -5.66 8.05
CA SER B 32 7.22 -6.86 7.35
C SER B 32 5.83 -6.76 6.61
N GLU B 33 4.64 -6.59 7.23
CA GLU B 33 3.36 -6.55 6.40
C GLU B 33 3.21 -5.35 5.44
N LEU B 34 3.31 -4.09 5.94
CA LEU B 34 3.47 -2.89 5.12
C LEU B 34 4.43 -3.22 3.94
N LEU B 35 5.70 -3.73 4.10
CA LEU B 35 6.50 -4.06 2.89
C LEU B 35 5.92 -5.16 2.00
N GLN B 36 5.63 -6.32 2.55
CA GLN B 36 5.02 -7.44 1.79
C GLN B 36 3.66 -7.11 1.09
N ILE B 37 2.75 -6.31 1.70
CA ILE B 37 1.60 -5.68 1.00
C ILE B 37 1.95 -4.55 0.00
N VAL B 38 2.94 -3.69 0.25
CA VAL B 38 3.36 -2.54 -0.61
C VAL B 38 4.16 -3.04 -1.88
N GLN B 39 5.16 -3.93 -1.67
CA GLN B 39 5.63 -4.91 -2.68
C GLN B 39 4.46 -5.68 -3.39
N ASP B 40 3.49 -6.29 -2.67
CA ASP B 40 2.18 -6.65 -3.29
C ASP B 40 1.37 -5.53 -4.04
N ALA B 41 1.40 -4.30 -3.52
CA ALA B 41 0.55 -3.18 -3.96
C ALA B 41 0.83 -2.62 -5.38
N LEU B 42 2.12 -2.37 -5.59
CA LEU B 42 2.68 -1.85 -6.88
C LEU B 42 3.71 -2.76 -7.63
N SER B 43 4.09 -3.95 -7.12
CA SER B 43 4.46 -5.09 -8.02
C SER B 43 3.25 -5.80 -8.71
N LYS B 44 2.00 -5.82 -8.16
CA LYS B 44 0.83 -6.37 -8.90
C LYS B 44 0.84 -7.93 -9.16
N PRO B 45 1.00 -8.58 -10.37
CA PRO B 45 0.81 -10.04 -10.53
C PRO B 45 1.94 -10.97 -9.97
N SER B 46 1.50 -12.15 -9.54
CA SER B 46 2.23 -13.43 -9.81
C SER B 46 1.34 -14.37 -10.71
N PRO B 47 1.76 -15.59 -11.17
CA PRO B 47 0.89 -16.48 -12.00
C PRO B 47 -0.39 -17.07 -11.32
N VAL B 48 -1.50 -16.30 -11.31
CA VAL B 48 -2.79 -16.77 -10.67
C VAL B 48 -3.85 -17.17 -11.75
N THR B 49 -4.76 -16.42 -12.39
CA THR B 49 -5.21 -15.04 -12.07
C THR B 49 -6.72 -14.83 -12.50
N GLY B 50 -7.50 -14.12 -11.68
CA GLY B 50 -8.91 -13.74 -12.02
C GLY B 50 -9.85 -13.76 -10.81
N TYR B 51 -10.18 -12.76 -9.98
CA TYR B 51 -9.81 -11.31 -10.06
C TYR B 51 -8.46 -10.77 -10.68
N ARG B 52 -8.53 -9.53 -11.23
CA ARG B 52 -7.36 -8.61 -11.42
C ARG B 52 -7.22 -7.59 -10.23
N ASN B 53 -6.09 -6.83 -10.06
CA ASN B 53 -6.03 -5.70 -9.08
C ASN B 53 -6.87 -4.49 -9.56
N ASP B 54 -8.18 -4.55 -9.24
CA ASP B 54 -8.97 -3.34 -8.90
C ASP B 54 -8.81 -2.70 -7.50
N ALA B 55 -7.61 -2.84 -6.97
CA ALA B 55 -6.97 -1.76 -6.20
C ALA B 55 -5.71 -1.06 -6.78
N GLU B 56 -5.04 -1.61 -7.78
CA GLU B 56 -4.54 -0.79 -8.93
C GLU B 56 -5.62 -0.14 -9.90
N ARG B 57 -6.89 -0.42 -9.60
CA ARG B 57 -8.02 0.38 -10.09
C ARG B 57 -8.71 1.32 -8.99
N LEU B 58 -8.65 1.09 -7.65
CA LEU B 58 -8.94 2.16 -6.62
C LEU B 58 -7.96 3.39 -6.51
N ALA B 59 -6.66 3.11 -6.57
CA ALA B 59 -5.78 3.67 -7.61
C ALA B 59 -6.32 4.47 -8.82
N ASP B 60 -6.77 3.89 -9.96
CA ASP B 60 -7.46 4.71 -11.01
C ASP B 60 -8.66 5.64 -10.58
N GLU B 61 -9.25 5.55 -9.38
CA GLU B 61 -9.90 6.75 -8.78
C GLU B 61 -8.93 7.91 -8.44
N GLN B 62 -7.92 7.74 -7.57
CA GLN B 62 -6.92 8.81 -7.37
C GLN B 62 -5.96 9.02 -8.57
N SER B 63 -5.15 8.03 -8.92
CA SER B 63 -4.42 7.97 -10.20
C SER B 63 -5.19 7.71 -11.55
N GLU B 64 -6.46 8.14 -11.69
CA GLU B 64 -6.86 9.04 -12.81
C GLU B 64 -7.06 10.52 -12.32
N LEU B 65 -7.81 10.80 -11.22
CA LEU B 65 -8.13 12.19 -10.78
C LEU B 65 -7.05 12.91 -9.87
N VAL B 66 -5.81 12.71 -10.28
CA VAL B 66 -4.57 13.37 -9.75
C VAL B 66 -4.22 14.62 -10.64
N ALA A 1 -10.10 8.37 19.95
CA ALA A 1 -9.81 8.31 18.49
C ALA A 1 -8.37 7.87 18.09
N ARG A 2 -7.33 8.46 18.70
CA ARG A 2 -5.91 8.03 18.52
C ARG A 2 -5.34 8.07 17.05
N ASP A 3 -5.66 9.14 16.30
CA ASP A 3 -5.26 9.32 14.88
C ASP A 3 -4.43 10.64 14.84
N ASP A 4 -3.15 10.70 14.53
CA ASP A 4 -2.39 9.77 13.64
C ASP A 4 -0.90 9.55 14.12
N PRO A 5 -0.61 8.58 15.02
CA PRO A 5 0.78 8.25 15.45
C PRO A 5 1.73 7.62 14.39
N HIS A 6 3.04 7.77 14.62
CA HIS A 6 4.10 7.39 13.65
C HIS A 6 4.55 5.89 13.68
N PHE A 7 4.90 5.29 12.52
CA PHE A 7 6.10 4.42 12.46
C PHE A 7 7.00 4.87 11.27
N ASN A 8 8.32 4.94 11.50
CA ASN A 8 9.27 5.28 10.41
C ASN A 8 9.44 4.08 9.43
N PHE A 9 8.63 4.05 8.35
CA PHE A 9 8.91 3.18 7.20
C PHE A 9 10.18 3.66 6.44
N ARG A 10 10.68 2.75 5.63
CA ARG A 10 12.09 2.28 5.71
C ARG A 10 12.23 1.10 4.72
N MET A 11 12.76 1.36 3.52
CA MET A 11 12.38 0.48 2.36
C MET A 11 13.56 0.29 1.36
N PRO A 12 13.95 -0.94 0.88
CA PRO A 12 14.94 -1.10 -0.23
C PRO A 12 14.79 -0.14 -1.45
N MET A 13 15.93 0.16 -2.09
CA MET A 13 16.02 1.31 -3.04
C MET A 13 15.15 1.22 -4.33
N GLU A 14 14.85 0.02 -4.83
CA GLU A 14 13.67 -0.23 -5.69
C GLU A 14 12.28 0.14 -5.10
N VAL A 15 11.90 -0.24 -3.86
CA VAL A 15 10.56 0.08 -3.25
C VAL A 15 10.26 1.57 -3.09
N ARG A 16 11.15 2.42 -2.57
CA ARG A 16 10.91 3.89 -2.61
C ARG A 16 11.87 4.77 -3.44
N GLU A 17 12.51 4.24 -4.51
CA GLU A 17 12.26 4.85 -5.84
C GLU A 17 10.86 4.55 -6.41
N LYS A 18 10.35 3.31 -6.38
CA LYS A 18 8.98 2.99 -6.87
C LYS A 18 7.79 3.71 -6.16
N LEU A 19 7.69 3.66 -4.84
CA LEU A 19 6.78 4.52 -4.04
C LEU A 19 7.14 6.05 -4.07
N LYS A 20 8.41 6.52 -3.94
CA LYS A 20 8.70 7.97 -3.95
C LYS A 20 8.67 8.62 -5.39
N PHE A 21 8.99 7.89 -6.48
CA PHE A 21 8.58 8.25 -7.86
C PHE A 21 7.07 8.24 -8.02
N ARG A 22 6.31 7.14 -7.99
CA ARG A 22 4.82 7.18 -7.83
C ARG A 22 4.23 8.46 -7.08
N ALA A 23 4.78 8.83 -5.92
CA ALA A 23 4.70 10.24 -5.41
C ALA A 23 5.21 11.40 -6.35
N GLU A 24 6.54 11.61 -6.47
CA GLU A 24 7.18 12.68 -7.31
C GLU A 24 7.09 12.60 -8.88
N ALA A 25 7.37 11.43 -9.48
CA ALA A 25 6.91 11.06 -10.86
C ALA A 25 5.44 11.45 -11.26
N ASN A 26 4.44 11.15 -10.38
CA ASN A 26 3.07 10.77 -10.81
C ASN A 26 1.94 11.68 -10.19
N GLY A 27 1.97 12.04 -8.89
CA GLY A 27 0.97 13.01 -8.33
C GLY A 27 0.91 13.31 -6.81
N ARG A 28 1.30 12.36 -5.94
CA ARG A 28 1.07 12.47 -4.47
C ARG A 28 2.46 12.69 -3.79
N SER A 29 2.55 12.82 -2.47
CA SER A 29 3.84 13.20 -1.80
C SER A 29 4.03 12.20 -0.65
N MET A 30 4.92 11.20 -0.70
CA MET A 30 4.62 9.83 -0.19
C MET A 30 3.79 9.64 1.11
N ASN A 31 3.99 10.34 2.23
CA ASN A 31 2.93 10.39 3.28
C ASN A 31 1.44 10.58 2.76
N SER A 32 1.19 11.54 1.84
CA SER A 32 0.15 11.42 0.76
C SER A 32 0.14 10.19 -0.21
N GLU A 33 1.15 9.93 -1.08
CA GLU A 33 1.06 8.79 -2.07
C GLU A 33 1.12 7.35 -1.48
N LEU A 34 2.13 7.04 -0.65
CA LEU A 34 2.15 5.88 0.26
C LEU A 34 0.75 5.80 0.94
N LEU A 35 0.16 6.82 1.65
CA LEU A 35 -1.14 6.60 2.32
C LEU A 35 -2.31 6.30 1.39
N GLN A 36 -2.57 7.20 0.43
CA GLN A 36 -3.63 6.99 -0.55
C GLN A 36 -3.45 5.68 -1.39
N ILE A 37 -2.24 5.23 -1.79
CA ILE A 37 -2.05 3.85 -2.33
C ILE A 37 -2.17 2.70 -1.28
N VAL A 38 -1.80 2.86 -0.01
CA VAL A 38 -1.88 1.86 1.12
C VAL A 38 -3.33 1.67 1.67
N GLN A 39 -4.03 2.79 1.96
CA GLN A 39 -5.51 2.89 1.90
C GLN A 39 -6.10 2.22 0.62
N ASP A 40 -5.66 2.59 -0.60
CA ASP A 40 -5.79 1.73 -1.82
C ASP A 40 -5.52 0.22 -1.67
N ALA A 41 -4.38 -0.09 -1.07
CA ALA A 41 -3.73 -1.40 -1.23
C ALA A 41 -4.16 -2.53 -0.26
N LEU A 42 -4.79 -2.21 0.87
CA LEU A 42 -5.73 -3.14 1.56
C LEU A 42 -7.25 -2.82 1.53
N SER A 43 -7.71 -1.62 1.17
CA SER A 43 -9.15 -1.25 1.28
C SER A 43 -9.78 -0.50 0.07
N LYS A 44 -9.02 0.34 -0.64
CA LYS A 44 -9.45 1.77 -0.88
C LYS A 44 -9.77 2.79 0.30
N PRO A 45 -10.99 2.96 0.91
CA PRO A 45 -11.55 4.32 1.11
C PRO A 45 -11.07 5.17 2.33
N SER A 46 -10.96 6.48 2.08
CA SER A 46 -11.51 7.49 3.01
C SER A 46 -12.20 8.69 2.25
N PRO A 47 -11.59 9.52 1.33
CA PRO A 47 -12.13 10.88 1.06
C PRO A 47 -13.20 11.13 -0.05
N VAL A 48 -14.14 10.19 -0.23
CA VAL A 48 -15.49 10.50 -0.82
C VAL A 48 -16.57 9.64 -0.07
N THR A 49 -17.00 8.39 -0.32
CA THR A 49 -16.78 7.59 -1.57
C THR A 49 -17.64 6.26 -1.60
N GLY A 50 -18.01 5.78 -2.81
CA GLY A 50 -18.16 4.30 -3.07
C GLY A 50 -17.02 3.59 -3.82
N TYR A 51 -15.78 3.95 -3.48
CA TYR A 51 -14.55 3.34 -4.03
C TYR A 51 -13.99 2.28 -3.01
N ARG A 52 -14.13 0.97 -3.31
CA ARG A 52 -13.63 -0.15 -2.42
C ARG A 52 -12.87 -1.32 -3.18
N ASN A 53 -11.73 -1.84 -2.65
CA ASN A 53 -10.83 -2.93 -3.20
C ASN A 53 -9.42 -2.34 -3.67
N ASP A 54 -8.29 -2.91 -4.16
CA ASP A 54 -7.86 -4.32 -4.17
C ASP A 54 -7.17 -4.56 -2.82
N ALA A 55 -7.70 -5.54 -2.17
CA ALA A 55 -8.50 -5.38 -0.99
C ALA A 55 -7.94 -6.36 0.09
N GLU A 56 -8.81 -7.18 0.61
CA GLU A 56 -9.15 -8.55 0.06
C GLU A 56 -8.59 -9.17 -1.30
N ARG A 57 -8.06 -8.35 -2.20
CA ARG A 57 -7.69 -8.65 -3.59
C ARG A 57 -6.17 -8.39 -3.85
N LEU A 58 -5.55 -7.33 -3.28
CA LEU A 58 -4.14 -7.46 -2.82
C LEU A 58 -3.91 -8.29 -1.48
N ALA A 59 -4.96 -8.62 -0.68
CA ALA A 59 -4.98 -9.86 0.13
C ALA A 59 -4.75 -11.15 -0.68
N ASP A 60 -5.48 -11.41 -1.78
CA ASP A 60 -5.10 -12.55 -2.64
C ASP A 60 -3.81 -12.41 -3.48
N GLU A 61 -3.25 -11.20 -3.63
CA GLU A 61 -1.89 -11.08 -4.20
C GLU A 61 -0.80 -11.53 -3.20
N GLN A 62 -0.63 -10.92 -1.99
CA GLN A 62 0.30 -11.48 -1.03
C GLN A 62 -0.20 -12.86 -0.52
N SER A 63 -1.37 -12.97 0.11
CA SER A 63 -1.99 -14.26 0.50
C SER A 63 -2.99 -14.92 -0.49
N GLU A 64 -2.58 -15.10 -1.76
CA GLU A 64 -2.28 -16.46 -2.29
C GLU A 64 -0.75 -16.76 -2.57
N LEU A 65 0.16 -15.78 -2.77
CA LEU A 65 1.58 -16.06 -3.18
C LEU A 65 2.63 -16.24 -2.00
N VAL A 66 2.20 -15.97 -0.76
CA VAL A 66 2.86 -16.35 0.54
C VAL A 66 3.47 -17.80 0.67
N ALA B 1 24.23 2.89 -5.59
CA ALA B 1 22.98 3.10 -4.83
C ALA B 1 23.12 2.82 -3.29
N ARG B 2 22.53 3.70 -2.46
CA ARG B 2 22.62 3.60 -0.96
C ARG B 2 22.06 2.38 -0.18
N ASP B 3 20.89 2.00 -0.65
CA ASP B 3 20.00 1.00 -0.05
C ASP B 3 19.32 1.40 1.30
N ASP B 4 18.02 1.69 1.18
CA ASP B 4 17.08 1.83 2.33
C ASP B 4 17.24 3.00 3.36
N PRO B 5 17.03 4.28 2.97
CA PRO B 5 16.54 5.32 3.91
C PRO B 5 15.12 5.10 4.53
N HIS B 6 14.90 5.90 5.58
CA HIS B 6 13.60 6.10 6.25
C HIS B 6 12.76 7.23 5.58
N PHE B 7 11.41 7.18 5.69
CA PHE B 7 10.65 8.37 6.15
C PHE B 7 9.63 8.00 7.28
N ASN B 8 9.22 9.03 8.05
CA ASN B 8 8.11 8.94 9.01
C ASN B 8 6.70 8.69 8.35
N PHE B 9 6.30 7.42 8.10
CA PHE B 9 4.89 7.08 7.93
C PHE B 9 4.17 6.98 9.30
N ARG B 10 2.90 6.69 9.22
CA ARG B 10 1.97 6.87 10.37
C ARG B 10 1.20 5.57 10.65
N MET B 11 -0.09 5.63 10.91
CA MET B 11 -1.07 6.14 9.90
C MET B 11 -2.26 6.90 10.60
N PRO B 12 -3.19 7.62 9.90
CA PRO B 12 -4.60 7.75 10.36
C PRO B 12 -5.23 6.40 10.83
N MET B 13 -5.88 6.40 12.00
CA MET B 13 -6.00 5.15 12.79
C MET B 13 -6.74 3.92 12.14
N GLU B 14 -7.67 4.14 11.20
CA GLU B 14 -8.13 3.06 10.28
C GLU B 14 -7.04 2.37 9.40
N VAL B 15 -6.16 3.09 8.67
CA VAL B 15 -5.01 2.51 7.92
C VAL B 15 -3.96 1.81 8.82
N ARG B 16 -3.55 2.37 9.95
CA ARG B 16 -2.62 1.65 10.86
C ARG B 16 -3.28 0.56 11.72
N GLU B 17 -4.53 0.65 12.20
CA GLU B 17 -5.19 -0.58 12.69
C GLU B 17 -5.42 -1.65 11.58
N LYS B 18 -5.89 -1.29 10.39
CA LYS B 18 -5.99 -2.26 9.26
C LYS B 18 -4.66 -2.75 8.60
N LEU B 19 -3.58 -1.96 8.51
CA LEU B 19 -2.22 -2.44 8.17
C LEU B 19 -1.48 -3.16 9.35
N LYS B 20 -1.58 -2.69 10.60
CA LYS B 20 -0.94 -3.32 11.77
C LYS B 20 -1.71 -4.56 12.34
N PHE B 21 -3.06 -4.63 12.28
CA PHE B 21 -3.79 -5.93 12.30
C PHE B 21 -3.40 -6.77 11.08
N ARG B 22 -3.75 -6.58 9.80
CA ARG B 22 -3.13 -7.35 8.66
C ARG B 22 -1.70 -7.98 8.92
N ALA B 23 -0.70 -7.16 9.33
CA ALA B 23 0.51 -7.62 10.07
C ALA B 23 0.32 -8.56 11.32
N GLU B 24 -0.05 -8.02 12.49
CA GLU B 24 -0.23 -8.79 13.77
C GLU B 24 -1.40 -9.84 13.86
N ALA B 25 -2.54 -9.58 13.20
CA ALA B 25 -3.50 -10.60 12.71
C ALA B 25 -2.89 -11.89 12.02
N ASN B 26 -1.94 -11.73 11.08
CA ASN B 26 -1.39 -12.86 10.27
C ASN B 26 -0.03 -13.48 10.74
N GLY B 27 0.96 -12.65 11.11
CA GLY B 27 2.41 -13.04 11.16
C GLY B 27 3.43 -12.22 10.32
N ARG B 28 3.09 -11.05 9.80
CA ARG B 28 4.06 -10.07 9.22
C ARG B 28 4.07 -8.88 10.24
N SER B 29 5.13 -8.08 10.35
CA SER B 29 5.27 -7.09 11.47
C SER B 29 5.61 -5.74 10.80
N MET B 30 4.73 -4.73 10.83
CA MET B 30 4.44 -3.92 9.60
C MET B 30 5.64 -3.40 8.75
N ASN B 31 6.79 -2.94 9.24
CA ASN B 31 7.98 -2.81 8.34
C ASN B 31 8.30 -4.08 7.42
N SER B 32 8.22 -5.31 7.96
CA SER B 32 7.76 -6.53 7.20
C SER B 32 6.35 -6.48 6.51
N GLU B 33 5.18 -6.35 7.17
CA GLU B 33 3.87 -6.39 6.41
C GLU B 33 3.51 -5.25 5.43
N LEU B 34 3.61 -3.99 5.88
CA LEU B 34 3.73 -2.79 5.02
C LEU B 34 4.70 -3.15 3.86
N LEU B 35 5.98 -3.61 4.02
CA LEU B 35 6.78 -4.00 2.83
C LEU B 35 6.22 -5.13 1.93
N GLN B 36 5.65 -6.17 2.53
CA GLN B 36 4.99 -7.27 1.78
C GLN B 36 3.70 -6.87 1.01
N ILE B 37 2.76 -6.12 1.62
CA ILE B 37 1.72 -5.40 0.84
C ILE B 37 2.25 -4.29 -0.12
N VAL B 38 3.36 -3.59 0.14
CA VAL B 38 3.87 -2.39 -0.60
C VAL B 38 4.71 -2.78 -1.86
N GLN B 39 5.63 -3.75 -1.72
CA GLN B 39 6.15 -4.56 -2.84
C GLN B 39 5.02 -5.33 -3.60
N ASP B 40 3.99 -5.87 -2.90
CA ASP B 40 2.62 -6.02 -3.51
C ASP B 40 1.92 -4.77 -4.17
N ALA B 41 2.03 -3.59 -3.55
CA ALA B 41 1.34 -2.33 -3.99
C ALA B 41 1.97 -1.60 -5.22
N LEU B 42 3.23 -1.88 -5.50
CA LEU B 42 3.96 -1.45 -6.73
C LEU B 42 3.97 -2.54 -7.86
N SER B 43 4.08 -3.83 -7.50
CA SER B 43 3.88 -4.96 -8.47
C SER B 43 2.45 -5.11 -9.11
N LYS B 44 1.35 -4.95 -8.34
CA LYS B 44 -0.06 -5.06 -8.85
C LYS B 44 -0.59 -6.48 -9.25
N PRO B 45 -1.93 -6.82 -9.14
CA PRO B 45 -2.39 -8.23 -9.27
C PRO B 45 -2.99 -8.69 -10.65
N SER B 46 -2.62 -9.91 -11.07
CA SER B 46 -3.57 -10.83 -11.76
C SER B 46 -4.21 -11.90 -10.80
N PRO B 47 -3.52 -12.67 -9.89
CA PRO B 47 -4.20 -13.45 -8.81
C PRO B 47 -5.03 -12.65 -7.75
N VAL B 48 -6.22 -12.23 -8.14
CA VAL B 48 -7.17 -11.43 -7.28
C VAL B 48 -8.17 -12.19 -6.39
N THR B 49 -8.70 -13.39 -6.55
CA THR B 49 -8.84 -14.13 -7.83
C THR B 49 -10.38 -14.33 -8.08
N GLY B 50 -10.99 -13.51 -8.94
CA GLY B 50 -12.48 -13.48 -9.12
C GLY B 50 -13.38 -12.75 -8.10
N TYR B 51 -12.86 -12.01 -7.10
CA TYR B 51 -13.70 -11.45 -5.98
C TYR B 51 -14.61 -10.20 -6.32
N ARG B 52 -14.11 -9.29 -7.16
CA ARG B 52 -14.87 -8.15 -7.79
C ARG B 52 -14.13 -7.55 -9.06
N ASN B 53 -13.19 -6.58 -9.17
CA ASN B 53 -12.53 -5.82 -8.06
C ASN B 53 -11.69 -4.58 -8.46
N ASP B 54 -10.87 -4.05 -7.51
CA ASP B 54 -10.54 -2.62 -7.42
C ASP B 54 -9.03 -2.21 -7.22
N ALA B 55 -8.07 -2.70 -7.95
CA ALA B 55 -8.12 -2.92 -9.40
C ALA B 55 -8.65 -1.81 -10.38
N GLU B 56 -9.95 -1.83 -10.60
CA GLU B 56 -10.77 -0.56 -10.70
C GLU B 56 -10.49 0.62 -9.67
N ARG B 57 -9.90 0.36 -8.52
CA ARG B 57 -9.54 1.38 -7.50
C ARG B 57 -8.03 1.76 -7.52
N LEU B 58 -7.19 1.06 -8.29
CA LEU B 58 -6.03 1.70 -8.98
C LEU B 58 -6.32 2.41 -10.38
N ALA B 59 -7.57 2.33 -10.95
CA ALA B 59 -8.27 3.58 -11.46
C ALA B 59 -8.22 4.80 -10.51
N ASP B 60 -8.51 4.55 -9.22
CA ASP B 60 -8.41 5.62 -8.19
C ASP B 60 -7.00 6.00 -7.61
N GLU B 61 -5.99 5.20 -7.96
CA GLU B 61 -4.62 5.75 -8.16
C GLU B 61 -4.61 6.90 -9.23
N GLN B 62 -5.10 6.70 -10.47
CA GLN B 62 -5.35 7.81 -11.39
C GLN B 62 -6.28 8.96 -10.85
N SER B 63 -7.46 8.71 -10.22
CA SER B 63 -8.24 9.72 -9.43
C SER B 63 -7.46 10.77 -8.59
N GLU B 64 -6.64 10.29 -7.65
CA GLU B 64 -5.93 11.20 -6.73
C GLU B 64 -4.55 11.72 -7.31
N LEU B 65 -4.29 11.46 -8.60
CA LEU B 65 -3.57 12.38 -9.51
C LEU B 65 -4.52 13.41 -10.25
N VAL B 66 -5.56 12.89 -10.96
CA VAL B 66 -6.35 13.62 -12.05
C VAL B 66 -6.54 15.18 -11.93
N ALA A 1 -5.54 16.97 18.66
CA ALA A 1 -5.31 15.63 19.26
C ALA A 1 -4.47 14.67 18.37
N ARG A 2 -3.53 13.93 18.98
CA ARG A 2 -2.65 12.97 18.25
C ARG A 2 -3.27 11.53 18.12
N ASP A 3 -4.16 11.37 17.14
CA ASP A 3 -4.51 10.05 16.56
C ASP A 3 -4.00 9.96 15.08
N ASP A 4 -2.73 10.34 14.81
CA ASP A 4 -2.04 10.04 13.53
C ASP A 4 -0.54 9.64 13.69
N PRO A 5 -0.17 8.46 14.29
CA PRO A 5 1.17 8.28 14.90
C PRO A 5 2.07 7.29 14.09
N HIS A 6 3.33 7.18 14.51
CA HIS A 6 4.44 6.98 13.52
C HIS A 6 5.62 6.06 13.91
N PHE A 7 6.16 5.41 12.87
CA PHE A 7 7.43 4.66 12.94
C PHE A 7 8.32 5.08 11.72
N ASN A 8 9.61 4.72 11.75
CA ASN A 8 10.42 4.73 10.51
C ASN A 8 10.05 3.52 9.60
N PHE A 9 9.19 3.75 8.58
CA PHE A 9 9.31 2.99 7.32
C PHE A 9 10.59 3.44 6.54
N ARG A 10 11.04 2.56 5.68
CA ARG A 10 12.44 2.02 5.71
C ARG A 10 12.48 0.82 4.72
N MET A 11 12.73 1.12 3.44
CA MET A 11 12.17 0.31 2.33
C MET A 11 13.21 0.00 1.19
N PRO A 12 13.56 -1.27 0.81
CA PRO A 12 14.56 -1.57 -0.27
C PRO A 12 14.51 -0.75 -1.59
N MET A 13 15.66 -0.57 -2.27
CA MET A 13 15.79 0.45 -3.36
C MET A 13 14.70 0.46 -4.50
N GLU A 14 14.27 -0.71 -4.97
CA GLU A 14 13.04 -0.81 -5.81
C GLU A 14 11.70 -0.39 -5.12
N VAL A 15 11.38 -0.77 -3.87
CA VAL A 15 10.18 -0.24 -3.15
C VAL A 15 10.21 1.29 -2.98
N ARG A 16 11.30 1.92 -2.51
CA ARG A 16 11.35 3.39 -2.48
C ARG A 16 11.44 4.08 -3.85
N GLU A 17 12.22 3.63 -4.84
CA GLU A 17 12.03 4.17 -6.22
C GLU A 17 10.61 3.90 -6.82
N LYS A 18 9.96 2.75 -6.60
CA LYS A 18 8.52 2.56 -6.89
C LYS A 18 7.56 3.49 -6.08
N LEU A 19 7.51 3.40 -4.74
CA LEU A 19 6.69 4.28 -3.85
C LEU A 19 6.98 5.81 -3.96
N LYS A 20 8.24 6.22 -4.18
CA LYS A 20 8.67 7.60 -4.33
C LYS A 20 8.62 8.13 -5.81
N PHE A 21 8.76 7.31 -6.87
CA PHE A 21 8.24 7.65 -8.23
C PHE A 21 6.72 7.72 -8.22
N ARG A 22 5.91 6.66 -8.10
CA ARG A 22 4.46 6.77 -7.76
C ARG A 22 4.04 8.10 -6.97
N ALA A 23 4.78 8.51 -5.90
CA ALA A 23 4.81 9.92 -5.42
C ALA A 23 5.28 11.04 -6.44
N GLU A 24 6.59 11.18 -6.74
CA GLU A 24 7.15 12.19 -7.70
C GLU A 24 6.77 12.08 -9.22
N ALA A 25 6.80 10.87 -9.81
CA ALA A 25 6.08 10.49 -11.05
C ALA A 25 4.60 11.04 -11.22
N ASN A 26 3.70 10.86 -10.20
CA ASN A 26 2.32 11.43 -10.24
C ASN A 26 2.16 12.94 -9.82
N GLY A 27 2.77 13.34 -8.69
CA GLY A 27 2.34 14.53 -7.90
C GLY A 27 1.81 14.29 -6.45
N ARG A 28 2.39 13.34 -5.70
CA ARG A 28 2.19 13.14 -4.24
C ARG A 28 3.61 13.12 -3.59
N SER A 29 3.72 13.35 -2.28
CA SER A 29 5.06 13.40 -1.60
C SER A 29 5.03 12.28 -0.56
N MET A 30 5.83 11.20 -0.61
CA MET A 30 5.38 9.85 -0.15
C MET A 30 4.59 9.73 1.20
N ASN A 31 4.87 10.41 2.32
CA ASN A 31 3.85 10.48 3.42
C ASN A 31 2.36 10.85 2.94
N SER A 32 2.18 11.83 2.04
CA SER A 32 1.13 11.80 0.96
C SER A 32 1.02 10.52 0.07
N GLU A 33 1.88 10.21 -0.91
CA GLU A 33 1.60 9.02 -1.83
C GLU A 33 1.50 7.64 -1.13
N LEU A 34 2.55 7.24 -0.37
CA LEU A 34 2.53 6.09 0.56
C LEU A 34 1.14 6.09 1.28
N LEU A 35 0.65 7.16 1.95
CA LEU A 35 -0.73 7.10 2.51
C LEU A 35 -1.86 6.90 1.50
N GLN A 36 -1.85 7.65 0.41
CA GLN A 36 -2.85 7.51 -0.66
C GLN A 36 -2.89 6.12 -1.33
N ILE A 37 -1.75 5.49 -1.66
CA ILE A 37 -1.74 4.05 -2.01
C ILE A 37 -2.00 3.09 -0.80
N VAL A 38 -1.62 3.35 0.44
CA VAL A 38 -1.73 2.43 1.63
C VAL A 38 -3.19 2.38 2.20
N GLN A 39 -3.80 3.58 2.42
CA GLN A 39 -5.28 3.76 2.44
C GLN A 39 -5.96 3.12 1.18
N ASP A 40 -5.42 3.35 -0.04
CA ASP A 40 -5.69 2.43 -1.18
C ASP A 40 -5.47 0.91 -0.99
N ALA A 41 -4.40 0.49 -0.32
CA ALA A 41 -3.84 -0.86 -0.54
C ALA A 41 -4.44 -1.98 0.34
N LEU A 42 -4.70 -1.68 1.61
CA LEU A 42 -5.64 -2.47 2.44
C LEU A 42 -7.12 -1.96 2.52
N SER A 43 -7.47 -0.67 2.33
CA SER A 43 -8.89 -0.21 2.47
C SER A 43 -9.63 0.13 1.15
N LYS A 44 -8.96 0.26 -0.01
CA LYS A 44 -9.65 0.22 -1.33
C LYS A 44 -9.06 -0.96 -2.15
N PRO A 45 -9.19 -2.21 -1.63
CA PRO A 45 -10.48 -2.95 -1.66
C PRO A 45 -11.52 -2.78 -0.50
N SER A 46 -12.54 -1.95 -0.76
CA SER A 46 -13.89 -2.08 -0.12
C SER A 46 -14.89 -2.61 -1.20
N PRO A 47 -15.53 -3.82 -1.09
CA PRO A 47 -16.09 -4.61 -2.24
C PRO A 47 -16.41 -4.07 -3.67
N VAL A 48 -15.33 -3.86 -4.43
CA VAL A 48 -15.33 -3.59 -5.92
C VAL A 48 -15.75 -2.15 -6.33
N THR A 49 -17.02 -1.79 -6.11
CA THR A 49 -17.62 -0.50 -6.60
C THR A 49 -17.92 -0.54 -8.14
N GLY A 50 -18.77 -1.51 -8.59
CA GLY A 50 -19.03 -1.77 -10.04
C GLY A 50 -17.99 -2.58 -10.86
N TYR A 51 -16.78 -2.04 -11.00
CA TYR A 51 -15.84 -2.36 -12.13
C TYR A 51 -14.75 -3.49 -11.91
N ARG A 52 -15.18 -4.70 -11.50
CA ARG A 52 -14.41 -5.99 -11.62
C ARG A 52 -12.92 -6.03 -11.11
N ASN A 53 -12.64 -6.44 -9.86
CA ASN A 53 -11.35 -6.15 -9.14
C ASN A 53 -11.19 -6.94 -7.78
N ASP A 54 -11.56 -6.44 -6.57
CA ASP A 54 -10.63 -6.48 -5.37
C ASP A 54 -9.28 -5.67 -5.32
N ALA A 55 -9.12 -4.94 -6.40
CA ALA A 55 -7.85 -4.88 -7.13
C ALA A 55 -6.90 -6.03 -7.02
N GLU A 56 -7.16 -7.02 -7.89
CA GLU A 56 -6.23 -8.08 -8.43
C GLU A 56 -6.19 -9.63 -8.14
N ARG A 57 -7.23 -9.80 -7.36
CA ARG A 57 -7.03 -9.80 -5.92
C ARG A 57 -5.55 -9.35 -5.49
N LEU A 58 -5.12 -8.10 -5.55
CA LEU A 58 -3.76 -7.70 -4.95
C LEU A 58 -3.67 -8.17 -3.47
N ALA A 59 -4.86 -7.91 -2.94
CA ALA A 59 -5.56 -8.93 -2.15
C ALA A 59 -5.23 -10.47 -2.21
N ASP A 60 -5.63 -11.25 -3.24
CA ASP A 60 -5.71 -12.72 -3.08
C ASP A 60 -4.88 -13.50 -4.14
N GLU A 61 -4.29 -12.85 -5.14
CA GLU A 61 -2.83 -12.82 -5.26
C GLU A 61 -1.93 -12.99 -4.02
N GLN A 62 -1.68 -11.91 -3.25
CA GLN A 62 -0.54 -11.93 -2.33
C GLN A 62 -0.94 -12.52 -0.97
N SER A 63 -1.97 -11.98 -0.30
CA SER A 63 -2.79 -12.76 0.65
C SER A 63 -3.91 -13.62 -0.01
N GLU A 64 -3.58 -14.46 -1.00
CA GLU A 64 -3.51 -15.91 -0.74
C GLU A 64 -2.04 -16.38 -0.47
N LEU A 65 -1.08 -16.20 -1.39
CA LEU A 65 0.23 -16.94 -1.34
C LEU A 65 1.40 -16.18 -0.61
N VAL A 66 1.04 -15.70 0.58
CA VAL A 66 1.95 -15.05 1.58
C VAL A 66 2.81 -16.08 2.40
N ALA B 1 24.54 -2.66 4.05
CA ALA B 1 24.90 -1.78 2.90
C ALA B 1 24.06 -0.50 2.67
N ARG B 2 22.74 -0.54 2.94
CA ARG B 2 21.85 0.66 2.89
C ARG B 2 21.58 1.29 1.47
N ASP B 3 21.16 0.46 0.51
CA ASP B 3 20.23 0.90 -0.56
C ASP B 3 18.76 0.52 -0.13
N ASP B 4 18.30 1.15 0.97
CA ASP B 4 16.98 0.90 1.59
C ASP B 4 16.64 2.11 2.53
N PRO B 5 15.97 3.22 2.13
CA PRO B 5 16.04 4.49 2.88
C PRO B 5 14.92 4.63 3.94
N HIS B 6 15.31 5.18 5.11
CA HIS B 6 14.37 5.55 6.19
C HIS B 6 13.51 6.82 5.82
N PHE B 7 12.18 6.78 5.92
CA PHE B 7 11.38 7.99 6.28
C PHE B 7 10.35 7.67 7.42
N ASN B 8 10.04 8.67 8.25
CA ASN B 8 9.03 8.52 9.34
C ASN B 8 7.57 8.46 8.78
N PHE B 9 7.09 7.27 8.36
CA PHE B 9 5.69 7.07 8.00
C PHE B 9 4.80 6.86 9.27
N ARG B 10 3.59 7.29 9.08
CA ARG B 10 2.87 8.20 9.99
C ARG B 10 1.41 8.28 9.45
N MET B 11 0.49 7.74 10.22
CA MET B 11 -0.77 7.20 9.67
C MET B 11 -1.99 7.69 10.52
N PRO B 12 -2.99 8.47 10.00
CA PRO B 12 -4.31 8.67 10.67
C PRO B 12 -4.96 7.39 11.28
N MET B 13 -5.68 7.53 12.41
CA MET B 13 -5.86 6.38 13.35
C MET B 13 -6.37 5.02 12.78
N GLU B 14 -7.36 5.05 11.86
CA GLU B 14 -7.73 3.87 11.05
C GLU B 14 -6.63 3.31 10.09
N VAL B 15 -5.84 4.08 9.30
CA VAL B 15 -4.70 3.53 8.51
C VAL B 15 -3.66 2.79 9.38
N ARG B 16 -3.21 3.35 10.51
CA ARG B 16 -2.28 2.60 11.39
C ARG B 16 -2.92 1.48 12.22
N GLU B 17 -4.12 1.60 12.78
CA GLU B 17 -4.82 0.36 13.24
C GLU B 17 -5.13 -0.67 12.11
N LYS B 18 -5.49 -0.29 10.87
CA LYS B 18 -5.59 -1.21 9.73
C LYS B 18 -4.22 -1.83 9.25
N LEU B 19 -3.18 -1.03 9.03
CA LEU B 19 -1.81 -1.49 8.65
C LEU B 19 -1.04 -2.21 9.79
N LYS B 20 -1.16 -1.73 11.04
CA LYS B 20 -0.54 -2.33 12.22
C LYS B 20 -1.36 -3.49 12.87
N PHE B 21 -2.72 -3.55 12.79
CA PHE B 21 -3.48 -4.81 13.00
C PHE B 21 -3.18 -5.80 11.89
N ARG B 22 -3.58 -5.70 10.61
CA ARG B 22 -2.98 -6.53 9.51
C ARG B 22 -1.55 -7.17 9.80
N ALA B 23 -0.56 -6.33 10.18
CA ALA B 23 0.65 -6.78 10.90
C ALA B 23 0.44 -7.62 12.24
N GLU B 24 0.15 -6.96 13.36
CA GLU B 24 0.00 -7.57 14.72
C GLU B 24 -1.27 -8.47 15.03
N ALA B 25 -2.42 -8.17 14.42
CA ALA B 25 -3.51 -9.16 14.12
C ALA B 25 -3.05 -10.56 13.59
N ASN B 26 -2.18 -10.58 12.54
CA ASN B 26 -1.92 -11.80 11.70
C ASN B 26 -0.54 -12.51 11.92
N GLY B 27 0.57 -11.76 12.03
CA GLY B 27 1.96 -12.32 11.95
C GLY B 27 3.02 -11.58 11.09
N ARG B 28 2.78 -10.34 10.61
CA ARG B 28 3.82 -9.48 10.00
C ARG B 28 4.03 -8.29 11.02
N SER B 29 5.09 -7.47 10.92
CA SER B 29 5.31 -6.38 11.93
C SER B 29 5.65 -5.11 11.16
N MET B 30 4.83 -4.05 11.14
CA MET B 30 4.57 -3.25 9.91
C MET B 30 5.73 -2.83 8.96
N ASN B 31 6.94 -2.53 9.42
CA ASN B 31 8.11 -2.53 8.49
C ASN B 31 8.22 -3.86 7.63
N SER B 32 8.15 -5.05 8.23
CA SER B 32 7.56 -6.29 7.62
C SER B 32 6.14 -6.21 6.94
N GLU B 33 5.00 -5.94 7.62
CA GLU B 33 3.65 -5.96 6.93
C GLU B 33 3.41 -4.85 5.89
N LEU B 34 3.46 -3.58 6.32
CA LEU B 34 3.43 -2.42 5.43
C LEU B 34 4.47 -2.65 4.29
N LEU B 35 5.70 -3.25 4.41
CA LEU B 35 6.46 -3.65 3.20
C LEU B 35 5.83 -4.73 2.35
N GLN B 36 5.54 -5.89 2.92
CA GLN B 36 4.84 -6.97 2.19
C GLN B 36 3.50 -6.56 1.45
N ILE B 37 2.66 -5.70 2.03
CA ILE B 37 1.54 -5.02 1.33
C ILE B 37 1.95 -3.86 0.35
N VAL B 38 2.96 -3.04 0.63
CA VAL B 38 3.45 -1.94 -0.24
C VAL B 38 4.22 -2.51 -1.50
N GLN B 39 5.13 -3.49 -1.29
CA GLN B 39 5.55 -4.49 -2.31
C GLN B 39 4.36 -5.23 -3.00
N ASP B 40 3.30 -5.65 -2.30
CA ASP B 40 1.98 -5.88 -2.95
C ASP B 40 1.39 -4.70 -3.79
N ALA B 41 1.42 -3.50 -3.21
CA ALA B 41 0.82 -2.28 -3.79
C ALA B 41 1.51 -1.67 -5.05
N LEU B 42 2.81 -1.91 -5.20
CA LEU B 42 3.61 -1.49 -6.38
C LEU B 42 4.08 -2.71 -7.27
N SER B 43 4.37 -3.90 -6.69
CA SER B 43 4.47 -5.17 -7.48
C SER B 43 3.14 -5.96 -7.75
N LYS B 44 2.03 -5.21 -7.90
CA LYS B 44 0.90 -5.52 -8.82
C LYS B 44 0.98 -6.08 -10.32
N PRO B 45 2.03 -5.96 -11.20
CA PRO B 45 1.91 -6.18 -12.68
C PRO B 45 1.16 -7.36 -13.37
N SER B 46 1.02 -7.20 -14.70
CA SER B 46 0.68 -8.31 -15.63
C SER B 46 1.96 -9.12 -16.10
N PRO B 47 2.18 -10.45 -15.85
CA PRO B 47 1.26 -11.34 -15.09
C PRO B 47 1.69 -11.69 -13.62
N VAL B 48 0.91 -11.25 -12.62
CA VAL B 48 0.69 -12.07 -11.39
C VAL B 48 -0.29 -13.29 -11.60
N THR B 49 -1.35 -13.12 -12.41
CA THR B 49 -2.67 -13.76 -12.13
C THR B 49 -3.62 -13.90 -13.37
N GLY B 50 -4.83 -14.37 -13.04
CA GLY B 50 -6.03 -14.27 -13.93
C GLY B 50 -6.96 -13.04 -13.73
N TYR B 51 -7.35 -12.70 -12.49
CA TYR B 51 -8.06 -11.42 -12.18
C TYR B 51 -7.19 -10.12 -12.42
N ARG B 52 -7.24 -9.60 -13.66
CA ARG B 52 -6.30 -8.57 -14.20
C ARG B 52 -6.71 -7.08 -13.90
N ASN B 53 -6.20 -6.52 -12.81
CA ASN B 53 -6.80 -5.34 -12.09
C ASN B 53 -5.60 -4.59 -11.32
N ASP B 54 -5.67 -3.89 -10.16
CA ASP B 54 -6.40 -2.60 -9.96
C ASP B 54 -7.83 -2.65 -10.39
N ALA B 55 -7.91 -2.69 -11.68
CA ALA B 55 -9.00 -2.28 -12.44
C ALA B 55 -8.39 -1.02 -13.13
N GLU B 56 -9.06 -0.03 -13.48
CA GLU B 56 -10.35 0.32 -12.86
C GLU B 56 -10.38 0.72 -11.33
N ARG B 57 -9.86 -0.03 -10.34
CA ARG B 57 -9.96 0.33 -8.90
C ARG B 57 -8.75 0.89 -8.22
N LEU B 58 -7.62 0.21 -8.27
CA LEU B 58 -6.36 0.97 -8.07
C LEU B 58 -6.05 2.00 -9.22
N ALA B 59 -6.66 1.95 -10.47
CA ALA B 59 -6.92 3.22 -11.20
C ALA B 59 -7.62 4.37 -10.43
N ASP B 60 -8.83 4.13 -9.94
CA ASP B 60 -9.81 5.22 -9.75
C ASP B 60 -10.39 5.34 -8.33
N GLU B 61 -10.25 4.30 -7.52
CA GLU B 61 -9.88 4.55 -6.12
C GLU B 61 -8.44 5.09 -5.93
N GLN B 62 -7.37 4.99 -6.83
CA GLN B 62 -6.25 5.91 -6.66
C GLN B 62 -6.62 7.30 -7.17
N SER B 63 -6.42 7.61 -8.44
CA SER B 63 -6.76 8.92 -8.99
C SER B 63 -8.20 9.09 -9.54
N GLU B 64 -9.20 8.68 -8.72
CA GLU B 64 -10.14 9.65 -8.12
C GLU B 64 -10.14 9.70 -6.54
N LEU B 65 -9.70 8.72 -5.68
CA LEU B 65 -9.79 8.91 -4.18
C LEU B 65 -8.39 9.12 -3.50
N VAL B 66 -7.67 10.05 -4.12
CA VAL B 66 -6.33 10.58 -3.69
C VAL B 66 -6.44 11.84 -2.76
N ALA A 1 -6.89 15.43 19.85
CA ALA A 1 -5.71 14.61 20.22
C ALA A 1 -4.96 14.01 18.99
N ARG A 2 -3.62 14.06 19.00
CA ARG A 2 -2.77 13.49 17.91
C ARG A 2 -2.60 11.93 18.02
N ASP A 3 -3.65 11.20 17.60
CA ASP A 3 -3.60 9.72 17.45
C ASP A 3 -3.20 9.41 15.98
N ASP A 4 -1.89 9.56 15.70
CA ASP A 4 -1.34 9.48 14.32
C ASP A 4 0.19 9.18 14.32
N PRO A 5 0.69 7.92 14.51
CA PRO A 5 2.06 7.68 15.03
C PRO A 5 3.11 7.38 13.93
N HIS A 6 4.34 7.81 14.23
CA HIS A 6 5.52 7.61 13.36
C HIS A 6 6.19 6.21 13.57
N PHE A 7 6.45 5.47 12.49
CA PHE A 7 7.54 4.45 12.46
C PHE A 7 8.41 4.59 11.18
N ASN A 8 9.64 4.05 11.23
CA ASN A 8 10.54 4.00 10.05
C ASN A 8 9.99 3.06 8.91
N PHE A 9 9.41 3.65 7.86
CA PHE A 9 9.25 3.03 6.53
C PHE A 9 10.00 3.94 5.53
N ARG A 10 11.13 3.63 4.92
CA ARG A 10 12.14 2.56 5.26
C ARG A 10 11.89 1.32 4.37
N MET A 11 12.54 1.28 3.19
CA MET A 11 12.24 0.25 2.17
C MET A 11 13.50 -0.13 1.32
N PRO A 12 13.69 -1.38 0.79
CA PRO A 12 14.54 -1.62 -0.42
C PRO A 12 14.35 -0.61 -1.61
N MET A 13 15.45 -0.25 -2.28
CA MET A 13 15.43 0.86 -3.28
C MET A 13 14.43 0.79 -4.48
N GLU A 14 14.02 -0.40 -4.93
CA GLU A 14 12.84 -0.54 -5.83
C GLU A 14 11.45 -0.16 -5.21
N VAL A 15 11.06 -0.60 -4.00
CA VAL A 15 9.79 -0.16 -3.32
C VAL A 15 9.75 1.36 -3.07
N ARG A 16 10.80 1.97 -2.48
CA ARG A 16 10.81 3.44 -2.37
C ARG A 16 10.98 4.21 -3.70
N GLU A 17 11.70 3.77 -4.74
CA GLU A 17 11.47 4.33 -6.10
C GLU A 17 10.02 4.11 -6.64
N LYS A 18 9.43 2.91 -6.58
CA LYS A 18 8.02 2.68 -6.97
C LYS A 18 6.94 3.45 -6.14
N LEU A 19 7.03 3.48 -4.80
CA LEU A 19 6.18 4.30 -3.92
C LEU A 19 6.43 5.84 -4.02
N LYS A 20 7.70 6.29 -4.11
CA LYS A 20 8.08 7.70 -4.21
C LYS A 20 8.05 8.28 -5.66
N PHE A 21 8.22 7.49 -6.75
CA PHE A 21 7.69 7.82 -8.10
C PHE A 21 6.18 7.92 -8.09
N ARG A 22 5.35 6.89 -7.92
CA ARG A 22 3.89 7.07 -7.55
C ARG A 22 3.53 8.44 -6.81
N ALA A 23 4.27 8.82 -5.75
CA ALA A 23 4.35 10.23 -5.28
C ALA A 23 4.86 11.32 -6.31
N GLU A 24 6.16 11.43 -6.59
CA GLU A 24 6.78 12.40 -7.56
C GLU A 24 6.36 12.31 -9.08
N ALA A 25 6.31 11.11 -9.66
CA ALA A 25 5.56 10.76 -10.89
C ALA A 25 4.11 11.39 -11.04
N ASN A 26 3.22 11.27 -10.02
CA ASN A 26 1.85 11.89 -10.05
C ASN A 26 1.75 13.40 -9.62
N GLY A 27 2.43 13.79 -8.52
CA GLY A 27 2.03 14.95 -7.67
C GLY A 27 1.46 14.64 -6.26
N ARG A 28 1.91 13.56 -5.60
CA ARG A 28 1.68 13.30 -4.15
C ARG A 28 3.11 13.30 -3.48
N SER A 29 3.21 13.52 -2.18
CA SER A 29 4.55 13.56 -1.49
C SER A 29 4.51 12.43 -0.46
N MET A 30 5.31 11.35 -0.51
CA MET A 30 4.85 10.01 -0.01
C MET A 30 4.08 9.86 1.33
N ASN A 31 4.35 10.61 2.40
CA ASN A 31 3.34 10.72 3.49
C ASN A 31 1.86 11.05 3.00
N SER A 32 1.67 12.02 2.10
CA SER A 32 0.58 12.01 1.07
C SER A 32 0.42 10.76 0.13
N GLU A 33 1.34 10.38 -0.80
CA GLU A 33 1.05 9.21 -1.72
C GLU A 33 0.93 7.83 -1.01
N LEU A 34 2.00 7.42 -0.32
CA LEU A 34 2.05 6.22 0.51
C LEU A 34 0.82 6.27 1.47
N LEU A 35 0.34 7.37 2.13
CA LEU A 35 -0.99 7.29 2.81
C LEU A 35 -2.18 7.04 1.90
N GLN A 36 -2.35 7.88 0.90
CA GLN A 36 -3.46 7.76 -0.06
C GLN A 36 -3.51 6.37 -0.77
N ILE A 37 -2.42 5.81 -1.36
CA ILE A 37 -2.39 4.37 -1.76
C ILE A 37 -2.59 3.35 -0.58
N VAL A 38 -2.04 3.51 0.63
CA VAL A 38 -2.16 2.56 1.78
C VAL A 38 -3.61 2.50 2.38
N GLN A 39 -4.18 3.69 2.68
CA GLN A 39 -5.65 3.94 2.71
C GLN A 39 -6.42 3.32 1.50
N ASP A 40 -5.93 3.48 0.27
CA ASP A 40 -6.39 2.63 -0.87
C ASP A 40 -6.20 1.09 -0.75
N ALA A 41 -5.03 0.68 -0.24
CA ALA A 41 -4.50 -0.68 -0.44
C ALA A 41 -5.10 -1.79 0.47
N LEU A 42 -5.29 -1.45 1.74
CA LEU A 42 -6.21 -2.18 2.65
C LEU A 42 -7.61 -1.53 2.94
N SER A 43 -7.85 -0.20 2.81
CA SER A 43 -9.18 0.39 3.14
C SER A 43 -10.16 0.59 1.95
N LYS A 44 -9.77 0.48 0.64
CA LYS A 44 -10.82 0.46 -0.45
C LYS A 44 -11.61 1.83 -0.62
N PRO A 45 -12.74 2.01 -1.38
CA PRO A 45 -13.37 1.03 -2.30
C PRO A 45 -12.46 0.47 -3.44
N SER A 46 -12.97 -0.51 -4.17
CA SER A 46 -12.87 -0.44 -5.65
C SER A 46 -14.12 0.33 -6.18
N PRO A 47 -14.07 1.60 -6.71
CA PRO A 47 -15.26 2.21 -7.36
C PRO A 47 -15.51 1.55 -8.76
N VAL A 48 -16.44 0.60 -8.81
CA VAL A 48 -16.39 -0.55 -9.79
C VAL A 48 -16.94 -0.23 -11.21
N THR A 49 -16.26 0.64 -11.95
CA THR A 49 -16.87 1.29 -13.16
C THR A 49 -16.39 0.61 -14.49
N GLY A 50 -16.73 -0.70 -14.63
CA GLY A 50 -16.49 -1.49 -15.87
C GLY A 50 -15.05 -1.71 -16.42
N TYR A 51 -14.06 -1.97 -15.55
CA TYR A 51 -12.62 -1.90 -15.96
C TYR A 51 -11.61 -3.02 -15.50
N ARG A 52 -12.10 -4.13 -14.97
CA ARG A 52 -11.30 -5.20 -14.30
C ARG A 52 -10.65 -4.78 -12.92
N ASN A 53 -11.18 -5.32 -11.82
CA ASN A 53 -10.71 -5.07 -10.41
C ASN A 53 -10.60 -6.37 -9.60
N ASP A 54 -9.69 -7.20 -10.12
CA ASP A 54 -8.85 -8.10 -9.31
C ASP A 54 -7.60 -7.41 -8.64
N ALA A 55 -8.02 -6.54 -7.76
CA ALA A 55 -7.21 -5.52 -7.13
C ALA A 55 -6.94 -5.77 -5.62
N GLU A 56 -8.01 -5.69 -4.85
CA GLU A 56 -8.76 -6.90 -4.38
C GLU A 56 -8.33 -8.40 -4.57
N ARG A 57 -7.54 -8.64 -5.59
CA ARG A 57 -6.86 -9.91 -5.88
C ARG A 57 -5.33 -9.91 -5.71
N LEU A 58 -4.51 -8.87 -6.07
CA LEU A 58 -3.11 -8.78 -5.46
C LEU A 58 -3.03 -8.95 -3.91
N ALA A 59 -3.88 -8.23 -3.19
CA ALA A 59 -4.67 -8.84 -2.10
C ALA A 59 -4.87 -10.38 -1.92
N ASP A 60 -5.88 -11.04 -2.54
CA ASP A 60 -6.09 -12.49 -2.37
C ASP A 60 -4.95 -13.47 -2.68
N GLU A 61 -4.20 -13.36 -3.77
CA GLU A 61 -3.09 -14.36 -3.97
C GLU A 61 -1.84 -14.04 -3.11
N GLN A 62 -1.59 -12.82 -2.53
CA GLN A 62 -0.72 -12.72 -1.38
C GLN A 62 -1.57 -13.31 -0.20
N SER A 63 -2.66 -12.71 0.29
CA SER A 63 -3.31 -13.11 1.57
C SER A 63 -3.98 -14.51 1.76
N GLU A 64 -4.49 -15.10 0.69
CA GLU A 64 -4.67 -16.56 0.56
C GLU A 64 -3.44 -17.40 0.07
N LEU A 65 -2.22 -16.88 -0.25
CA LEU A 65 -0.96 -17.74 -0.21
C LEU A 65 0.10 -17.28 0.84
N VAL A 66 -0.45 -16.98 2.02
CA VAL A 66 0.28 -16.24 3.10
C VAL A 66 -0.04 -16.83 4.51
N ALA B 1 26.24 -1.93 0.55
CA ALA B 1 25.69 -1.02 -0.48
C ALA B 1 24.41 -0.26 -0.02
N ARG B 2 24.35 1.05 -0.32
CA ARG B 2 23.20 1.91 0.08
C ARG B 2 21.99 1.86 -0.90
N ASP B 3 21.21 0.77 -0.82
CA ASP B 3 19.91 0.62 -1.51
C ASP B 3 18.74 0.32 -0.51
N ASP B 4 18.69 0.99 0.65
CA ASP B 4 17.44 1.18 1.45
C ASP B 4 17.43 2.51 2.29
N PRO B 5 17.33 3.71 1.67
CA PRO B 5 16.81 4.93 2.35
C PRO B 5 15.32 4.86 2.82
N HIS B 6 14.96 5.93 3.54
CA HIS B 6 13.88 5.87 4.54
C HIS B 6 13.18 7.23 4.81
N PHE B 7 11.88 7.18 5.15
CA PHE B 7 11.25 8.24 5.98
C PHE B 7 10.62 7.61 7.26
N ASN B 8 10.19 8.46 8.20
CA ASN B 8 9.21 8.00 9.22
C ASN B 8 7.79 8.16 8.62
N PHE B 9 7.25 7.09 8.00
CA PHE B 9 5.79 7.00 7.75
C PHE B 9 5.02 6.79 9.09
N ARG B 10 3.76 7.13 9.01
CA ARG B 10 3.15 8.14 9.90
C ARG B 10 1.66 8.12 9.48
N MET B 11 0.82 7.56 10.35
CA MET B 11 -0.52 7.10 9.92
C MET B 11 -1.63 7.54 10.92
N PRO B 12 -2.68 8.35 10.56
CA PRO B 12 -3.94 8.45 11.36
C PRO B 12 -4.50 7.11 11.92
N MET B 13 -5.03 7.14 13.14
CA MET B 13 -5.15 5.90 13.98
C MET B 13 -5.97 4.68 13.41
N GLU B 14 -6.95 4.92 12.53
CA GLU B 14 -7.50 3.87 11.65
C GLU B 14 -6.50 3.25 10.60
N VAL B 15 -5.74 4.01 9.78
CA VAL B 15 -4.68 3.45 8.86
C VAL B 15 -3.60 2.65 9.61
N ARG B 16 -3.03 3.14 10.72
CA ARG B 16 -2.07 2.34 11.48
C ARG B 16 -2.67 1.21 12.34
N GLU B 17 -3.88 1.28 12.92
CA GLU B 17 -4.57 0.02 13.33
C GLU B 17 -4.86 -0.93 12.14
N LYS B 18 -5.37 -0.48 11.00
CA LYS B 18 -5.50 -1.31 9.77
C LYS B 18 -4.16 -1.91 9.23
N LEU B 19 -3.11 -1.11 9.00
CA LEU B 19 -1.78 -1.57 8.52
C LEU B 19 -0.93 -2.37 9.56
N LYS B 20 -0.99 -2.01 10.86
CA LYS B 20 -0.36 -2.77 11.94
C LYS B 20 -1.25 -3.98 12.48
N PHE B 21 -2.58 -4.05 12.29
CA PHE B 21 -3.39 -5.29 12.43
C PHE B 21 -3.14 -6.24 11.26
N ARG B 22 -3.48 -6.00 9.99
CA ARG B 22 -2.77 -6.59 8.81
C ARG B 22 -1.33 -7.20 9.13
N ALA B 23 -0.44 -6.41 9.77
CA ALA B 23 0.73 -6.95 10.52
C ALA B 23 0.46 -7.95 11.71
N GLU B 24 0.03 -7.47 12.89
CA GLU B 24 -0.18 -8.27 14.13
C GLU B 24 -1.44 -9.21 14.21
N ALA B 25 -2.58 -8.83 13.61
CA ALA B 25 -3.64 -9.74 13.12
C ALA B 25 -3.14 -11.00 12.30
N ASN B 26 -2.29 -10.84 11.24
CA ASN B 26 -1.71 -12.00 10.51
C ASN B 26 -0.49 -12.70 11.21
N GLY B 27 0.54 -11.92 11.59
CA GLY B 27 1.94 -12.40 11.76
C GLY B 27 3.06 -11.75 10.89
N ARG B 28 2.90 -10.51 10.39
CA ARG B 28 4.03 -9.63 9.98
C ARG B 28 4.21 -8.53 11.09
N SER B 29 5.19 -7.63 10.96
CA SER B 29 5.31 -6.45 11.88
C SER B 29 5.59 -5.22 11.00
N MET B 30 4.72 -4.21 10.92
CA MET B 30 4.49 -3.39 9.67
C MET B 30 5.66 -2.76 8.83
N ASN B 31 6.89 -2.60 9.29
CA ASN B 31 8.04 -2.61 8.35
C ASN B 31 8.13 -3.93 7.47
N SER B 32 8.11 -5.11 8.10
CA SER B 32 7.56 -6.37 7.49
C SER B 32 6.14 -6.30 6.83
N GLU B 33 5.01 -6.06 7.53
CA GLU B 33 3.67 -6.06 6.83
C GLU B 33 3.51 -4.98 5.75
N LEU B 34 3.63 -3.68 6.13
CA LEU B 34 3.46 -2.58 5.18
C LEU B 34 4.43 -2.87 3.99
N LEU B 35 5.67 -3.43 4.10
CA LEU B 35 6.39 -3.91 2.90
C LEU B 35 5.76 -5.12 2.16
N GLN B 36 5.40 -6.18 2.86
CA GLN B 36 4.73 -7.34 2.22
C GLN B 36 3.41 -7.00 1.49
N ILE B 37 2.51 -6.22 2.09
CA ILE B 37 1.38 -5.59 1.36
C ILE B 37 1.75 -4.41 0.38
N VAL B 38 2.80 -3.60 0.53
CA VAL B 38 3.16 -2.44 -0.35
C VAL B 38 3.99 -2.93 -1.61
N GLN B 39 5.01 -3.78 -1.39
CA GLN B 39 5.56 -4.69 -2.44
C GLN B 39 4.45 -5.59 -3.09
N ASP B 40 3.50 -6.15 -2.31
CA ASP B 40 2.15 -6.48 -2.86
C ASP B 40 1.47 -5.38 -3.72
N ALA B 41 1.29 -4.19 -3.14
CA ALA B 41 0.23 -3.26 -3.57
C ALA B 41 0.47 -2.40 -4.84
N LEU B 42 1.73 -2.04 -5.08
CA LEU B 42 2.19 -1.63 -6.43
C LEU B 42 3.11 -2.63 -7.21
N SER B 43 3.50 -3.82 -6.70
CA SER B 43 4.40 -4.73 -7.47
C SER B 43 4.21 -6.27 -7.32
N LYS B 44 3.03 -6.82 -6.93
CA LYS B 44 2.87 -8.31 -6.93
C LYS B 44 2.93 -9.11 -8.29
N PRO B 45 2.30 -8.72 -9.45
CA PRO B 45 2.05 -9.69 -10.56
C PRO B 45 3.21 -10.04 -11.55
N SER B 46 4.23 -10.73 -11.02
CA SER B 46 4.88 -11.86 -11.74
C SER B 46 4.18 -13.23 -11.40
N PRO B 47 3.98 -13.72 -10.13
CA PRO B 47 2.86 -14.66 -9.80
C PRO B 47 1.44 -13.99 -9.89
N VAL B 48 1.01 -13.75 -11.13
CA VAL B 48 -0.22 -12.96 -11.45
C VAL B 48 -1.54 -13.79 -11.33
N THR B 49 -1.64 -14.92 -12.05
CA THR B 49 -2.74 -15.92 -11.86
C THR B 49 -4.16 -15.38 -12.26
N GLY B 50 -4.27 -14.88 -13.50
CA GLY B 50 -5.41 -14.02 -13.92
C GLY B 50 -5.26 -12.49 -13.75
N TYR B 51 -4.89 -12.01 -12.55
CA TYR B 51 -5.13 -10.61 -12.12
C TYR B 51 -4.10 -9.52 -12.56
N ARG B 52 -4.20 -9.02 -13.80
CA ARG B 52 -3.36 -7.87 -14.27
C ARG B 52 -3.92 -6.46 -13.78
N ASN B 53 -4.03 -6.26 -12.44
CA ASN B 53 -4.91 -5.25 -11.81
C ASN B 53 -4.16 -4.62 -10.55
N ASP B 54 -4.76 -4.39 -9.33
CA ASP B 54 -5.31 -3.05 -8.91
C ASP B 54 -5.01 -1.92 -9.92
N ALA B 55 -5.96 -1.82 -10.79
CA ALA B 55 -5.67 -1.77 -12.17
C ALA B 55 -5.52 -0.30 -12.63
N GLU B 56 -6.21 -0.09 -13.69
CA GLU B 56 -7.60 0.42 -13.64
C GLU B 56 -8.39 0.69 -12.29
N ARG B 57 -8.23 -0.15 -11.26
CA ARG B 57 -8.55 0.11 -9.84
C ARG B 57 -7.55 1.01 -9.07
N LEU B 58 -6.22 0.79 -8.97
CA LEU B 58 -5.31 1.83 -8.35
C LEU B 58 -5.09 3.11 -9.21
N ALA B 59 -5.31 3.08 -10.54
CA ALA B 59 -5.89 4.21 -11.27
C ALA B 59 -7.13 4.89 -10.64
N ASP B 60 -8.23 4.15 -10.37
CA ASP B 60 -9.43 4.77 -9.79
C ASP B 60 -9.50 5.02 -8.26
N GLU B 61 -8.48 4.58 -7.57
CA GLU B 61 -8.30 4.86 -6.15
C GLU B 61 -7.37 6.08 -5.97
N GLN B 62 -6.16 6.17 -6.58
CA GLN B 62 -5.45 7.45 -6.62
C GLN B 62 -6.27 8.53 -7.37
N SER B 63 -6.78 8.21 -8.58
CA SER B 63 -7.49 9.14 -9.45
C SER B 63 -8.93 8.73 -9.90
N GLU B 64 -9.69 8.05 -9.03
CA GLU B 64 -10.66 8.70 -8.11
C GLU B 64 -10.29 10.03 -7.40
N LEU B 65 -9.31 9.94 -6.48
CA LEU B 65 -9.32 10.77 -5.26
C LEU B 65 -8.90 12.25 -5.39
N VAL B 66 -7.81 12.50 -6.09
CA VAL B 66 -7.61 13.74 -6.94
C VAL B 66 -8.70 14.89 -7.05
N ALA A 1 0.93 5.16 21.01
CA ALA A 1 -0.32 5.94 21.19
C ALA A 1 -1.38 5.68 20.08
N ARG A 2 -2.66 5.55 20.45
CA ARG A 2 -3.76 5.27 19.49
C ARG A 2 -4.40 6.55 18.87
N ASP A 3 -3.67 7.18 17.94
CA ASP A 3 -4.17 8.30 17.09
C ASP A 3 -3.40 8.33 15.73
N ASP A 4 -2.19 8.89 15.69
CA ASP A 4 -1.29 8.79 14.52
C ASP A 4 0.20 8.53 14.90
N PRO A 5 0.58 7.27 15.28
CA PRO A 5 1.98 6.90 15.60
C PRO A 5 2.89 6.55 14.37
N HIS A 6 4.19 6.47 14.68
CA HIS A 6 5.30 6.47 13.69
C HIS A 6 5.98 5.07 13.57
N PHE A 7 6.43 4.68 12.36
CA PHE A 7 7.69 3.90 12.22
C PHE A 7 8.54 4.42 11.01
N ASN A 8 9.88 4.29 11.09
CA ASN A 8 10.76 4.54 9.92
C ASN A 8 10.65 3.40 8.85
N PHE A 9 9.63 3.46 7.97
CA PHE A 9 9.56 2.61 6.77
C PHE A 9 10.73 2.90 5.79
N ARG A 10 11.09 1.81 5.16
CA ARG A 10 12.43 1.58 4.64
C ARG A 10 12.22 0.80 3.32
N MET A 11 12.50 1.45 2.20
CA MET A 11 12.14 0.89 0.88
C MET A 11 13.40 0.59 0.01
N PRO A 12 13.75 -0.68 -0.38
CA PRO A 12 14.60 -0.95 -1.58
C PRO A 12 14.30 -0.09 -2.84
N MET A 13 15.34 0.35 -3.57
CA MET A 13 15.22 1.52 -4.47
C MET A 13 14.14 1.48 -5.61
N GLU A 14 13.79 0.30 -6.12
CA GLU A 14 12.52 0.08 -6.87
C GLU A 14 11.18 0.43 -6.14
N VAL A 15 10.88 -0.07 -4.91
CA VAL A 15 9.70 0.38 -4.11
C VAL A 15 9.70 1.88 -3.81
N ARG A 16 10.79 2.48 -3.32
CA ARG A 16 10.81 3.92 -3.11
C ARG A 16 10.88 4.78 -4.38
N GLU A 17 11.59 4.46 -5.47
CA GLU A 17 11.33 5.16 -6.74
C GLU A 17 9.88 4.94 -7.29
N LYS A 18 9.26 3.75 -7.20
CA LYS A 18 7.83 3.59 -7.62
C LYS A 18 6.72 4.16 -6.67
N LEU A 19 6.88 4.08 -5.35
CA LEU A 19 6.05 4.80 -4.35
C LEU A 19 6.33 6.35 -4.24
N LYS A 20 7.59 6.82 -4.39
CA LYS A 20 7.98 8.22 -4.32
C LYS A 20 7.94 8.97 -5.70
N PHE A 21 8.19 8.33 -6.88
CA PHE A 21 7.63 8.81 -8.18
C PHE A 21 6.10 8.86 -8.12
N ARG A 22 5.28 7.81 -8.03
CA ARG A 22 3.84 7.98 -7.67
C ARG A 22 3.45 9.21 -6.72
N ALA A 23 4.21 9.49 -5.65
CA ALA A 23 4.21 10.82 -4.99
C ALA A 23 4.63 12.07 -5.88
N GLU A 24 5.93 12.22 -6.24
CA GLU A 24 6.47 13.30 -7.12
C GLU A 24 5.96 13.38 -8.62
N ALA A 25 5.98 12.26 -9.35
CA ALA A 25 5.18 12.01 -10.59
C ALA A 25 3.70 12.52 -10.63
N ASN A 26 2.90 12.23 -9.58
CA ASN A 26 1.41 12.13 -9.69
C ASN A 26 0.57 13.03 -8.71
N GLY A 27 1.16 13.71 -7.70
CA GLY A 27 0.47 14.72 -6.85
C GLY A 27 0.28 14.43 -5.34
N ARG A 28 1.19 13.68 -4.71
CA ARG A 28 1.20 13.44 -3.24
C ARG A 28 2.69 13.51 -2.74
N SER A 29 2.93 13.42 -1.42
CA SER A 29 4.33 13.48 -0.87
C SER A 29 4.45 12.31 0.14
N MET A 30 5.24 11.26 -0.09
CA MET A 30 4.82 9.86 0.24
C MET A 30 4.16 9.51 1.61
N ASN A 31 4.45 10.16 2.73
CA ASN A 31 3.53 10.10 3.89
C ASN A 31 2.03 10.46 3.53
N SER A 32 1.75 11.60 2.84
CA SER A 32 0.66 11.70 1.82
C SER A 32 0.54 10.53 0.79
N GLU A 33 1.45 10.29 -0.15
CA GLU A 33 1.15 9.32 -1.26
C GLU A 33 1.05 7.83 -0.93
N LEU A 34 2.11 7.29 -0.31
CA LEU A 34 2.06 5.97 0.27
C LEU A 34 0.80 5.91 1.23
N LEU A 35 0.30 6.95 1.97
CA LEU A 35 -1.07 6.86 2.57
C LEU A 35 -2.24 6.82 1.56
N GLN A 36 -2.26 7.69 0.56
CA GLN A 36 -3.33 7.70 -0.46
C GLN A 36 -3.46 6.39 -1.29
N ILE A 37 -2.36 5.79 -1.78
CA ILE A 37 -2.37 4.33 -2.10
C ILE A 37 -2.66 3.36 -0.90
N VAL A 38 -2.08 3.46 0.30
CA VAL A 38 -2.16 2.43 1.40
C VAL A 38 -3.60 2.37 2.04
N GLN A 39 -4.19 3.56 2.34
CA GLN A 39 -5.65 3.75 2.51
C GLN A 39 -6.47 3.29 1.27
N ASP A 40 -6.08 3.63 0.01
CA ASP A 40 -6.49 2.80 -1.17
C ASP A 40 -6.30 1.24 -1.11
N ALA A 41 -5.23 0.77 -0.46
CA ALA A 41 -4.77 -0.61 -0.56
C ALA A 41 -5.63 -1.55 0.32
N LEU A 42 -5.48 -1.42 1.63
CA LEU A 42 -6.36 -2.10 2.61
C LEU A 42 -7.72 -1.41 3.00
N SER A 43 -8.24 -0.42 2.24
CA SER A 43 -9.70 -0.11 2.24
C SER A 43 -10.50 -0.37 0.93
N LYS A 44 -9.97 -0.19 -0.32
CA LYS A 44 -10.86 0.20 -1.46
C LYS A 44 -11.45 -0.86 -2.49
N PRO A 45 -10.90 -2.05 -2.84
CA PRO A 45 -11.41 -2.85 -4.00
C PRO A 45 -12.66 -3.78 -3.76
N SER A 46 -13.72 -3.48 -4.52
CA SER A 46 -14.42 -4.54 -5.29
C SER A 46 -13.63 -5.01 -6.57
N PRO A 47 -13.77 -6.25 -7.12
CA PRO A 47 -13.13 -6.63 -8.41
C PRO A 47 -13.76 -5.91 -9.66
N VAL A 48 -13.14 -4.81 -10.12
CA VAL A 48 -13.73 -3.91 -11.14
C VAL A 48 -13.05 -4.09 -12.54
N THR A 49 -13.80 -3.80 -13.62
CA THR A 49 -13.22 -3.32 -14.91
C THR A 49 -12.33 -4.33 -15.70
N GLY A 50 -11.59 -3.76 -16.64
CA GLY A 50 -10.75 -4.49 -17.65
C GLY A 50 -9.36 -4.98 -17.19
N TYR A 51 -8.57 -4.11 -16.56
CA TYR A 51 -7.28 -4.50 -15.90
C TYR A 51 -7.34 -5.34 -14.55
N ARG A 52 -8.38 -6.17 -14.36
CA ARG A 52 -8.44 -7.36 -13.44
C ARG A 52 -9.24 -7.32 -12.06
N ASN A 53 -8.78 -7.18 -10.80
CA ASN A 53 -7.59 -6.40 -10.36
C ASN A 53 -6.34 -7.25 -9.88
N ASP A 54 -5.31 -6.56 -9.31
CA ASP A 54 -4.52 -7.02 -8.13
C ASP A 54 -4.56 -6.23 -6.76
N ALA A 55 -5.61 -5.44 -6.66
CA ALA A 55 -6.40 -5.24 -5.44
C ALA A 55 -7.71 -6.14 -5.22
N GLU A 56 -8.27 -6.77 -6.27
CA GLU A 56 -8.62 -8.22 -6.25
C GLU A 56 -7.42 -9.17 -5.80
N ARG A 57 -6.16 -8.77 -5.91
CA ARG A 57 -5.07 -9.42 -5.13
C ARG A 57 -5.00 -8.97 -3.60
N LEU A 58 -5.78 -7.95 -3.28
CA LEU A 58 -6.41 -7.69 -1.96
C LEU A 58 -7.44 -8.84 -1.52
N ALA A 59 -8.04 -9.59 -2.46
CA ALA A 59 -8.22 -11.09 -2.24
C ALA A 59 -6.96 -11.98 -1.89
N ASP A 60 -5.78 -11.52 -2.19
CA ASP A 60 -4.56 -11.71 -1.29
C ASP A 60 -4.33 -10.92 0.04
N GLU A 61 -5.23 -10.02 0.36
CA GLU A 61 -5.81 -10.02 1.76
C GLU A 61 -6.54 -11.35 2.20
N GLN A 62 -7.07 -12.18 1.27
CA GLN A 62 -7.42 -13.61 1.54
C GLN A 62 -6.17 -14.50 1.76
N SER A 63 -5.10 -14.49 0.94
CA SER A 63 -3.70 -14.89 1.37
C SER A 63 -3.37 -14.67 2.87
N GLU A 64 -3.64 -13.45 3.29
CA GLU A 64 -3.18 -12.93 4.56
C GLU A 64 -4.07 -13.29 5.81
N LEU A 65 -5.41 -13.47 5.71
CA LEU A 65 -6.14 -14.43 6.61
C LEU A 65 -5.68 -15.94 6.58
N VAL A 66 -5.21 -16.49 5.43
CA VAL A 66 -4.72 -17.91 5.35
C VAL A 66 -3.34 -18.10 6.11
N ALA B 1 25.09 -2.37 -4.01
CA ALA B 1 24.83 -0.93 -3.81
C ALA B 1 23.86 -0.63 -2.62
N ARG B 2 24.23 0.33 -1.77
CA ARG B 2 23.38 0.76 -0.61
C ARG B 2 22.35 1.85 -1.02
N ASP B 3 21.22 1.44 -1.60
CA ASP B 3 20.13 2.35 -2.06
C ASP B 3 18.79 1.82 -1.48
N ASP B 4 18.51 2.16 -0.21
CA ASP B 4 17.28 1.72 0.49
C ASP B 4 16.90 2.72 1.65
N PRO B 5 16.05 3.77 1.48
CA PRO B 5 15.98 4.89 2.44
C PRO B 5 14.87 4.74 3.51
N HIS B 6 15.24 5.14 4.74
CA HIS B 6 14.29 5.27 5.87
C HIS B 6 13.52 6.63 5.80
N PHE B 7 12.19 6.62 5.61
CA PHE B 7 11.34 7.79 5.97
C PHE B 7 10.30 7.37 7.06
N ASN B 8 9.89 8.31 7.92
CA ASN B 8 8.76 8.06 8.86
C ASN B 8 7.38 7.94 8.14
N PHE B 9 6.98 6.71 7.75
CA PHE B 9 5.57 6.38 7.60
C PHE B 9 4.93 6.14 9.01
N ARG B 10 3.68 6.52 9.07
CA ARG B 10 3.14 7.39 10.15
C ARG B 10 1.66 7.64 9.81
N MET B 11 0.74 6.96 10.48
CA MET B 11 -0.60 6.72 9.87
C MET B 11 -1.80 7.02 10.83
N PRO B 12 -2.92 7.70 10.41
CA PRO B 12 -4.16 7.77 11.25
C PRO B 12 -4.77 6.37 11.59
N MET B 13 -5.50 6.32 12.71
CA MET B 13 -5.53 5.08 13.55
C MET B 13 -6.08 3.77 12.91
N GLU B 14 -7.12 3.85 12.07
CA GLU B 14 -7.53 2.71 11.22
C GLU B 14 -6.48 2.22 10.16
N VAL B 15 -5.72 3.06 9.44
CA VAL B 15 -4.59 2.59 8.56
C VAL B 15 -3.48 1.90 9.38
N ARG B 16 -2.95 2.48 10.48
CA ARG B 16 -1.96 1.72 11.27
C ARG B 16 -2.51 0.53 12.08
N GLU B 17 -3.71 0.52 12.67
CA GLU B 17 -4.30 -0.78 13.09
C GLU B 17 -4.60 -1.76 11.92
N LYS B 18 -5.10 -1.33 10.75
CA LYS B 18 -5.19 -2.21 9.56
C LYS B 18 -3.83 -2.70 8.97
N LEU B 19 -2.84 -1.83 8.74
CA LEU B 19 -1.45 -2.20 8.30
C LEU B 19 -0.64 -3.01 9.38
N LYS B 20 -0.75 -2.65 10.66
CA LYS B 20 -0.07 -3.30 11.79
C LYS B 20 -0.80 -4.56 12.34
N PHE B 21 -2.16 -4.67 12.31
CA PHE B 21 -2.85 -5.99 12.31
C PHE B 21 -2.47 -6.79 11.07
N ARG B 22 -2.87 -6.57 9.81
CA ARG B 22 -2.26 -7.24 8.61
C ARG B 22 -0.85 -7.92 8.82
N ALA B 23 0.16 -7.14 9.25
CA ALA B 23 1.37 -7.63 9.95
C ALA B 23 1.28 -8.53 11.25
N GLU B 24 0.89 -8.01 12.42
CA GLU B 24 0.71 -8.77 13.71
C GLU B 24 -0.45 -9.83 13.78
N ALA B 25 -1.62 -9.53 13.18
CA ALA B 25 -2.61 -10.53 12.71
C ALA B 25 -2.03 -11.85 12.03
N ASN B 26 -1.07 -11.70 11.09
CA ASN B 26 -0.52 -12.83 10.28
C ASN B 26 0.88 -13.41 10.72
N GLY B 27 1.87 -12.52 10.95
CA GLY B 27 3.32 -12.87 10.90
C GLY B 27 4.20 -12.14 9.84
N ARG B 28 4.00 -10.84 9.58
CA ARG B 28 4.87 -10.04 8.67
C ARG B 28 5.09 -8.68 9.36
N SER B 29 6.18 -8.41 10.07
CA SER B 29 6.19 -7.27 11.04
C SER B 29 6.31 -5.94 10.22
N MET B 30 5.47 -4.90 10.38
CA MET B 30 5.06 -4.05 9.22
C MET B 30 6.15 -3.57 8.22
N ASN B 31 7.36 -3.12 8.56
CA ASN B 31 8.42 -2.99 7.51
C ASN B 31 8.59 -4.24 6.54
N SER B 32 8.51 -5.49 7.05
CA SER B 32 7.98 -6.66 6.29
C SER B 32 6.53 -6.60 5.70
N GLU B 33 5.40 -6.54 6.44
CA GLU B 33 4.04 -6.53 5.77
C GLU B 33 3.75 -5.27 4.93
N LEU B 34 3.82 -4.06 5.51
CA LEU B 34 3.86 -2.77 4.79
C LEU B 34 4.70 -2.92 3.51
N LEU B 35 5.97 -3.43 3.49
CA LEU B 35 6.65 -3.64 2.19
C LEU B 35 5.98 -4.65 1.25
N GLN B 36 5.72 -5.85 1.74
CA GLN B 36 5.07 -6.91 0.93
C GLN B 36 3.59 -6.61 0.46
N ILE B 37 2.76 -5.89 1.22
CA ILE B 37 1.52 -5.22 0.72
C ILE B 37 1.77 -3.96 -0.19
N VAL B 38 2.83 -3.16 -0.05
CA VAL B 38 3.14 -1.92 -0.84
C VAL B 38 3.80 -2.26 -2.23
N GLN B 39 4.84 -3.13 -2.19
CA GLN B 39 5.18 -4.06 -3.30
C GLN B 39 3.95 -4.84 -3.86
N ASP B 40 3.00 -5.36 -3.05
CA ASP B 40 1.60 -5.62 -3.53
C ASP B 40 0.90 -4.43 -4.23
N ALA B 41 0.85 -3.29 -3.54
CA ALA B 41 -0.21 -2.30 -3.76
C ALA B 41 -0.10 -1.46 -5.08
N LEU B 42 1.13 -1.18 -5.49
CA LEU B 42 1.44 -0.86 -6.92
C LEU B 42 2.14 -1.95 -7.80
N SER B 43 2.66 -3.09 -7.28
CA SER B 43 3.45 -4.04 -8.13
C SER B 43 3.27 -5.59 -7.97
N LYS B 44 2.36 -6.22 -7.16
CA LYS B 44 2.44 -7.73 -7.04
C LYS B 44 2.14 -8.53 -8.39
N PRO B 45 2.87 -9.64 -8.76
CA PRO B 45 3.00 -10.09 -10.18
C PRO B 45 1.75 -10.21 -11.10
N SER B 46 1.86 -9.62 -12.29
CA SER B 46 0.68 -9.25 -13.11
C SER B 46 0.86 -9.53 -14.64
N PRO B 47 0.33 -10.64 -15.25
CA PRO B 47 -0.41 -11.72 -14.55
C PRO B 47 0.47 -12.81 -13.84
N VAL B 48 0.03 -13.33 -12.67
CA VAL B 48 0.21 -14.79 -12.36
C VAL B 48 -0.81 -15.70 -13.16
N THR B 49 -2.06 -15.23 -13.32
CA THR B 49 -3.27 -16.06 -13.57
C THR B 49 -4.44 -15.12 -13.99
N GLY B 50 -4.94 -14.45 -12.98
CA GLY B 50 -5.67 -13.17 -13.11
C GLY B 50 -6.46 -12.73 -11.85
N TYR B 51 -6.00 -12.02 -10.81
CA TYR B 51 -4.58 -11.75 -10.44
C TYR B 51 -3.69 -10.94 -11.47
N ARG B 52 -4.01 -9.66 -11.69
CA ARG B 52 -3.20 -8.72 -12.54
C ARG B 52 -3.48 -7.26 -12.08
N ASN B 53 -2.54 -6.49 -11.48
CA ASN B 53 -2.87 -5.15 -10.89
C ASN B 53 -3.18 -4.11 -11.98
N ASP B 54 -4.36 -3.47 -12.08
CA ASP B 54 -5.49 -3.43 -11.08
C ASP B 54 -5.14 -2.82 -9.68
N ALA B 55 -3.94 -2.31 -9.53
CA ALA B 55 -3.36 -1.68 -8.32
C ALA B 55 -2.82 -0.23 -8.59
N GLU B 56 -2.14 -0.06 -9.73
CA GLU B 56 -2.78 0.41 -11.00
C GLU B 56 -4.35 0.71 -11.17
N ARG B 57 -5.29 -0.03 -10.57
CA ARG B 57 -6.65 0.41 -10.15
C ARG B 57 -6.59 1.49 -9.04
N LEU B 58 -5.79 1.21 -8.00
CA LEU B 58 -5.52 2.30 -6.99
C LEU B 58 -4.87 3.60 -7.60
N ALA B 59 -4.15 3.51 -8.76
CA ALA B 59 -4.30 4.52 -9.85
C ALA B 59 -5.76 4.91 -10.17
N ASP B 60 -6.54 4.26 -11.05
CA ASP B 60 -7.75 4.97 -11.58
C ASP B 60 -8.96 5.25 -10.63
N GLU B 61 -8.92 4.73 -9.41
CA GLU B 61 -9.71 5.30 -8.29
C GLU B 61 -9.04 6.51 -7.58
N GLN B 62 -7.76 6.48 -7.12
CA GLN B 62 -7.16 7.71 -6.55
C GLN B 62 -6.76 8.64 -7.71
N SER B 63 -5.74 8.29 -8.51
CA SER B 63 -5.51 8.83 -9.88
C SER B 63 -6.54 8.47 -11.02
N GLU B 64 -7.86 8.52 -10.75
CA GLU B 64 -8.79 9.40 -11.52
C GLU B 64 -9.95 10.09 -10.70
N LEU B 65 -9.94 10.17 -9.36
CA LEU B 65 -10.85 11.08 -8.58
C LEU B 65 -10.15 12.36 -7.97
N VAL B 66 -8.89 12.22 -7.52
CA VAL B 66 -7.80 13.25 -7.63
C VAL B 66 -7.94 14.62 -8.38
N ALA A 1 -6.58 14.79 20.07
CA ALA A 1 -5.70 13.77 20.66
C ALA A 1 -4.52 13.34 19.73
N ARG A 2 -3.31 13.17 20.29
CA ARG A 2 -2.09 12.79 19.51
C ARG A 2 -2.01 11.24 19.23
N ASP A 3 -2.83 10.73 18.30
CA ASP A 3 -2.88 9.29 17.94
C ASP A 3 -2.62 9.19 16.40
N ASP A 4 -1.35 9.35 15.99
CA ASP A 4 -0.94 9.24 14.58
C ASP A 4 0.58 8.84 14.48
N PRO A 5 1.03 7.55 14.61
CA PRO A 5 2.40 7.26 15.09
C PRO A 5 3.42 6.96 13.95
N HIS A 6 4.66 7.39 14.22
CA HIS A 6 5.82 7.12 13.35
C HIS A 6 6.34 5.66 13.48
N PHE A 7 6.59 4.98 12.35
CA PHE A 7 7.69 3.97 12.28
C PHE A 7 8.53 4.18 10.98
N ASN A 8 9.80 3.75 11.03
CA ASN A 8 10.67 3.64 9.83
C ASN A 8 10.15 2.68 8.70
N PHE A 9 9.30 3.16 7.78
CA PHE A 9 9.07 2.48 6.50
C PHE A 9 10.21 2.84 5.48
N ARG A 10 10.55 1.81 4.76
CA ARG A 10 11.91 1.53 4.25
C ARG A 10 11.81 0.42 3.19
N MET A 11 12.25 0.72 1.98
CA MET A 11 11.63 0.12 0.78
C MET A 11 12.71 -0.40 -0.21
N PRO A 12 12.80 -1.73 -0.58
CA PRO A 12 13.53 -2.18 -1.79
C PRO A 12 13.24 -1.36 -3.09
N MET A 13 14.25 -1.20 -3.95
CA MET A 13 14.31 0.01 -4.82
C MET A 13 13.18 0.22 -5.90
N GLU A 14 12.57 -0.86 -6.40
CA GLU A 14 11.25 -0.78 -7.08
C GLU A 14 10.03 -0.34 -6.19
N VAL A 15 9.81 -0.81 -4.95
CA VAL A 15 8.73 -0.27 -4.06
C VAL A 15 8.89 1.23 -3.77
N ARG A 16 10.07 1.73 -3.38
CA ARG A 16 10.24 3.18 -3.23
C ARG A 16 10.26 3.99 -4.53
N GLU A 17 10.88 3.58 -5.64
CA GLU A 17 10.58 4.27 -6.92
C GLU A 17 9.09 4.16 -7.37
N LYS A 18 8.38 3.05 -7.18
CA LYS A 18 6.92 2.96 -7.41
C LYS A 18 6.05 3.80 -6.41
N LEU A 19 6.22 3.66 -5.09
CA LEU A 19 5.55 4.49 -4.07
C LEU A 19 5.92 6.01 -4.07
N LYS A 20 7.21 6.33 -4.29
CA LYS A 20 7.73 7.71 -4.31
C LYS A 20 7.65 8.39 -5.72
N PHE A 21 7.65 7.66 -6.87
CA PHE A 21 7.13 8.21 -8.17
C PHE A 21 5.63 8.41 -8.10
N ARG A 22 4.72 7.43 -7.99
CA ARG A 22 3.30 7.69 -7.59
C ARG A 22 3.09 8.99 -6.67
N ALA A 23 3.92 9.21 -5.62
CA ALA A 23 4.13 10.55 -4.99
C ALA A 23 4.69 11.71 -5.91
N GLU A 24 5.98 11.72 -6.27
CA GLU A 24 6.64 12.77 -7.12
C GLU A 24 6.25 12.85 -8.64
N ALA A 25 6.06 11.72 -9.32
CA ALA A 25 5.26 11.58 -10.56
C ALA A 25 3.89 12.36 -10.59
N ASN A 26 3.01 12.21 -9.55
CA ASN A 26 1.71 12.96 -9.47
C ASN A 26 1.79 14.41 -8.87
N GLY A 27 2.47 14.58 -7.73
CA GLY A 27 2.26 15.74 -6.80
C GLY A 27 1.80 15.45 -5.34
N ARG A 28 2.10 14.27 -4.77
CA ARG A 28 1.97 13.97 -3.31
C ARG A 28 3.41 13.71 -2.76
N SER A 29 3.60 13.85 -1.45
CA SER A 29 4.95 13.66 -0.84
C SER A 29 4.79 12.42 0.06
N MET A 30 5.43 11.27 -0.19
CA MET A 30 4.89 9.93 0.23
C MET A 30 4.15 9.76 1.59
N ASN A 31 4.58 10.35 2.70
CA ASN A 31 3.67 10.45 3.87
C ASN A 31 2.20 10.96 3.56
N SER A 32 2.04 12.06 2.78
CA SER A 32 0.94 12.20 1.77
C SER A 32 0.65 11.01 0.81
N GLU A 33 1.43 10.73 -0.26
CA GLU A 33 0.98 9.72 -1.27
C GLU A 33 0.79 8.25 -0.78
N LEU A 34 1.88 7.67 -0.22
CA LEU A 34 1.86 6.41 0.51
C LEU A 34 0.66 6.45 1.50
N LEU A 35 0.26 7.51 2.28
CA LEU A 35 -1.09 7.48 2.93
C LEU A 35 -2.31 7.40 1.99
N GLN A 36 -2.34 8.24 0.97
CA GLN A 36 -3.47 8.27 0.00
C GLN A 36 -3.71 6.97 -0.81
N ILE A 37 -2.65 6.31 -1.30
CA ILE A 37 -2.74 4.89 -1.68
C ILE A 37 -2.94 3.87 -0.51
N VAL A 38 -2.41 4.01 0.70
CA VAL A 38 -2.50 3.00 1.81
C VAL A 38 -3.91 2.97 2.49
N GLN A 39 -4.45 4.16 2.83
CA GLN A 39 -5.91 4.38 2.99
C GLN A 39 -6.75 3.88 1.77
N ASP A 40 -6.33 4.20 0.52
CA ASP A 40 -6.79 3.40 -0.66
C ASP A 40 -6.56 1.85 -0.69
N ALA A 41 -5.45 1.35 -0.12
CA ALA A 41 -4.95 -0.03 -0.32
C ALA A 41 -5.71 -1.12 0.48
N LEU A 42 -5.85 -0.85 1.78
CA LEU A 42 -6.81 -1.58 2.64
C LEU A 42 -8.28 -1.00 2.78
N SER A 43 -8.67 0.11 2.11
CA SER A 43 -10.12 0.50 2.01
C SER A 43 -10.59 1.00 0.60
N LYS A 44 -10.22 0.34 -0.53
CA LYS A 44 -10.78 0.73 -1.87
C LYS A 44 -12.33 0.56 -2.14
N PRO A 45 -12.97 -0.65 -2.20
CA PRO A 45 -14.02 -0.91 -3.22
C PRO A 45 -15.48 -0.48 -2.89
N SER A 46 -15.86 0.69 -3.42
CA SER A 46 -17.11 0.81 -4.20
C SER A 46 -16.87 1.03 -5.74
N PRO A 47 -16.14 2.05 -6.30
CA PRO A 47 -16.13 2.30 -7.77
C PRO A 47 -15.09 1.50 -8.62
N VAL A 48 -15.16 0.18 -8.54
CA VAL A 48 -14.24 -0.74 -9.31
C VAL A 48 -14.68 -0.92 -10.81
N THR A 49 -15.90 -1.43 -11.07
CA THR A 49 -16.65 -1.24 -12.36
C THR A 49 -15.88 -1.24 -13.75
N GLY A 50 -15.12 -2.30 -14.00
CA GLY A 50 -14.09 -2.32 -15.09
C GLY A 50 -12.70 -2.85 -14.70
N TYR A 51 -12.15 -2.43 -13.55
CA TYR A 51 -10.83 -2.92 -13.07
C TYR A 51 -10.85 -4.42 -12.63
N ARG A 52 -10.35 -5.29 -13.51
CA ARG A 52 -9.99 -6.71 -13.14
C ARG A 52 -8.75 -6.92 -12.16
N ASN A 53 -8.52 -6.02 -11.18
CA ASN A 53 -7.59 -6.18 -10.03
C ASN A 53 -7.99 -5.22 -8.84
N ASP A 54 -7.55 -5.26 -7.58
CA ASP A 54 -6.53 -6.16 -7.00
C ASP A 54 -7.15 -7.56 -6.73
N ALA A 55 -6.96 -8.38 -7.75
CA ALA A 55 -7.75 -9.58 -8.04
C ALA A 55 -7.04 -10.80 -7.42
N GLU A 56 -6.24 -11.47 -8.22
CA GLU A 56 -4.76 -11.44 -8.17
C GLU A 56 -3.93 -10.58 -7.17
N ARG A 57 -3.98 -9.25 -7.14
CA ARG A 57 -3.21 -8.45 -6.16
C ARG A 57 -3.73 -8.54 -4.68
N LEU A 58 -5.05 -8.60 -4.43
CA LEU A 58 -5.56 -9.01 -3.09
C LEU A 58 -5.88 -10.57 -2.96
N ALA A 59 -5.62 -11.36 -4.01
CA ALA A 59 -5.01 -12.71 -3.91
C ALA A 59 -3.56 -12.80 -3.34
N ASP A 60 -2.70 -11.78 -3.52
CA ASP A 60 -1.57 -11.59 -2.59
C ASP A 60 -1.96 -11.20 -1.14
N GLU A 61 -3.10 -10.49 -0.94
CA GLU A 61 -3.77 -10.53 0.40
C GLU A 61 -3.99 -12.00 0.91
N GLN A 62 -4.54 -12.92 0.10
CA GLN A 62 -4.52 -14.37 0.34
C GLN A 62 -3.08 -14.90 0.60
N SER A 63 -2.05 -14.69 -0.25
CA SER A 63 -0.60 -14.82 0.16
C SER A 63 -0.10 -14.31 1.56
N GLU A 64 -0.74 -13.27 2.05
CA GLU A 64 -0.58 -12.74 3.41
C GLU A 64 -1.58 -13.32 4.51
N LEU A 65 -2.55 -14.18 4.16
CA LEU A 65 -3.50 -14.93 5.07
C LEU A 65 -3.79 -16.42 4.57
N VAL A 66 -2.74 -17.15 4.17
CA VAL A 66 -2.79 -18.47 3.44
C VAL A 66 -2.22 -19.67 4.28
N ALA B 1 23.46 -5.04 -4.66
CA ALA B 1 22.22 -4.24 -4.80
C ALA B 1 22.12 -2.99 -3.86
N ARG B 2 22.29 -3.14 -2.54
CA ARG B 2 22.34 -2.02 -1.54
C ARG B 2 21.44 -0.74 -1.68
N ASP B 3 20.15 -0.96 -1.96
CA ASP B 3 19.19 0.15 -2.20
C ASP B 3 17.82 -0.11 -1.50
N ASP B 4 17.80 0.08 -0.18
CA ASP B 4 16.56 0.44 0.57
C ASP B 4 16.76 1.64 1.54
N PRO B 5 16.89 2.91 1.05
CA PRO B 5 16.50 4.11 1.83
C PRO B 5 15.00 4.23 2.24
N HIS B 6 14.74 5.26 3.04
CA HIS B 6 13.64 5.21 4.04
C HIS B 6 13.05 6.59 4.43
N PHE B 7 11.83 6.56 4.97
CA PHE B 7 11.29 7.68 5.77
C PHE B 7 10.45 7.10 6.95
N ASN B 8 10.29 7.88 8.02
CA ASN B 8 9.37 7.48 9.12
C ASN B 8 7.87 7.70 8.71
N PHE B 9 7.23 6.70 8.05
CA PHE B 9 5.78 6.73 7.78
C PHE B 9 4.96 6.72 9.11
N ARG B 10 3.90 7.49 9.03
CA ARG B 10 3.33 8.25 10.16
C ARG B 10 1.79 8.34 9.97
N MET B 11 1.07 7.44 10.62
CA MET B 11 -0.29 7.04 10.15
C MET B 11 -1.40 7.48 11.16
N PRO B 12 -2.41 8.36 10.84
CA PRO B 12 -3.66 8.51 11.67
C PRO B 12 -4.31 7.20 12.20
N MET B 13 -4.81 7.19 13.44
CA MET B 13 -5.00 5.90 14.19
C MET B 13 -5.92 4.79 13.58
N GLU B 14 -6.90 5.14 12.74
CA GLU B 14 -7.51 4.15 11.81
C GLU B 14 -6.54 3.52 10.76
N VAL B 15 -5.75 4.27 9.97
CA VAL B 15 -4.72 3.69 9.05
C VAL B 15 -3.69 2.84 9.80
N ARG B 16 -3.01 3.31 10.85
CA ARG B 16 -2.06 2.43 11.56
C ARG B 16 -2.68 1.27 12.35
N GLU B 17 -3.88 1.36 12.97
CA GLU B 17 -4.54 0.10 13.42
C GLU B 17 -4.96 -0.84 12.25
N LYS B 18 -5.56 -0.34 11.17
CA LYS B 18 -5.72 -1.09 9.91
C LYS B 18 -4.41 -1.70 9.31
N LEU B 19 -3.36 -0.92 9.05
CA LEU B 19 -2.08 -1.39 8.49
C LEU B 19 -1.17 -2.23 9.45
N LYS B 20 -1.18 -1.95 10.76
CA LYS B 20 -0.50 -2.74 11.79
C LYS B 20 -1.35 -3.94 12.34
N PHE B 21 -2.70 -3.97 12.25
CA PHE B 21 -3.49 -5.22 12.25
C PHE B 21 -3.20 -6.06 10.99
N ARG B 22 -3.52 -5.68 9.75
CA ARG B 22 -2.87 -6.25 8.52
C ARG B 22 -1.44 -6.92 8.75
N ALA B 23 -0.47 -6.20 9.36
CA ALA B 23 0.66 -6.83 10.12
C ALA B 23 0.37 -7.86 11.28
N GLU B 24 -0.03 -7.41 12.48
CA GLU B 24 -0.25 -8.28 13.68
C GLU B 24 -1.53 -9.20 13.73
N ALA B 25 -2.66 -8.77 13.17
CA ALA B 25 -3.74 -9.65 12.65
C ALA B 25 -3.28 -10.87 11.75
N ASN B 26 -2.47 -10.64 10.68
CA ASN B 26 -1.99 -11.76 9.82
C ASN B 26 -0.73 -12.52 10.38
N GLY B 27 0.37 -11.81 10.64
CA GLY B 27 1.73 -12.38 10.90
C GLY B 27 2.95 -11.85 10.09
N ARG B 28 2.94 -10.59 9.61
CA ARG B 28 4.18 -9.85 9.21
C ARG B 28 4.26 -8.62 10.17
N SER B 29 5.40 -7.93 10.23
CA SER B 29 5.63 -6.83 11.21
C SER B 29 5.81 -5.55 10.36
N MET B 30 4.91 -4.56 10.40
CA MET B 30 4.59 -3.69 9.22
C MET B 30 5.69 -3.25 8.21
N ASN B 31 6.92 -2.91 8.62
CA ASN B 31 8.04 -2.87 7.64
C ASN B 31 8.15 -4.15 6.71
N SER B 32 8.15 -5.37 7.29
CA SER B 32 7.52 -6.57 6.67
C SER B 32 6.06 -6.44 6.11
N GLU B 33 4.97 -6.29 6.88
CA GLU B 33 3.59 -6.40 6.28
C GLU B 33 3.04 -5.23 5.43
N LEU B 34 3.11 -4.00 5.97
CA LEU B 34 2.99 -2.77 5.16
C LEU B 34 3.94 -2.95 3.91
N LEU B 35 5.18 -3.52 3.87
CA LEU B 35 5.81 -3.88 2.55
C LEU B 35 5.07 -4.99 1.77
N GLN B 36 4.79 -6.14 2.35
CA GLN B 36 4.11 -7.26 1.61
C GLN B 36 2.69 -6.94 1.07
N ILE B 37 1.89 -6.13 1.76
CA ILE B 37 0.74 -5.44 1.11
C ILE B 37 1.12 -4.27 0.16
N VAL B 38 2.06 -3.35 0.40
CA VAL B 38 2.41 -2.17 -0.47
C VAL B 38 3.15 -2.59 -1.79
N GLN B 39 4.20 -3.43 -1.65
CA GLN B 39 4.67 -4.32 -2.74
C GLN B 39 3.50 -5.08 -3.39
N ASP B 40 2.59 -5.78 -2.65
CA ASP B 40 1.27 -6.15 -3.24
C ASP B 40 0.52 -5.07 -4.06
N ALA B 41 0.38 -3.91 -3.41
CA ALA B 41 -0.62 -2.91 -3.75
C ALA B 41 -0.28 -1.97 -4.96
N LEU B 42 1.02 -1.75 -5.20
CA LEU B 42 1.54 -1.31 -6.53
C LEU B 42 2.62 -2.18 -7.23
N SER B 43 2.60 -3.50 -7.02
CA SER B 43 2.17 -4.49 -8.07
C SER B 43 2.88 -5.87 -7.84
N LYS B 44 2.63 -6.61 -6.72
CA LYS B 44 3.52 -7.83 -6.43
C LYS B 44 3.04 -9.21 -7.02
N PRO B 45 3.80 -9.91 -7.92
CA PRO B 45 3.59 -11.36 -8.19
C PRO B 45 4.18 -12.33 -7.11
N SER B 46 3.38 -13.30 -6.65
CA SER B 46 3.86 -14.40 -5.76
C SER B 46 3.95 -15.76 -6.55
N PRO B 47 3.18 -16.89 -6.41
CA PRO B 47 3.40 -18.12 -7.24
C PRO B 47 2.66 -18.18 -8.62
N VAL B 48 2.92 -17.18 -9.46
CA VAL B 48 2.25 -16.90 -10.78
C VAL B 48 1.85 -18.15 -11.64
N THR B 49 0.63 -18.52 -12.01
CA THR B 49 -0.71 -18.02 -11.51
C THR B 49 -1.31 -16.63 -11.91
N GLY B 50 -0.79 -16.00 -12.96
CA GLY B 50 -1.44 -14.84 -13.65
C GLY B 50 -1.49 -13.44 -13.00
N TYR B 51 -0.50 -13.05 -12.21
CA TYR B 51 -0.45 -11.74 -11.49
C TYR B 51 -0.06 -10.53 -12.42
N ARG B 52 -1.05 -9.86 -13.07
CA ARG B 52 -0.77 -8.66 -13.91
C ARG B 52 -1.99 -7.66 -14.05
N ASN B 53 -2.42 -6.94 -12.99
CA ASN B 53 -3.36 -5.78 -13.11
C ASN B 53 -3.60 -4.94 -11.82
N ASP B 54 -4.22 -3.74 -11.93
CA ASP B 54 -5.13 -3.11 -10.88
C ASP B 54 -4.80 -2.97 -9.34
N ALA B 55 -3.55 -3.21 -9.02
CA ALA B 55 -2.51 -2.15 -9.13
C ALA B 55 -2.84 -0.67 -9.64
N GLU B 56 -2.97 -0.53 -10.97
CA GLU B 56 -3.86 0.44 -11.68
C GLU B 56 -5.32 0.79 -11.19
N ARG B 57 -5.83 0.13 -10.16
CA ARG B 57 -7.07 0.49 -9.40
C ARG B 57 -6.80 1.16 -8.04
N LEU B 58 -5.75 0.78 -7.29
CA LEU B 58 -5.29 1.63 -6.13
C LEU B 58 -4.79 3.06 -6.56
N ALA B 59 -3.95 3.11 -7.62
CA ALA B 59 -4.03 4.20 -8.63
C ALA B 59 -5.35 4.97 -8.85
N ASP B 60 -6.35 4.37 -9.53
CA ASP B 60 -7.51 5.15 -9.97
C ASP B 60 -8.66 5.29 -8.93
N GLU B 61 -8.53 4.77 -7.69
CA GLU B 61 -9.15 5.47 -6.55
C GLU B 61 -8.50 6.84 -6.28
N GLN B 62 -7.19 7.00 -5.92
CA GLN B 62 -6.74 8.38 -5.61
C GLN B 62 -6.59 9.23 -6.88
N SER B 63 -5.63 8.88 -7.71
CA SER B 63 -5.59 9.39 -9.10
C SER B 63 -6.64 8.82 -10.13
N GLU B 64 -7.94 8.74 -9.76
CA GLU B 64 -9.04 9.35 -10.55
C GLU B 64 -9.96 10.33 -9.74
N LEU B 65 -10.22 10.15 -8.42
CA LEU B 65 -11.10 11.07 -7.64
C LEU B 65 -10.47 12.43 -7.18
N VAL B 66 -9.13 12.51 -7.10
CA VAL B 66 -8.31 13.75 -6.89
C VAL B 66 -8.82 15.13 -7.45
N ALA A 1 1.17 6.74 19.83
CA ALA A 1 0.09 7.77 19.84
C ALA A 1 -1.40 7.26 19.81
N ARG A 2 -1.68 6.09 19.20
CA ARG A 2 -3.07 5.56 19.01
C ARG A 2 -4.21 6.52 18.49
N ASP A 3 -3.92 7.23 17.38
CA ASP A 3 -4.94 8.01 16.63
C ASP A 3 -4.46 8.41 15.20
N ASP A 4 -3.23 8.88 15.08
CA ASP A 4 -2.46 8.84 13.79
C ASP A 4 -0.95 8.60 14.13
N PRO A 5 -0.41 7.34 14.20
CA PRO A 5 0.91 7.06 14.83
C PRO A 5 2.05 6.74 13.82
N HIS A 6 3.29 7.10 14.20
CA HIS A 6 4.50 6.90 13.36
C HIS A 6 5.20 5.52 13.58
N PHE A 7 5.66 4.84 12.53
CA PHE A 7 6.91 4.03 12.60
C PHE A 7 7.89 4.42 11.44
N ASN A 8 9.19 4.15 11.61
CA ASN A 8 10.17 4.27 10.48
C ASN A 8 9.98 3.12 9.44
N PHE A 9 9.10 3.32 8.44
CA PHE A 9 9.17 2.57 7.18
C PHE A 9 10.45 2.95 6.38
N ARG A 10 10.87 1.96 5.64
CA ARG A 10 12.30 1.65 5.42
C ARG A 10 12.41 0.64 4.24
N MET A 11 12.74 1.16 3.05
CA MET A 11 12.28 0.52 1.80
C MET A 11 13.45 0.19 0.82
N PRO A 12 13.78 -1.08 0.42
CA PRO A 12 14.70 -1.37 -0.72
C PRO A 12 14.51 -0.50 -2.01
N MET A 13 15.60 -0.20 -2.73
CA MET A 13 15.62 0.94 -3.70
C MET A 13 14.49 0.98 -4.78
N GLU A 14 14.08 -0.17 -5.34
CA GLU A 14 12.84 -0.24 -6.16
C GLU A 14 11.49 0.05 -5.42
N VAL A 15 11.19 -0.44 -4.20
CA VAL A 15 9.95 -0.04 -3.45
C VAL A 15 9.89 1.47 -3.16
N ARG A 16 10.92 2.10 -2.60
CA ARG A 16 10.95 3.55 -2.44
C ARG A 16 11.06 4.35 -3.75
N GLU A 17 11.85 4.01 -4.77
CA GLU A 17 11.65 4.62 -6.11
C GLU A 17 10.22 4.39 -6.72
N LYS A 18 9.61 3.19 -6.61
CA LYS A 18 8.19 2.99 -6.97
C LYS A 18 7.15 3.78 -6.10
N LEU A 19 7.17 3.68 -4.77
CA LEU A 19 6.33 4.52 -3.87
C LEU A 19 6.60 6.06 -3.89
N LYS A 20 7.87 6.49 -4.01
CA LYS A 20 8.29 7.90 -4.01
C LYS A 20 8.30 8.54 -5.43
N PHE A 21 8.43 7.80 -6.56
CA PHE A 21 7.91 8.23 -7.89
C PHE A 21 6.39 8.30 -7.88
N ARG A 22 5.57 7.26 -7.72
CA ARG A 22 4.16 7.38 -7.25
C ARG A 22 3.80 8.71 -6.47
N ALA A 23 4.55 9.06 -5.39
CA ALA A 23 4.61 10.45 -4.88
C ALA A 23 5.10 11.59 -5.86
N GLU A 24 6.41 11.68 -6.17
CA GLU A 24 7.02 12.76 -7.00
C GLU A 24 6.79 12.75 -8.56
N ALA A 25 6.76 11.56 -9.19
CA ALA A 25 6.05 11.32 -10.48
C ALA A 25 4.59 11.89 -10.60
N ASN A 26 3.68 11.63 -9.61
CA ASN A 26 2.25 12.07 -9.70
C ASN A 26 1.92 13.49 -9.15
N GLY A 27 2.45 13.87 -7.98
CA GLY A 27 1.97 15.02 -7.16
C GLY A 27 1.37 14.76 -5.74
N ARG A 28 1.73 13.66 -5.07
CA ARG A 28 1.53 13.46 -3.60
C ARG A 28 2.97 13.31 -2.99
N SER A 29 3.16 13.37 -1.67
CA SER A 29 4.54 13.37 -1.07
C SER A 29 4.57 12.24 -0.03
N MET A 30 5.32 11.15 -0.20
CA MET A 30 4.90 9.78 0.24
C MET A 30 4.13 9.55 1.57
N ASN A 31 4.41 10.23 2.68
CA ASN A 31 3.40 10.32 3.78
C ASN A 31 1.94 10.70 3.28
N SER A 32 1.76 11.79 2.53
CA SER A 32 0.69 11.92 1.47
C SER A 32 0.49 10.79 0.40
N GLU A 33 1.43 10.42 -0.49
CA GLU A 33 1.13 9.41 -1.59
C GLU A 33 1.24 7.91 -1.24
N LEU A 34 2.33 7.46 -0.58
CA LEU A 34 2.35 6.16 0.10
C LEU A 34 1.05 6.11 1.01
N LEU A 35 0.51 7.14 1.76
CA LEU A 35 -0.85 7.00 2.37
C LEU A 35 -1.99 6.90 1.38
N GLN A 36 -2.15 7.89 0.51
CA GLN A 36 -3.24 7.86 -0.48
C GLN A 36 -3.24 6.60 -1.38
N ILE A 37 -2.12 6.04 -1.88
CA ILE A 37 -2.11 4.68 -2.46
C ILE A 37 -2.28 3.50 -1.45
N VAL A 38 -1.85 3.53 -0.18
CA VAL A 38 -2.05 2.45 0.83
C VAL A 38 -3.51 2.42 1.40
N GLN A 39 -4.04 3.60 1.83
CA GLN A 39 -5.49 3.92 1.85
C GLN A 39 -6.23 3.53 0.56
N ASP A 40 -5.72 3.86 -0.66
CA ASP A 40 -6.10 3.13 -1.91
C ASP A 40 -6.03 1.63 -1.69
N ALA A 41 -4.84 1.10 -1.49
CA ALA A 41 -4.52 -0.27 -1.84
C ALA A 41 -5.24 -1.39 -1.03
N LEU A 42 -5.51 -1.14 0.25
CA LEU A 42 -6.55 -1.87 1.03
C LEU A 42 -7.91 -1.21 1.37
N SER A 43 -8.27 0.00 0.89
CA SER A 43 -9.64 0.56 1.14
C SER A 43 -10.36 1.40 0.03
N LYS A 44 -9.71 2.31 -0.70
CA LYS A 44 -10.23 3.74 -0.65
C LYS A 44 -11.72 4.09 -1.13
N PRO A 45 -12.21 3.90 -2.39
CA PRO A 45 -13.51 4.47 -2.86
C PRO A 45 -14.82 3.92 -2.20
N SER A 46 -15.40 4.71 -1.28
CA SER A 46 -16.54 4.26 -0.44
C SER A 46 -17.90 3.81 -1.12
N PRO A 47 -18.58 4.51 -2.08
CA PRO A 47 -19.83 3.97 -2.72
C PRO A 47 -19.75 2.80 -3.76
N VAL A 48 -18.52 2.48 -4.14
CA VAL A 48 -18.12 1.24 -4.87
C VAL A 48 -18.63 1.20 -6.36
N THR A 49 -19.92 0.97 -6.60
CA THR A 49 -20.57 1.29 -7.92
C THR A 49 -19.87 0.77 -9.25
N GLY A 50 -19.62 -0.55 -9.31
CA GLY A 50 -19.04 -1.21 -10.53
C GLY A 50 -17.66 -1.89 -10.43
N TYR A 51 -16.61 -1.17 -10.02
CA TYR A 51 -15.19 -1.50 -10.35
C TYR A 51 -14.46 -2.66 -9.49
N ARG A 52 -14.86 -3.97 -9.66
CA ARG A 52 -14.11 -5.28 -9.36
C ARG A 52 -13.21 -5.50 -8.05
N ASN A 53 -12.68 -6.70 -7.52
CA ASN A 53 -12.36 -7.01 -6.02
C ASN A 53 -10.96 -7.30 -5.16
N ASP A 54 -9.62 -7.14 -5.40
CA ASP A 54 -8.63 -6.17 -4.67
C ASP A 54 -8.44 -6.24 -3.17
N ALA A 55 -9.50 -6.09 -2.46
CA ALA A 55 -9.50 -6.43 -1.05
C ALA A 55 -9.23 -7.95 -0.71
N GLU A 56 -9.96 -8.83 -1.41
CA GLU A 56 -9.49 -10.21 -1.74
C GLU A 56 -8.12 -10.38 -2.53
N ARG A 57 -7.51 -9.31 -3.07
CA ARG A 57 -6.16 -9.39 -3.71
C ARG A 57 -4.95 -8.98 -2.84
N LEU A 58 -5.01 -7.96 -1.97
CA LEU A 58 -4.04 -7.86 -0.85
C LEU A 58 -4.13 -9.02 0.21
N ALA A 59 -5.28 -9.79 0.29
CA ALA A 59 -5.39 -11.25 0.69
C ALA A 59 -4.75 -12.39 -0.23
N ASP A 60 -4.79 -12.22 -1.55
CA ASP A 60 -3.65 -12.70 -2.39
C ASP A 60 -2.30 -11.92 -2.26
N GLU A 61 -2.12 -11.12 -1.17
CA GLU A 61 -1.50 -11.72 0.01
C GLU A 61 0.03 -11.46 -0.20
N GLN A 62 0.45 -11.40 1.01
CA GLN A 62 1.16 -12.60 1.54
C GLN A 62 0.76 -14.02 0.97
N SER A 63 -0.52 -14.40 0.90
CA SER A 63 -1.00 -15.72 0.54
C SER A 63 -1.72 -15.86 -0.83
N GLU A 64 -1.17 -15.23 -1.89
CA GLU A 64 -0.45 -15.97 -2.96
C GLU A 64 1.11 -16.05 -2.82
N LEU A 65 1.87 -15.14 -2.16
CA LEU A 65 3.37 -15.23 -2.13
C LEU A 65 3.89 -16.47 -1.28
N VAL A 66 3.90 -16.36 0.06
CA VAL A 66 3.90 -17.51 1.05
C VAL A 66 4.99 -18.65 1.02
N ALA B 1 25.25 -3.21 -0.77
CA ALA B 1 25.11 -1.74 -0.81
C ALA B 1 23.90 -1.20 0.02
N ARG B 2 24.10 -0.10 0.75
CA ARG B 2 23.02 0.56 1.56
C ARG B 2 22.13 1.52 0.69
N ASP B 3 21.24 0.94 -0.13
CA ASP B 3 20.23 1.71 -0.91
C ASP B 3 18.81 1.23 -0.46
N ASP B 4 18.41 1.60 0.77
CA ASP B 4 17.12 1.20 1.36
C ASP B 4 16.64 2.25 2.42
N PRO B 5 15.91 3.36 2.08
CA PRO B 5 15.89 4.58 2.93
C PRO B 5 14.73 4.64 3.95
N HIS B 6 15.06 5.22 5.11
CA HIS B 6 14.11 5.46 6.22
C HIS B 6 13.22 6.72 5.96
N PHE B 7 11.89 6.61 6.02
CA PHE B 7 11.06 7.75 6.51
C PHE B 7 10.03 7.26 7.58
N ASN B 8 9.62 8.16 8.46
CA ASN B 8 8.52 7.90 9.43
C ASN B 8 7.11 7.82 8.77
N PHE B 9 6.76 6.69 8.11
CA PHE B 9 5.38 6.44 7.69
C PHE B 9 4.50 6.06 8.91
N ARG B 10 3.29 6.51 8.78
CA ARG B 10 2.53 7.17 9.83
C ARG B 10 1.12 7.36 9.24
N MET B 11 0.11 6.91 9.99
CA MET B 11 -1.19 6.63 9.35
C MET B 11 -2.42 7.00 10.23
N PRO B 12 -3.47 7.77 9.78
CA PRO B 12 -4.78 7.84 10.46
C PRO B 12 -5.37 6.49 10.98
N MET B 13 -6.09 6.53 12.12
CA MET B 13 -6.32 5.29 12.93
C MET B 13 -6.87 4.03 12.17
N GLU B 14 -7.75 4.22 11.18
CA GLU B 14 -8.19 3.15 10.27
C GLU B 14 -7.09 2.53 9.33
N VAL B 15 -6.27 3.27 8.56
CA VAL B 15 -5.09 2.72 7.80
C VAL B 15 -4.10 1.97 8.74
N ARG B 16 -3.66 2.55 9.85
CA ARG B 16 -2.82 1.83 10.82
C ARG B 16 -3.48 0.70 11.65
N GLU B 17 -4.79 0.66 11.90
CA GLU B 17 -5.46 -0.64 12.18
C GLU B 17 -5.55 -1.59 10.94
N LYS B 18 -5.82 -1.13 9.72
CA LYS B 18 -5.90 -1.99 8.51
C LYS B 18 -4.54 -2.53 7.98
N LEU B 19 -3.49 -1.70 7.82
CA LEU B 19 -2.08 -2.13 7.76
C LEU B 19 -1.61 -2.97 9.01
N LYS B 20 -1.75 -2.51 10.25
CA LYS B 20 -1.18 -3.22 11.43
C LYS B 20 -2.03 -4.45 11.91
N PHE B 21 -3.34 -4.58 11.59
CA PHE B 21 -4.05 -5.90 11.55
C PHE B 21 -3.54 -6.76 10.40
N ARG B 22 -3.73 -6.53 9.09
CA ARG B 22 -2.91 -7.20 8.02
C ARG B 22 -1.47 -7.73 8.49
N ALA B 23 -0.67 -6.87 9.17
CA ALA B 23 0.48 -7.31 10.01
C ALA B 23 0.15 -8.27 11.22
N GLU B 24 -0.41 -7.78 12.34
CA GLU B 24 -0.71 -8.58 13.57
C GLU B 24 -1.89 -9.62 13.53
N ALA B 25 -2.98 -9.33 12.80
CA ALA B 25 -3.92 -10.34 12.23
C ALA B 25 -3.25 -11.60 11.54
N ASN B 26 -2.27 -11.41 10.61
CA ASN B 26 -1.54 -12.57 9.98
C ASN B 26 -0.33 -13.18 10.79
N GLY B 27 0.52 -12.33 11.38
CA GLY B 27 1.95 -12.66 11.65
C GLY B 27 3.05 -11.99 10.76
N ARG B 28 2.80 -10.77 10.25
CA ARG B 28 3.80 -9.93 9.53
C ARG B 28 4.00 -8.68 10.47
N SER B 29 5.19 -8.10 10.56
CA SER B 29 5.48 -7.05 11.60
C SER B 29 5.68 -5.73 10.83
N MET B 30 4.87 -4.67 10.93
CA MET B 30 4.53 -3.85 9.73
C MET B 30 5.68 -3.40 8.78
N ASN B 31 6.88 -2.94 9.16
CA ASN B 31 8.01 -2.91 8.16
C ASN B 31 8.20 -4.21 7.27
N SER B 32 8.15 -5.42 7.85
CA SER B 32 7.71 -6.68 7.15
C SER B 32 6.31 -6.74 6.45
N GLU B 33 5.14 -6.62 7.11
CA GLU B 33 3.83 -6.59 6.37
C GLU B 33 3.67 -5.46 5.32
N LEU B 34 3.72 -4.20 5.78
CA LEU B 34 3.64 -2.97 4.99
C LEU B 34 4.56 -3.19 3.76
N LEU B 35 5.87 -3.59 3.88
CA LEU B 35 6.69 -3.79 2.67
C LEU B 35 6.24 -4.88 1.69
N GLN B 36 6.11 -6.10 2.20
CA GLN B 36 5.61 -7.22 1.40
C GLN B 36 4.16 -7.00 0.82
N ILE B 37 3.24 -6.33 1.53
CA ILE B 37 1.99 -5.79 0.91
C ILE B 37 2.11 -4.52 0.00
N VAL B 38 3.11 -3.65 0.17
CA VAL B 38 3.38 -2.40 -0.60
C VAL B 38 4.11 -2.68 -1.97
N GLN B 39 5.16 -3.53 -1.92
CA GLN B 39 5.56 -4.41 -3.05
C GLN B 39 4.35 -5.18 -3.72
N ASP B 40 3.46 -5.80 -2.92
CA ASP B 40 2.07 -6.16 -3.39
C ASP B 40 1.14 -5.00 -3.90
N ALA B 41 1.25 -3.78 -3.35
CA ALA B 41 0.27 -2.70 -3.55
C ALA B 41 0.36 -1.94 -4.90
N LEU B 42 1.57 -1.48 -5.24
CA LEU B 42 1.92 -1.04 -6.61
C LEU B 42 2.46 -2.13 -7.60
N SER B 43 3.00 -3.27 -7.15
CA SER B 43 3.48 -4.35 -8.08
C SER B 43 2.87 -5.76 -7.78
N LYS B 44 1.55 -5.88 -7.55
CA LYS B 44 0.87 -7.21 -7.43
C LYS B 44 1.13 -8.36 -8.49
N PRO B 45 0.83 -8.27 -9.81
CA PRO B 45 0.27 -9.43 -10.56
C PRO B 45 1.24 -10.47 -11.19
N SER B 46 0.86 -11.76 -11.07
CA SER B 46 1.05 -12.75 -12.17
C SER B 46 -0.20 -13.70 -12.28
N PRO B 47 -0.41 -14.88 -11.60
CA PRO B 47 -1.68 -15.64 -11.69
C PRO B 47 -2.82 -15.09 -10.74
N VAL B 48 -3.35 -13.92 -11.10
CA VAL B 48 -4.33 -13.18 -10.24
C VAL B 48 -5.20 -12.19 -11.11
N THR B 49 -6.51 -12.46 -11.16
CA THR B 49 -7.24 -12.47 -12.48
C THR B 49 -8.80 -12.38 -12.33
N GLY B 50 -9.30 -11.33 -11.68
CA GLY B 50 -10.74 -11.25 -11.30
C GLY B 50 -11.15 -12.19 -10.13
N TYR B 51 -10.97 -11.92 -8.83
CA TYR B 51 -10.82 -10.57 -8.22
C TYR B 51 -9.69 -9.59 -8.71
N ARG B 52 -10.07 -8.32 -8.92
CA ARG B 52 -9.15 -7.18 -9.15
C ARG B 52 -9.92 -5.88 -8.75
N ASN B 53 -9.75 -5.40 -7.49
CA ASN B 53 -10.18 -4.10 -6.89
C ASN B 53 -9.11 -3.03 -7.12
N ASP B 54 -7.90 -3.27 -7.71
CA ASP B 54 -7.04 -2.17 -8.14
C ASP B 54 -7.59 -1.43 -9.41
N ALA B 55 -8.80 -0.95 -9.25
CA ALA B 55 -9.92 -1.21 -10.14
C ALA B 55 -10.84 -0.02 -9.90
N GLU B 56 -11.59 0.03 -8.77
CA GLU B 56 -11.52 1.17 -7.83
C GLU B 56 -10.14 1.72 -7.45
N ARG B 57 -9.25 0.90 -6.94
CA ARG B 57 -8.07 1.38 -6.23
C ARG B 57 -6.95 1.94 -7.13
N LEU B 58 -6.69 1.37 -8.31
CA LEU B 58 -5.77 2.01 -9.28
C LEU B 58 -6.51 2.60 -10.55
N ALA B 59 -7.88 2.54 -10.67
CA ALA B 59 -8.64 3.80 -10.96
C ALA B 59 -8.39 5.02 -10.04
N ASP B 60 -8.04 4.80 -8.77
CA ASP B 60 -7.89 5.89 -7.78
C ASP B 60 -6.41 6.32 -7.48
N GLU B 61 -5.47 5.54 -8.01
CA GLU B 61 -4.36 6.14 -8.79
C GLU B 61 -4.88 7.10 -9.91
N GLN B 62 -5.70 6.71 -10.92
CA GLN B 62 -6.32 7.68 -11.85
C GLN B 62 -7.01 8.93 -11.19
N SER B 63 -7.95 8.81 -10.24
CA SER B 63 -8.41 9.93 -9.33
C SER B 63 -7.41 11.04 -8.93
N GLU B 64 -6.25 10.56 -8.51
CA GLU B 64 -5.26 11.39 -7.84
C GLU B 64 -4.11 11.84 -8.85
N LEU B 65 -4.06 11.29 -10.08
CA LEU B 65 -3.58 11.94 -11.32
C LEU B 65 -4.58 12.96 -12.02
N VAL B 66 -5.87 12.59 -12.18
CA VAL B 66 -6.86 13.20 -13.15
C VAL B 66 -6.93 14.76 -13.29
N ALA A 1 -5.83 14.96 21.10
CA ALA A 1 -4.93 13.79 21.27
C ALA A 1 -4.33 13.26 19.93
N ARG A 2 -3.02 12.98 19.93
CA ARG A 2 -2.35 12.33 18.76
C ARG A 2 -2.46 10.76 18.81
N ASP A 3 -3.54 10.20 18.25
CA ASP A 3 -3.63 8.75 17.90
C ASP A 3 -2.94 8.43 16.52
N ASP A 4 -1.67 8.79 16.36
CA ASP A 4 -0.91 8.65 15.10
C ASP A 4 0.62 8.41 15.34
N PRO A 5 1.04 7.22 15.88
CA PRO A 5 2.47 6.86 16.06
C PRO A 5 3.33 6.71 14.78
N HIS A 6 4.61 7.05 14.95
CA HIS A 6 5.64 6.99 13.89
C HIS A 6 6.38 5.61 13.92
N PHE A 7 6.57 4.94 12.78
CA PHE A 7 7.70 3.98 12.62
C PHE A 7 8.54 4.34 11.35
N ASN A 8 9.84 4.00 11.35
CA ASN A 8 10.66 4.06 10.12
C ASN A 8 10.26 2.94 9.11
N PHE A 9 9.31 3.25 8.20
CA PHE A 9 9.23 2.57 6.91
C PHE A 9 10.41 3.03 6.00
N ARG A 10 10.66 2.19 5.03
CA ARG A 10 12.02 1.84 4.54
C ARG A 10 11.76 0.89 3.36
N MET A 11 12.14 1.33 2.16
CA MET A 11 11.63 0.72 0.91
C MET A 11 12.81 0.31 -0.04
N PRO A 12 13.08 -0.98 -0.39
CA PRO A 12 13.91 -1.32 -1.59
C PRO A 12 13.68 -0.46 -2.87
N MET A 13 14.74 -0.08 -3.58
CA MET A 13 14.69 1.07 -4.54
C MET A 13 13.62 1.08 -5.68
N GLU A 14 13.14 -0.08 -6.11
CA GLU A 14 11.82 -0.22 -6.78
C GLU A 14 10.55 0.27 -6.01
N VAL A 15 10.23 -0.23 -4.79
CA VAL A 15 9.11 0.28 -3.93
C VAL A 15 9.20 1.78 -3.62
N ARG A 16 10.36 2.34 -3.24
CA ARG A 16 10.47 3.79 -3.07
C ARG A 16 10.57 4.63 -4.35
N GLU A 17 11.10 4.19 -5.49
CA GLU A 17 10.74 4.87 -6.76
C GLU A 17 9.23 4.73 -7.12
N LYS A 18 8.57 3.56 -6.97
CA LYS A 18 7.13 3.42 -7.31
C LYS A 18 6.11 4.01 -6.30
N LEU A 19 6.30 3.89 -4.98
CA LEU A 19 5.59 4.69 -3.95
C LEU A 19 5.91 6.23 -3.96
N LYS A 20 7.17 6.65 -4.23
CA LYS A 20 7.57 8.07 -4.26
C LYS A 20 7.44 8.77 -5.67
N PHE A 21 7.47 8.07 -6.83
CA PHE A 21 6.86 8.55 -8.10
C PHE A 21 5.35 8.63 -7.96
N ARG A 22 4.52 7.59 -7.85
CA ARG A 22 3.08 7.74 -7.42
C ARG A 22 2.77 8.98 -6.45
N ALA A 23 3.62 9.23 -5.41
CA ALA A 23 3.75 10.56 -4.74
C ALA A 23 4.14 11.80 -5.65
N GLU A 24 5.42 11.95 -6.05
CA GLU A 24 5.92 13.04 -6.95
C GLU A 24 5.29 13.19 -8.38
N ALA A 25 5.16 12.06 -9.11
CA ALA A 25 4.25 11.89 -10.27
C ALA A 25 2.81 12.52 -10.15
N ASN A 26 2.08 12.33 -9.01
CA ASN A 26 0.83 13.12 -8.72
C ASN A 26 1.00 14.59 -8.17
N GLY A 27 1.94 14.80 -7.25
CA GLY A 27 1.84 15.89 -6.22
C GLY A 27 1.37 15.52 -4.78
N ARG A 28 1.57 14.27 -4.33
CA ARG A 28 1.49 13.87 -2.90
C ARG A 28 2.96 13.73 -2.39
N SER A 29 3.19 13.89 -1.08
CA SER A 29 4.57 13.78 -0.51
C SER A 29 4.55 12.54 0.38
N MET A 30 5.34 11.46 0.18
CA MET A 30 4.84 10.09 0.51
C MET A 30 4.17 9.82 1.89
N ASN A 31 4.53 10.39 3.05
CA ASN A 31 3.57 10.39 4.21
C ASN A 31 2.06 10.79 3.87
N SER A 32 1.84 11.86 3.08
CA SER A 32 0.71 11.97 2.11
C SER A 32 0.48 10.77 1.13
N GLU A 33 1.28 10.51 0.06
CA GLU A 33 0.92 9.40 -0.91
C GLU A 33 0.77 7.98 -0.31
N LEU A 34 1.84 7.49 0.35
CA LEU A 34 1.84 6.25 1.14
C LEU A 34 0.52 6.24 1.97
N LEU A 35 0.11 7.25 2.78
CA LEU A 35 -1.22 7.20 3.43
C LEU A 35 -2.44 7.18 2.48
N GLN A 36 -2.45 8.00 1.43
CA GLN A 36 -3.54 7.96 0.41
C GLN A 36 -3.70 6.61 -0.34
N ILE A 37 -2.62 5.97 -0.79
CA ILE A 37 -2.67 4.55 -1.22
C ILE A 37 -2.78 3.49 -0.08
N VAL A 38 -2.41 3.73 1.19
CA VAL A 38 -2.37 2.74 2.31
C VAL A 38 -3.77 2.71 3.05
N GLN A 39 -4.31 3.90 3.40
CA GLN A 39 -5.77 4.09 3.64
C GLN A 39 -6.63 3.65 2.41
N ASP A 40 -6.23 4.02 1.16
CA ASP A 40 -6.69 3.26 -0.05
C ASP A 40 -6.31 1.73 -0.15
N ALA A 41 -5.21 1.24 0.43
CA ALA A 41 -4.80 -0.19 0.36
C ALA A 41 -5.64 -1.14 1.26
N LEU A 42 -5.84 -0.75 2.51
CA LEU A 42 -6.70 -1.47 3.49
C LEU A 42 -8.24 -1.25 3.28
N SER A 43 -8.67 -0.04 2.85
CA SER A 43 -10.08 0.26 2.48
C SER A 43 -10.21 0.97 1.08
N LYS A 44 -9.89 0.25 -0.01
CA LYS A 44 -10.11 0.74 -1.41
C LYS A 44 -11.52 1.23 -1.93
N PRO A 45 -12.48 0.40 -2.43
CA PRO A 45 -13.00 0.62 -3.81
C PRO A 45 -14.12 1.68 -4.04
N SER A 46 -14.07 2.29 -5.24
CA SER A 46 -15.27 2.33 -6.12
C SER A 46 -15.32 1.02 -7.00
N PRO A 47 -16.06 -0.07 -6.66
CA PRO A 47 -15.89 -1.40 -7.33
C PRO A 47 -16.76 -1.60 -8.60
N VAL A 48 -16.44 -0.86 -9.68
CA VAL A 48 -17.42 -0.64 -10.79
C VAL A 48 -16.85 -0.74 -12.23
N THR A 49 -15.91 0.14 -12.59
CA THR A 49 -15.73 0.61 -13.99
C THR A 49 -14.65 -0.21 -14.77
N GLY A 50 -15.08 -1.39 -15.26
CA GLY A 50 -14.14 -2.44 -15.79
C GLY A 50 -13.30 -3.26 -14.78
N TYR A 51 -13.70 -3.31 -13.50
CA TYR A 51 -12.79 -3.78 -12.41
C TYR A 51 -13.10 -5.25 -11.97
N ARG A 52 -12.64 -6.23 -12.78
CA ARG A 52 -12.70 -7.69 -12.44
C ARG A 52 -11.37 -8.16 -11.75
N ASN A 53 -11.32 -8.16 -10.41
CA ASN A 53 -10.03 -8.00 -9.67
C ASN A 53 -10.07 -8.50 -8.15
N ASP A 54 -10.61 -7.77 -7.14
CA ASP A 54 -9.91 -7.59 -5.81
C ASP A 54 -9.51 -6.17 -5.30
N ALA A 55 -9.05 -5.37 -6.25
CA ALA A 55 -7.69 -5.48 -6.82
C ALA A 55 -7.04 -6.81 -7.14
N GLU A 56 -6.68 -7.43 -8.27
CA GLU A 56 -6.30 -8.90 -8.31
C GLU A 56 -5.44 -9.75 -7.27
N ARG A 57 -5.94 -9.69 -6.10
CA ARG A 57 -5.26 -8.88 -5.17
C ARG A 57 -6.42 -8.77 -4.02
N LEU A 58 -6.67 -7.61 -3.41
CA LEU A 58 -5.58 -6.89 -2.68
C LEU A 58 -4.36 -7.70 -2.09
N ALA A 59 -3.78 -8.44 -3.05
CA ALA A 59 -2.56 -9.29 -3.04
C ALA A 59 -2.60 -10.85 -3.14
N ASP A 60 -3.23 -11.54 -4.12
CA ASP A 60 -3.96 -12.77 -3.76
C ASP A 60 -4.92 -12.69 -2.52
N GLU A 61 -5.36 -11.44 -2.15
CA GLU A 61 -5.46 -11.05 -0.75
C GLU A 61 -4.12 -10.31 -0.17
N GLN A 62 -4.35 -9.73 0.95
CA GLN A 62 -4.25 -10.49 2.22
C GLN A 62 -3.75 -11.99 2.23
N SER A 63 -3.91 -12.76 1.14
CA SER A 63 -3.11 -13.84 0.75
C SER A 63 -3.68 -15.23 0.66
N GLU A 64 -2.79 -16.02 0.20
CA GLU A 64 -1.29 -16.05 0.65
C GLU A 64 -0.41 -15.09 1.74
N LEU A 65 -0.57 -13.74 2.15
CA LEU A 65 0.09 -13.12 3.35
C LEU A 65 -0.36 -13.79 4.71
N VAL A 66 -1.69 -13.88 4.91
CA VAL A 66 -2.46 -14.82 5.80
C VAL A 66 -1.75 -15.67 6.93
N ALA B 1 20.27 7.05 2.04
CA ALA B 1 20.97 6.39 0.91
C ALA B 1 20.00 5.83 -0.17
N ARG B 2 20.33 6.08 -1.45
CA ARG B 2 19.50 5.61 -2.60
C ARG B 2 19.75 4.10 -2.99
N ASP B 3 19.13 3.21 -2.21
CA ASP B 3 19.22 1.73 -2.38
C ASP B 3 18.09 0.95 -1.63
N ASP B 4 17.91 1.27 -0.34
CA ASP B 4 16.65 1.01 0.37
C ASP B 4 16.35 2.14 1.42
N PRO B 5 15.70 3.29 1.08
CA PRO B 5 15.78 4.52 1.92
C PRO B 5 14.68 4.61 3.00
N HIS B 6 15.10 5.09 4.18
CA HIS B 6 14.23 5.23 5.37
C HIS B 6 13.40 6.55 5.33
N PHE B 7 12.07 6.48 5.54
CA PHE B 7 11.31 7.65 6.07
C PHE B 7 10.42 7.24 7.28
N ASN B 8 10.24 8.15 8.25
CA ASN B 8 9.26 7.94 9.35
C ASN B 8 7.79 8.05 8.82
N PHE B 9 7.22 6.93 8.32
CA PHE B 9 5.77 6.80 8.16
C PHE B 9 5.08 6.68 9.54
N ARG B 10 3.84 7.12 9.52
CA ARG B 10 3.10 7.51 10.73
C ARG B 10 1.59 7.54 10.40
N MET B 11 0.81 6.81 11.18
CA MET B 11 -0.51 6.34 10.73
C MET B 11 -1.63 6.74 11.74
N PRO B 12 -2.64 7.61 11.41
CA PRO B 12 -3.93 7.68 12.18
C PRO B 12 -4.54 6.32 12.60
N MET B 13 -5.15 6.23 13.79
CA MET B 13 -5.13 4.95 14.54
C MET B 13 -5.83 3.71 13.86
N GLU B 14 -6.94 3.90 13.12
CA GLU B 14 -7.43 2.86 12.18
C GLU B 14 -6.45 2.43 11.04
N VAL B 15 -5.68 3.30 10.36
CA VAL B 15 -4.61 2.88 9.39
C VAL B 15 -3.52 2.03 10.07
N ARG B 16 -2.95 2.43 11.23
CA ARG B 16 -1.96 1.56 11.89
C ARG B 16 -2.54 0.32 12.55
N GLU B 17 -3.68 0.33 13.24
CA GLU B 17 -4.36 -0.92 13.62
C GLU B 17 -4.83 -1.81 12.40
N LYS B 18 -5.25 -1.26 11.26
CA LYS B 18 -5.40 -2.03 10.00
C LYS B 18 -4.06 -2.53 9.38
N LEU B 19 -3.07 -1.68 9.11
CA LEU B 19 -1.74 -2.06 8.58
C LEU B 19 -0.84 -2.93 9.52
N LYS B 20 -0.89 -2.67 10.84
CA LYS B 20 -0.18 -3.43 11.88
C LYS B 20 -0.99 -4.68 12.40
N PHE B 21 -2.34 -4.76 12.34
CA PHE B 21 -3.06 -6.07 12.38
C PHE B 21 -2.74 -6.90 11.15
N ARG B 22 -3.17 -6.63 9.90
CA ARG B 22 -2.48 -7.15 8.67
C ARG B 22 -1.02 -7.76 8.89
N ALA B 23 -0.08 -6.96 9.46
CA ALA B 23 1.16 -7.48 10.09
C ALA B 23 1.00 -8.51 11.29
N GLU B 24 0.66 -8.08 12.50
CA GLU B 24 0.46 -8.93 13.72
C GLU B 24 -0.68 -10.03 13.70
N ALA B 25 -1.87 -9.70 13.18
CA ALA B 25 -2.87 -10.66 12.65
C ALA B 25 -2.29 -11.90 11.84
N ASN B 26 -1.39 -11.67 10.84
CA ASN B 26 -0.72 -12.78 10.09
C ASN B 26 0.55 -13.40 10.80
N GLY B 27 1.48 -12.56 11.24
CA GLY B 27 2.95 -12.90 11.28
C GLY B 27 3.91 -12.18 10.28
N ARG B 28 3.51 -11.07 9.63
CA ARG B 28 4.45 -10.12 8.97
C ARG B 28 4.64 -8.94 9.98
N SER B 29 5.74 -8.19 9.93
CA SER B 29 6.05 -7.17 10.98
C SER B 29 6.18 -5.84 10.23
N MET B 30 5.31 -4.83 10.38
CA MET B 30 4.94 -3.90 9.25
C MET B 30 6.02 -3.33 8.29
N ASN B 31 7.27 -3.07 8.67
CA ASN B 31 8.35 -2.99 7.67
C ASN B 31 8.42 -4.22 6.66
N SER B 32 8.45 -5.48 7.15
CA SER B 32 7.79 -6.64 6.45
C SER B 32 6.34 -6.41 5.94
N GLU B 33 5.26 -6.41 6.73
CA GLU B 33 3.88 -6.45 6.09
C GLU B 33 3.47 -5.20 5.31
N LEU B 34 3.55 -3.98 5.90
CA LEU B 34 3.34 -2.75 5.13
C LEU B 34 4.25 -2.82 3.86
N LEU B 35 5.50 -3.38 3.78
CA LEU B 35 6.11 -3.66 2.44
C LEU B 35 5.40 -4.74 1.62
N GLN B 36 5.16 -5.91 2.19
CA GLN B 36 4.54 -7.03 1.46
C GLN B 36 3.10 -6.76 0.95
N ILE B 37 2.24 -6.07 1.70
CA ILE B 37 1.06 -5.38 1.13
C ILE B 37 1.34 -4.11 0.24
N VAL B 38 2.35 -3.24 0.41
CA VAL B 38 2.62 -2.00 -0.41
C VAL B 38 3.26 -2.33 -1.80
N GLN B 39 4.35 -3.14 -1.78
CA GLN B 39 4.77 -4.02 -2.90
C GLN B 39 3.57 -4.83 -3.47
N ASP B 40 2.69 -5.46 -2.64
CA ASP B 40 1.31 -5.77 -3.10
C ASP B 40 0.51 -4.64 -3.80
N ALA B 41 0.35 -3.51 -3.12
CA ALA B 41 -0.80 -2.63 -3.30
C ALA B 41 -0.82 -1.85 -4.64
N LEU B 42 0.34 -1.29 -5.00
CA LEU B 42 0.62 -0.95 -6.43
C LEU B 42 1.22 -2.07 -7.34
N SER B 43 1.97 -3.09 -6.87
CA SER B 43 2.77 -3.95 -7.77
C SER B 43 2.87 -5.48 -7.43
N LYS B 44 1.83 -6.19 -6.92
CA LYS B 44 1.88 -7.71 -6.96
C LYS B 44 0.99 -8.42 -8.04
N PRO B 45 1.44 -8.60 -9.32
CA PRO B 45 1.27 -9.87 -10.09
C PRO B 45 1.88 -11.16 -9.43
N SER B 46 1.06 -11.93 -8.72
CA SER B 46 1.55 -13.00 -7.79
C SER B 46 0.61 -14.26 -7.72
N PRO B 47 0.83 -15.42 -8.41
CA PRO B 47 1.88 -15.63 -9.46
C PRO B 47 1.46 -15.37 -10.95
N VAL B 48 1.09 -14.13 -11.22
CA VAL B 48 0.76 -13.60 -12.61
C VAL B 48 -0.46 -14.31 -13.31
N THR B 49 -1.57 -14.47 -12.58
CA THR B 49 -2.69 -15.37 -12.98
C THR B 49 -3.91 -14.60 -13.62
N GLY B 50 -3.66 -13.90 -14.73
CA GLY B 50 -4.69 -13.04 -15.39
C GLY B 50 -4.13 -11.77 -16.07
N TYR B 51 -3.95 -10.58 -15.49
CA TYR B 51 -4.26 -10.25 -14.05
C TYR B 51 -4.85 -8.79 -13.97
N ARG B 52 -6.07 -8.56 -14.53
CA ARG B 52 -6.82 -7.26 -14.44
C ARG B 52 -7.03 -6.75 -12.99
N ASN B 53 -6.85 -5.45 -12.68
CA ASN B 53 -6.52 -5.02 -11.29
C ASN B 53 -7.17 -3.77 -10.60
N ASP B 54 -6.90 -3.65 -9.28
CA ASP B 54 -7.43 -2.60 -8.35
C ASP B 54 -6.59 -1.80 -7.32
N ALA B 55 -5.27 -1.86 -7.32
CA ALA B 55 -4.40 -1.42 -8.43
C ALA B 55 -4.79 -0.29 -9.45
N GLU B 56 -5.54 -0.77 -10.47
CA GLU B 56 -6.35 -0.02 -11.48
C GLU B 56 -7.84 0.40 -11.14
N ARG B 57 -8.40 -0.03 -10.03
CA ARG B 57 -8.71 0.95 -8.98
C ARG B 57 -7.34 1.44 -8.42
N LEU B 58 -6.91 1.50 -7.18
CA LEU B 58 -6.02 2.62 -6.66
C LEU B 58 -6.44 4.10 -7.07
N ALA B 59 -6.56 4.27 -8.38
CA ALA B 59 -7.77 4.75 -9.11
C ALA B 59 -7.43 5.09 -10.58
N ASP B 60 -7.20 4.01 -11.36
CA ASP B 60 -6.19 3.99 -12.43
C ASP B 60 -4.75 3.44 -12.02
N GLU B 61 -4.43 3.29 -10.72
CA GLU B 61 -3.56 4.26 -9.99
C GLU B 61 -4.24 5.67 -9.94
N GLN B 62 -4.51 6.41 -8.84
CA GLN B 62 -5.41 7.61 -8.86
C GLN B 62 -5.29 8.78 -9.88
N SER B 63 -4.79 8.49 -11.07
CA SER B 63 -3.32 8.48 -11.41
C SER B 63 -2.77 7.75 -12.69
N GLU B 64 -3.32 6.63 -13.17
CA GLU B 64 -3.88 6.64 -14.55
C GLU B 64 -5.36 7.18 -14.72
N LEU B 65 -6.00 7.77 -13.68
CA LEU B 65 -6.98 8.88 -13.91
C LEU B 65 -6.36 10.33 -13.83
N VAL B 66 -6.26 10.95 -12.64
CA VAL B 66 -5.84 12.38 -12.38
C VAL B 66 -6.17 13.50 -13.44
N ALA A 1 2.55 7.29 20.69
CA ALA A 1 1.11 7.34 21.08
C ALA A 1 0.16 6.75 20.00
N ARG A 2 -0.81 5.93 20.42
CA ARG A 2 -1.85 5.38 19.49
C ARG A 2 -2.99 6.42 19.21
N ASP A 3 -2.79 7.27 18.19
CA ASP A 3 -3.84 8.18 17.64
C ASP A 3 -3.54 8.69 16.18
N ASP A 4 -2.31 9.12 15.91
CA ASP A 4 -1.74 9.18 14.55
C ASP A 4 -0.20 8.86 14.57
N PRO A 5 0.27 7.57 14.53
CA PRO A 5 1.63 7.23 15.05
C PRO A 5 2.72 7.05 13.95
N HIS A 6 3.94 7.47 14.30
CA HIS A 6 5.14 7.39 13.41
C HIS A 6 5.85 5.99 13.49
N PHE A 7 6.15 5.31 12.37
CA PHE A 7 7.35 4.42 12.28
C PHE A 7 8.19 4.75 11.00
N ASN A 8 9.51 4.49 11.05
CA ASN A 8 10.37 4.60 9.84
C ASN A 8 10.11 3.48 8.79
N PHE A 9 9.13 3.67 7.87
CA PHE A 9 9.02 2.87 6.65
C PHE A 9 10.12 3.29 5.64
N ARG A 10 10.68 2.26 5.05
CA ARG A 10 12.06 2.26 4.52
C ARG A 10 12.21 1.07 3.55
N MET A 11 12.53 1.34 2.29
CA MET A 11 11.92 0.56 1.19
C MET A 11 12.96 0.04 0.15
N PRO A 12 13.16 -1.29 -0.11
CA PRO A 12 13.90 -1.79 -1.30
C PRO A 12 13.59 -1.07 -2.64
N MET A 13 14.62 -0.87 -3.48
CA MET A 13 14.60 0.28 -4.44
C MET A 13 13.40 0.37 -5.43
N GLU A 14 12.88 -0.78 -5.93
CA GLU A 14 11.56 -0.81 -6.60
C GLU A 14 10.31 -0.43 -5.75
N VAL A 15 10.11 -0.85 -4.48
CA VAL A 15 8.96 -0.38 -3.64
C VAL A 15 8.95 1.15 -3.43
N ARG A 16 10.07 1.77 -3.01
CA ARG A 16 10.15 3.24 -2.99
C ARG A 16 10.15 3.92 -4.35
N GLU A 17 10.83 3.48 -5.41
CA GLU A 17 10.51 4.03 -6.76
C GLU A 17 9.03 3.80 -7.21
N LYS A 18 8.36 2.69 -6.90
CA LYS A 18 6.90 2.51 -7.14
C LYS A 18 5.96 3.37 -6.25
N LEU A 19 6.07 3.32 -4.92
CA LEU A 19 5.42 4.28 -4.00
C LEU A 19 5.77 5.80 -4.18
N LYS A 20 7.06 6.14 -4.34
CA LYS A 20 7.55 7.51 -4.44
C LYS A 20 7.52 8.08 -5.89
N PHE A 21 7.53 7.28 -6.99
CA PHE A 21 7.04 7.73 -8.33
C PHE A 21 5.55 7.96 -8.31
N ARG A 22 4.62 7.01 -8.11
CA ARG A 22 3.23 7.36 -7.65
C ARG A 22 3.08 8.74 -6.83
N ALA A 23 3.96 9.02 -5.86
CA ALA A 23 4.14 10.39 -5.28
C ALA A 23 4.69 11.50 -6.28
N GLU A 24 5.95 11.42 -6.72
CA GLU A 24 6.63 12.38 -7.64
C GLU A 24 6.26 12.34 -9.18
N ALA A 25 6.16 11.13 -9.78
CA ALA A 25 5.40 10.89 -11.03
C ALA A 25 3.98 11.60 -11.15
N ASN A 26 3.13 11.47 -10.10
CA ASN A 26 1.65 11.50 -10.27
C ASN A 26 0.91 12.62 -9.47
N GLY A 27 1.26 12.91 -8.20
CA GLY A 27 0.80 14.14 -7.49
C GLY A 27 0.60 14.08 -5.96
N ARG A 28 1.58 13.54 -5.23
CA ARG A 28 1.54 13.40 -3.74
C ARG A 28 3.02 13.48 -3.19
N SER A 29 3.19 13.53 -1.86
CA SER A 29 4.55 13.45 -1.24
C SER A 29 4.48 12.29 -0.22
N MET A 30 5.23 11.19 -0.34
CA MET A 30 4.74 9.85 0.09
C MET A 30 4.02 9.63 1.47
N ASN A 31 4.30 10.36 2.55
CA ASN A 31 3.33 10.42 3.67
C ASN A 31 1.86 10.81 3.24
N SER A 32 1.66 11.87 2.45
CA SER A 32 0.59 11.93 1.41
C SER A 32 0.42 10.69 0.48
N GLU A 33 1.30 10.36 -0.47
CA GLU A 33 0.96 9.30 -1.49
C GLU A 33 0.80 7.89 -0.92
N LEU A 34 1.88 7.35 -0.31
CA LEU A 34 1.87 6.06 0.38
C LEU A 34 0.63 6.09 1.35
N LEU A 35 0.13 7.18 2.04
CA LEU A 35 -1.23 7.13 2.64
C LEU A 35 -2.43 7.05 1.66
N GLN A 36 -2.49 7.90 0.64
CA GLN A 36 -3.59 7.85 -0.36
C GLN A 36 -3.73 6.50 -1.12
N ILE A 37 -2.61 5.89 -1.53
CA ILE A 37 -2.59 4.46 -1.89
C ILE A 37 -2.72 3.43 -0.72
N VAL A 38 -2.28 3.63 0.54
CA VAL A 38 -2.39 2.66 1.69
C VAL A 38 -3.84 2.66 2.32
N GLN A 39 -4.41 3.85 2.56
CA GLN A 39 -5.88 4.07 2.63
C GLN A 39 -6.65 3.53 1.39
N ASP A 40 -6.17 3.74 0.13
CA ASP A 40 -6.53 2.81 -0.99
C ASP A 40 -6.20 1.29 -0.85
N ALA A 41 -5.13 0.90 -0.17
CA ALA A 41 -4.62 -0.49 -0.23
C ALA A 41 -5.47 -1.48 0.62
N LEU A 42 -5.68 -1.16 1.89
CA LEU A 42 -6.75 -1.82 2.70
C LEU A 42 -8.21 -1.21 2.68
N SER A 43 -8.48 -0.04 2.08
CA SER A 43 -9.86 0.53 2.00
C SER A 43 -10.20 1.35 0.70
N LYS A 44 -9.82 0.91 -0.52
CA LYS A 44 -10.28 1.58 -1.78
C LYS A 44 -11.80 1.93 -2.13
N PRO A 45 -12.86 1.07 -2.00
CA PRO A 45 -14.03 1.17 -2.90
C PRO A 45 -15.11 2.26 -2.60
N SER A 46 -15.32 3.14 -3.56
CA SER A 46 -16.70 3.52 -3.99
C SER A 46 -17.38 2.37 -4.84
N PRO A 47 -18.70 2.06 -4.77
CA PRO A 47 -19.31 0.91 -5.53
C PRO A 47 -19.44 1.14 -7.08
N VAL A 48 -18.35 0.89 -7.79
CA VAL A 48 -18.22 1.24 -9.26
C VAL A 48 -17.46 0.19 -10.16
N THR A 49 -16.66 -0.70 -9.58
CA THR A 49 -15.24 -0.86 -10.03
C THR A 49 -14.98 -2.19 -10.81
N GLY A 50 -14.94 -2.10 -12.15
CA GLY A 50 -14.67 -3.27 -13.05
C GLY A 50 -14.02 -2.87 -14.39
N TYR A 51 -12.73 -2.85 -14.75
CA TYR A 51 -11.49 -3.18 -13.95
C TYR A 51 -11.51 -3.61 -12.43
N ARG A 52 -10.97 -4.79 -12.00
CA ARG A 52 -11.08 -5.26 -10.57
C ARG A 52 -9.72 -5.70 -9.88
N ASN A 53 -9.23 -4.86 -8.95
CA ASN A 53 -8.30 -5.15 -7.83
C ASN A 53 -8.94 -4.52 -6.50
N ASP A 54 -8.50 -4.66 -5.24
CA ASP A 54 -7.35 -5.49 -4.83
C ASP A 54 -7.82 -6.96 -4.70
N ALA A 55 -7.82 -7.63 -5.84
CA ALA A 55 -8.64 -8.81 -6.10
C ALA A 55 -7.83 -10.09 -5.88
N GLU A 56 -7.19 -10.55 -6.94
CA GLU A 56 -5.71 -10.74 -6.96
C GLU A 56 -4.77 -10.10 -5.89
N ARG A 57 -4.88 -8.79 -5.74
CA ARG A 57 -4.33 -8.00 -4.62
C ARG A 57 -4.37 -8.43 -3.13
N LEU A 58 -5.59 -8.67 -2.59
CA LEU A 58 -5.76 -9.14 -1.20
C LEU A 58 -6.30 -10.64 -1.12
N ALA A 59 -6.58 -11.30 -2.27
CA ALA A 59 -5.81 -12.54 -2.63
C ALA A 59 -4.26 -12.51 -2.67
N ASP A 60 -3.63 -11.34 -2.52
CA ASP A 60 -2.19 -11.28 -2.19
C ASP A 60 -1.80 -11.07 -0.66
N GLU A 61 -2.85 -10.69 0.07
CA GLU A 61 -3.14 -11.34 1.40
C GLU A 61 -3.31 -12.91 1.35
N GLN A 62 -3.69 -13.51 0.19
CA GLN A 62 -3.19 -14.84 -0.21
C GLN A 62 -1.69 -14.97 -0.68
N SER A 63 -0.88 -13.97 -1.12
CA SER A 63 0.65 -14.03 -1.09
C SER A 63 1.24 -14.64 0.25
N GLU A 64 1.02 -13.78 1.23
CA GLU A 64 0.67 -14.07 2.62
C GLU A 64 -0.04 -15.41 3.09
N LEU A 65 -0.74 -16.17 2.25
CA LEU A 65 -0.85 -17.67 2.37
C LEU A 65 -0.53 -18.56 1.08
N VAL A 66 0.39 -18.20 0.14
CA VAL A 66 0.73 -19.03 -1.07
C VAL A 66 1.91 -20.06 -0.79
N ALA B 1 25.06 -2.54 -2.37
CA ALA B 1 24.48 -1.25 -2.80
C ALA B 1 23.29 -0.77 -1.90
N ARG B 2 23.27 0.53 -1.55
CA ARG B 2 22.22 1.12 -0.66
C ARG B 2 20.85 1.34 -1.37
N ASP B 3 20.07 0.25 -1.44
CA ASP B 3 18.73 0.22 -2.09
C ASP B 3 17.50 0.48 -1.17
N ASP B 4 17.65 0.74 0.14
CA ASP B 4 16.50 1.03 1.04
C ASP B 4 16.65 2.29 1.96
N PRO B 5 16.57 3.54 1.40
CA PRO B 5 16.34 4.78 2.21
C PRO B 5 15.01 4.86 3.04
N HIS B 6 15.07 5.73 4.06
CA HIS B 6 14.07 5.80 5.15
C HIS B 6 13.14 7.05 5.02
N PHE B 7 11.85 6.93 5.37
CA PHE B 7 11.09 8.08 5.92
C PHE B 7 10.14 7.63 7.08
N ASN B 8 9.78 8.55 7.99
CA ASN B 8 8.69 8.30 8.98
C ASN B 8 7.29 8.28 8.28
N PHE B 9 6.83 7.10 7.82
CA PHE B 9 5.39 6.85 7.64
C PHE B 9 4.68 6.66 9.01
N ARG B 10 3.44 7.07 9.01
CA ARG B 10 2.91 8.09 9.96
C ARG B 10 1.41 8.31 9.66
N MET B 11 0.55 7.57 10.36
CA MET B 11 -0.79 7.24 9.80
C MET B 11 -1.96 7.55 10.80
N PRO B 12 -3.08 8.28 10.47
CA PRO B 12 -4.30 8.33 11.32
C PRO B 12 -4.82 6.97 11.90
N MET B 13 -5.40 6.98 13.12
CA MET B 13 -5.64 5.73 13.90
C MET B 13 -6.32 4.53 13.18
N GLU B 14 -7.30 4.75 12.29
CA GLU B 14 -7.83 3.67 11.43
C GLU B 14 -6.82 3.06 10.41
N VAL B 15 -6.03 3.80 9.60
CA VAL B 15 -4.94 3.22 8.76
C VAL B 15 -3.87 2.48 9.60
N ARG B 16 -3.36 3.05 10.69
CA ARG B 16 -2.38 2.33 11.54
C ARG B 16 -2.95 1.20 12.42
N GLU B 17 -4.17 1.24 12.99
CA GLU B 17 -4.81 -0.04 13.43
C GLU B 17 -5.15 -1.02 12.27
N LYS B 18 -5.67 -0.59 11.12
CA LYS B 18 -5.85 -1.48 9.95
C LYS B 18 -4.53 -2.07 9.35
N LEU B 19 -3.45 -1.29 9.14
CA LEU B 19 -2.13 -1.76 8.66
C LEU B 19 -1.30 -2.58 9.70
N LYS B 20 -1.40 -2.22 11.00
CA LYS B 20 -0.73 -2.88 12.13
C LYS B 20 -1.52 -4.08 12.75
N PHE B 21 -2.88 -4.10 12.75
CA PHE B 21 -3.66 -5.36 12.66
C PHE B 21 -3.27 -6.15 11.43
N ARG B 22 -3.61 -5.85 10.18
CA ARG B 22 -3.07 -6.61 9.01
C ARG B 22 -1.59 -7.21 9.15
N ALA B 23 -0.62 -6.47 9.73
CA ALA B 23 0.58 -7.06 10.41
C ALA B 23 0.35 -8.08 11.60
N GLU B 24 -0.04 -7.63 12.80
CA GLU B 24 -0.38 -8.51 13.99
C GLU B 24 -1.55 -9.54 13.84
N ALA B 25 -2.70 -9.12 13.28
CA ALA B 25 -3.75 -9.99 12.68
C ALA B 25 -3.24 -11.23 11.83
N ASN B 26 -2.32 -11.03 10.85
CA ASN B 26 -1.77 -12.13 10.00
C ASN B 26 -0.51 -12.87 10.59
N GLY B 27 0.54 -12.11 10.99
CA GLY B 27 1.92 -12.64 11.17
C GLY B 27 3.11 -11.91 10.48
N ARG B 28 3.00 -10.64 10.07
CA ARG B 28 4.16 -9.79 9.65
C ARG B 28 4.25 -8.61 10.68
N SER B 29 5.37 -7.87 10.69
CA SER B 29 5.60 -6.80 11.73
C SER B 29 5.78 -5.49 10.95
N MET B 30 4.90 -4.49 11.00
CA MET B 30 4.53 -3.68 9.79
C MET B 30 5.65 -3.24 8.82
N ASN B 31 6.82 -2.70 9.17
CA ASN B 31 7.95 -2.64 8.18
C ASN B 31 8.17 -3.96 7.31
N SER B 32 8.14 -5.15 7.92
CA SER B 32 7.69 -6.42 7.26
C SER B 32 6.25 -6.55 6.64
N GLU B 33 5.11 -6.37 7.35
CA GLU B 33 3.76 -6.45 6.66
C GLU B 33 3.51 -5.36 5.61
N LEU B 34 3.49 -4.09 6.05
CA LEU B 34 3.45 -2.88 5.22
C LEU B 34 4.36 -3.13 3.99
N LEU B 35 5.67 -3.52 4.06
CA LEU B 35 6.46 -3.70 2.82
C LEU B 35 6.00 -4.81 1.89
N GLN B 36 6.00 -6.05 2.36
CA GLN B 36 5.47 -7.18 1.58
C GLN B 36 4.03 -6.96 1.05
N ILE B 37 3.09 -6.38 1.83
CA ILE B 37 1.75 -6.02 1.33
C ILE B 37 1.67 -4.74 0.43
N VAL B 38 2.58 -3.77 0.51
CA VAL B 38 2.69 -2.55 -0.34
C VAL B 38 3.39 -2.87 -1.71
N GLN B 39 4.57 -3.56 -1.66
CA GLN B 39 5.09 -4.41 -2.74
C GLN B 39 4.01 -5.35 -3.37
N ASP B 40 3.22 -6.07 -2.55
CA ASP B 40 1.89 -6.58 -2.95
C ASP B 40 0.90 -5.55 -3.55
N ALA B 41 0.55 -4.51 -2.80
CA ALA B 41 -0.66 -3.73 -3.05
C ALA B 41 -0.70 -2.89 -4.37
N LEU B 42 0.45 -2.30 -4.75
CA LEU B 42 0.69 -1.92 -6.17
C LEU B 42 1.34 -2.94 -7.15
N SER B 43 2.13 -3.95 -6.73
CA SER B 43 2.81 -4.86 -7.71
C SER B 43 3.09 -6.32 -7.23
N LYS B 44 2.10 -7.09 -6.71
CA LYS B 44 2.25 -8.60 -6.71
C LYS B 44 1.04 -9.45 -7.25
N PRO B 45 1.10 -10.03 -8.49
CA PRO B 45 0.52 -11.36 -8.78
C PRO B 45 1.21 -12.57 -8.05
N SER B 46 0.54 -13.73 -7.99
CA SER B 46 1.18 -15.03 -7.67
C SER B 46 0.48 -16.21 -8.44
N PRO B 47 -0.72 -16.79 -8.09
CA PRO B 47 -1.48 -17.66 -9.03
C PRO B 47 -2.19 -16.82 -10.14
N VAL B 48 -1.38 -16.39 -11.13
CA VAL B 48 -1.78 -15.35 -12.13
C VAL B 48 -2.65 -15.87 -13.32
N THR B 49 -3.87 -16.26 -12.97
CA THR B 49 -4.74 -17.11 -13.84
C THR B 49 -6.07 -16.36 -14.15
N GLY B 50 -5.99 -15.31 -14.99
CA GLY B 50 -7.07 -14.30 -15.13
C GLY B 50 -7.18 -13.22 -14.02
N TYR B 51 -6.04 -12.62 -13.63
CA TYR B 51 -5.92 -11.89 -12.32
C TYR B 51 -6.32 -10.35 -12.33
N ARG B 52 -6.15 -9.67 -13.48
CA ARG B 52 -6.96 -8.48 -13.98
C ARG B 52 -6.21 -7.13 -14.42
N ASN B 53 -6.23 -5.87 -13.90
CA ASN B 53 -6.72 -5.46 -12.55
C ASN B 53 -6.65 -3.95 -12.09
N ASP B 54 -7.55 -3.61 -11.14
CA ASP B 54 -7.62 -2.40 -10.27
C ASP B 54 -6.42 -1.86 -9.46
N ALA B 55 -5.22 -2.24 -9.83
CA ALA B 55 -4.12 -1.27 -9.75
C ALA B 55 -4.02 -0.27 -10.96
N GLU B 56 -4.81 -0.49 -12.03
CA GLU B 56 -5.81 0.50 -12.52
C GLU B 56 -6.80 1.30 -11.55
N ARG B 57 -6.81 1.03 -10.24
CA ARG B 57 -7.73 1.67 -9.25
C ARG B 57 -6.97 2.57 -8.28
N LEU B 58 -5.91 2.02 -7.70
CA LEU B 58 -4.78 2.79 -7.17
C LEU B 58 -4.22 3.84 -8.23
N ALA B 59 -4.21 3.52 -9.55
CA ALA B 59 -4.47 4.53 -10.62
C ALA B 59 -5.66 5.51 -10.41
N ASP B 60 -6.93 5.11 -10.63
CA ASP B 60 -8.01 6.12 -10.79
C ASP B 60 -8.72 6.62 -9.51
N GLU B 61 -8.29 6.20 -8.32
CA GLU B 61 -8.43 7.03 -7.12
C GLU B 61 -7.19 7.93 -6.85
N GLN B 62 -5.91 7.62 -7.22
CA GLN B 62 -4.80 8.58 -6.99
C GLN B 62 -4.84 9.66 -8.06
N SER B 63 -4.72 9.28 -9.32
CA SER B 63 -5.17 10.12 -10.44
C SER B 63 -6.45 9.57 -11.11
N GLU B 64 -7.61 9.67 -10.44
CA GLU B 64 -8.34 10.97 -10.35
C GLU B 64 -7.86 11.99 -9.28
N LEU B 65 -7.81 11.70 -7.97
CA LEU B 65 -7.96 12.78 -6.94
C LEU B 65 -6.74 13.75 -6.67
N VAL B 66 -5.60 13.47 -7.31
CA VAL B 66 -4.38 14.35 -7.44
C VAL B 66 -4.62 15.90 -7.62
#